data_2RSO
#
_entry.id   2RSO
#
_entity_poly.entity_id   1
_entity_poly.type   'polypeptide(L)'
_entity_poly.pdbx_seq_one_letter_code
;GSHMESKSSSKKLKENAKEEEGGEEEEEDEYVVEKVLKHRMARKGGGYEYLLKWEGYDDPSDNTWSSEADCSGCKQLIEA
YWNEHGGRPEPS
;
_entity_poly.pdbx_strand_id   A
#
# COMPACT_ATOMS: atom_id res chain seq x y z
N GLY A 1 12.95 0.02 83.40
CA GLY A 1 12.53 0.51 82.10
C GLY A 1 13.65 0.50 81.08
N SER A 2 13.29 0.34 79.81
CA SER A 2 14.28 0.30 78.74
C SER A 2 13.90 1.25 77.61
N HIS A 3 14.80 2.17 77.28
CA HIS A 3 14.56 3.14 76.22
C HIS A 3 15.24 2.71 74.93
N MET A 4 15.12 1.43 74.60
CA MET A 4 15.72 0.90 73.38
C MET A 4 15.24 1.65 72.15
N GLU A 5 16.17 1.99 71.26
CA GLU A 5 15.84 2.71 70.04
C GLU A 5 15.00 1.84 69.10
N SER A 6 15.66 0.89 68.45
CA SER A 6 14.99 -0.01 67.52
C SER A 6 15.34 -1.46 67.81
N LYS A 7 14.53 -2.38 67.29
CA LYS A 7 14.75 -3.81 67.50
C LYS A 7 14.92 -4.53 66.16
N SER A 8 15.67 -3.92 65.26
CA SER A 8 15.91 -4.51 63.94
C SER A 8 17.35 -4.97 63.80
N SER A 9 17.55 -6.11 63.15
CA SER A 9 18.88 -6.66 62.95
C SER A 9 19.52 -6.10 61.67
N SER A 10 19.04 -6.59 60.53
CA SER A 10 19.57 -6.14 59.24
C SER A 10 18.49 -6.22 58.17
N LYS A 11 18.77 -5.60 57.01
CA LYS A 11 17.82 -5.59 55.91
C LYS A 11 18.54 -5.88 54.59
N LYS A 12 18.17 -6.98 53.94
CA LYS A 12 18.77 -7.36 52.67
C LYS A 12 17.70 -7.70 51.64
N LEU A 13 17.88 -7.23 50.42
CA LEU A 13 16.93 -7.49 49.34
C LEU A 13 17.48 -8.52 48.37
N LYS A 14 16.63 -8.99 47.47
CA LYS A 14 17.03 -9.98 46.47
C LYS A 14 17.69 -9.31 45.27
N GLU A 15 16.92 -8.51 44.55
CA GLU A 15 17.43 -7.81 43.37
C GLU A 15 18.08 -8.78 42.41
N ASN A 16 17.38 -9.88 42.10
CA ASN A 16 17.89 -10.89 41.19
C ASN A 16 17.24 -10.76 39.83
N ALA A 17 18.06 -10.66 38.78
CA ALA A 17 17.56 -10.54 37.41
C ALA A 17 18.40 -11.37 36.45
N LYS A 18 17.74 -11.94 35.45
CA LYS A 18 18.43 -12.76 34.45
C LYS A 18 17.83 -12.54 33.06
N GLU A 19 18.68 -12.20 32.10
CA GLU A 19 18.23 -11.96 30.74
C GLU A 19 19.27 -12.49 29.73
N GLU A 20 18.78 -12.96 28.58
CA GLU A 20 19.66 -13.48 27.55
C GLU A 20 19.80 -12.48 26.40
N GLU A 21 20.55 -12.87 25.38
CA GLU A 21 20.77 -12.01 24.22
C GLU A 21 20.46 -12.74 22.93
N GLY A 22 19.56 -12.17 22.12
CA GLY A 22 19.18 -12.79 20.87
C GLY A 22 18.88 -11.76 19.79
N GLY A 23 18.11 -12.18 18.78
CA GLY A 23 17.76 -11.28 17.70
C GLY A 23 17.39 -12.02 16.43
N GLU A 24 16.10 -12.25 16.23
CA GLU A 24 15.63 -12.95 15.04
C GLU A 24 15.10 -11.96 14.00
N GLU A 25 15.05 -12.42 12.75
CA GLU A 25 14.57 -11.57 11.66
C GLU A 25 13.06 -11.72 11.49
N GLU A 26 12.36 -10.59 11.42
CA GLU A 26 10.91 -10.59 11.25
C GLU A 26 10.52 -9.95 9.92
N GLU A 27 9.79 -10.70 9.11
CA GLU A 27 9.35 -10.21 7.81
C GLU A 27 8.41 -9.01 7.97
N GLU A 28 8.75 -7.92 7.30
CA GLU A 28 7.94 -6.71 7.36
C GLU A 28 6.49 -7.00 7.03
N ASP A 29 6.27 -7.66 5.90
CA ASP A 29 4.93 -8.01 5.46
C ASP A 29 4.01 -6.79 5.49
N GLU A 30 4.58 -5.63 5.21
CA GLU A 30 3.82 -4.38 5.20
C GLU A 30 2.89 -4.32 4.00
N TYR A 31 1.86 -3.48 4.09
CA TYR A 31 0.90 -3.33 3.00
C TYR A 31 1.23 -2.12 2.14
N VAL A 32 0.60 -2.04 0.98
CA VAL A 32 0.83 -0.92 0.06
C VAL A 32 -0.49 -0.37 -0.46
N VAL A 33 -0.49 0.92 -0.78
CA VAL A 33 -1.68 1.58 -1.30
C VAL A 33 -2.01 1.10 -2.71
N GLU A 34 -3.14 0.41 -2.86
CA GLU A 34 -3.56 -0.10 -4.15
C GLU A 34 -4.26 0.98 -4.97
N LYS A 35 -5.27 1.61 -4.37
CA LYS A 35 -6.02 2.66 -5.04
C LYS A 35 -6.88 3.43 -4.04
N VAL A 36 -7.53 4.49 -4.52
CA VAL A 36 -8.39 5.30 -3.67
C VAL A 36 -9.73 4.62 -3.43
N LEU A 37 -10.24 4.75 -2.21
CA LEU A 37 -11.51 4.15 -1.84
C LEU A 37 -12.66 5.12 -2.05
N LYS A 38 -12.50 6.34 -1.55
CA LYS A 38 -13.52 7.36 -1.69
C LYS A 38 -12.90 8.76 -1.60
N HIS A 39 -13.66 9.76 -2.03
CA HIS A 39 -13.19 11.14 -2.00
C HIS A 39 -14.07 11.99 -1.08
N ARG A 40 -13.43 12.87 -0.30
CA ARG A 40 -14.16 13.74 0.62
C ARG A 40 -13.46 15.09 0.73
N MET A 41 -14.26 16.16 0.72
CA MET A 41 -13.73 17.52 0.83
C MET A 41 -13.51 17.90 2.29
N ALA A 42 -12.54 18.77 2.53
CA ALA A 42 -12.23 19.22 3.88
C ALA A 42 -13.21 20.29 4.33
N ARG A 43 -14.07 19.93 5.27
CA ARG A 43 -15.07 20.87 5.80
C ARG A 43 -14.40 22.07 6.44
N LYS A 44 -13.18 21.87 6.93
CA LYS A 44 -12.43 22.94 7.57
C LYS A 44 -11.95 23.97 6.55
N GLY A 45 -11.96 23.58 5.27
CA GLY A 45 -11.52 24.47 4.23
C GLY A 45 -10.06 24.30 3.86
N GLY A 46 -9.52 23.13 4.18
CA GLY A 46 -8.12 22.85 3.89
C GLY A 46 -7.90 22.45 2.45
N GLY A 47 -8.17 21.19 2.13
CA GLY A 47 -7.99 20.71 0.77
C GLY A 47 -8.88 19.53 0.46
N TYR A 48 -8.33 18.55 -0.26
CA TYR A 48 -9.09 17.35 -0.64
C TYR A 48 -8.63 16.15 0.17
N GLU A 49 -9.53 15.19 0.36
CA GLU A 49 -9.21 13.99 1.10
C GLU A 49 -9.57 12.73 0.31
N TYR A 50 -8.78 11.67 0.48
CA TYR A 50 -9.02 10.43 -0.23
C TYR A 50 -8.64 9.23 0.64
N LEU A 51 -9.49 8.21 0.63
CA LEU A 51 -9.25 7.00 1.41
C LEU A 51 -8.28 6.07 0.69
N LEU A 52 -7.41 5.41 1.46
CA LEU A 52 -6.44 4.49 0.90
C LEU A 52 -6.96 3.06 0.94
N LYS A 53 -6.97 2.41 -0.22
CA LYS A 53 -7.44 1.03 -0.32
C LYS A 53 -6.27 0.05 -0.31
N TRP A 54 -6.25 -0.83 0.69
CA TRP A 54 -5.17 -1.81 0.80
C TRP A 54 -5.35 -2.93 -0.23
N GLU A 55 -4.26 -3.27 -0.91
CA GLU A 55 -4.30 -4.31 -1.93
C GLU A 55 -4.70 -5.66 -1.32
N GLY A 56 -5.77 -6.24 -1.86
CA GLY A 56 -6.24 -7.51 -1.34
C GLY A 56 -7.31 -7.35 -0.27
N TYR A 57 -7.19 -6.29 0.51
CA TYR A 57 -8.14 -6.03 1.59
C TYR A 57 -9.11 -4.92 1.19
N ASP A 58 -10.41 -5.21 1.25
CA ASP A 58 -11.43 -4.24 0.91
C ASP A 58 -12.20 -3.80 2.15
N ASP A 59 -11.79 -2.65 2.71
CA ASP A 59 -12.44 -2.12 3.90
C ASP A 59 -13.60 -1.21 3.52
N PRO A 60 -14.53 -1.00 4.48
CA PRO A 60 -15.70 -0.17 4.26
C PRO A 60 -15.35 1.32 4.15
N SER A 61 -16.36 2.18 4.27
CA SER A 61 -16.15 3.62 4.18
C SER A 61 -15.35 4.13 5.38
N ASP A 62 -15.16 3.26 6.37
CA ASP A 62 -14.42 3.62 7.57
C ASP A 62 -12.93 3.35 7.39
N ASN A 63 -12.51 3.17 6.14
CA ASN A 63 -11.11 2.90 5.83
C ASN A 63 -10.22 4.04 6.31
N THR A 64 -8.96 4.02 5.89
CA THR A 64 -8.00 5.06 6.27
C THR A 64 -8.12 6.28 5.37
N TRP A 65 -8.41 7.43 5.96
CA TRP A 65 -8.54 8.66 5.21
C TRP A 65 -7.20 9.39 5.10
N SER A 66 -6.73 9.57 3.88
CA SER A 66 -5.46 10.24 3.65
C SER A 66 -5.68 11.70 3.24
N SER A 67 -4.82 12.58 3.75
CA SER A 67 -4.92 14.01 3.45
C SER A 67 -4.41 14.30 2.04
N GLU A 68 -4.65 15.52 1.57
CA GLU A 68 -4.21 15.94 0.24
C GLU A 68 -2.71 15.72 0.08
N ALA A 69 -1.99 15.77 1.19
CA ALA A 69 -0.54 15.58 1.16
C ALA A 69 -0.18 14.24 0.54
N ASP A 70 -1.05 13.26 0.72
CA ASP A 70 -0.81 11.92 0.18
C ASP A 70 -0.89 11.93 -1.35
N CYS A 71 -1.54 12.95 -1.90
CA CYS A 71 -1.68 13.08 -3.34
C CYS A 71 -0.32 13.05 -4.03
N SER A 72 0.69 13.59 -3.34
CA SER A 72 2.04 13.65 -3.89
C SER A 72 2.65 12.24 -3.95
N GLY A 73 2.13 11.35 -3.11
CA GLY A 73 2.64 9.99 -3.08
C GLY A 73 1.83 9.04 -3.94
N CYS A 74 0.51 9.18 -3.88
CA CYS A 74 -0.38 8.33 -4.66
C CYS A 74 -1.12 9.14 -5.73
N LYS A 75 -0.40 10.07 -6.35
CA LYS A 75 -0.98 10.92 -7.39
C LYS A 75 -1.69 10.07 -8.44
N GLN A 76 -1.02 9.02 -8.91
CA GLN A 76 -1.60 8.13 -9.91
C GLN A 76 -2.98 7.65 -9.48
N LEU A 77 -3.13 7.41 -8.19
CA LEU A 77 -4.40 6.93 -7.65
C LEU A 77 -5.44 8.05 -7.63
N ILE A 78 -5.04 9.20 -7.10
CA ILE A 78 -5.93 10.35 -7.02
C ILE A 78 -6.55 10.66 -8.38
N GLU A 79 -5.73 10.65 -9.43
CA GLU A 79 -6.20 10.92 -10.78
C GLU A 79 -6.94 9.72 -11.34
N ALA A 80 -6.44 8.52 -11.05
CA ALA A 80 -7.06 7.30 -11.54
C ALA A 80 -8.52 7.22 -11.11
N TYR A 81 -8.78 7.50 -9.83
CA TYR A 81 -10.14 7.46 -9.30
C TYR A 81 -11.06 8.36 -10.10
N TRP A 82 -10.54 9.49 -10.54
CA TRP A 82 -11.32 10.45 -11.32
C TRP A 82 -11.52 9.95 -12.76
N ASN A 83 -10.47 9.35 -13.32
CA ASN A 83 -10.53 8.84 -14.68
C ASN A 83 -11.59 7.76 -14.81
N GLU A 84 -11.67 6.89 -13.81
CA GLU A 84 -12.65 5.80 -13.81
C GLU A 84 -14.06 6.35 -13.79
N HIS A 85 -14.22 7.55 -13.22
CA HIS A 85 -15.53 8.19 -13.14
C HIS A 85 -15.95 8.76 -14.49
N GLY A 86 -14.96 9.22 -15.26
CA GLY A 86 -15.25 9.78 -16.57
C GLY A 86 -15.20 11.31 -16.57
N GLY A 87 -14.39 11.87 -15.69
CA GLY A 87 -14.27 13.32 -15.60
C GLY A 87 -13.05 13.84 -16.32
N ARG A 88 -13.21 14.97 -17.01
CA ARG A 88 -12.11 15.57 -17.75
C ARG A 88 -11.09 16.19 -16.80
N PRO A 89 -9.86 16.40 -17.29
CA PRO A 89 -8.78 17.00 -16.50
C PRO A 89 -9.02 18.47 -16.22
N GLU A 90 -8.29 19.00 -15.22
CA GLU A 90 -8.43 20.40 -14.85
C GLU A 90 -8.29 21.31 -16.08
N PRO A 91 -8.85 22.52 -15.97
CA PRO A 91 -8.81 23.51 -17.06
C PRO A 91 -7.41 24.06 -17.29
N SER A 92 -7.04 24.25 -18.55
CA SER A 92 -5.73 24.77 -18.90
C SER A 92 -5.84 26.20 -19.42
N GLY A 1 38.61 -71.33 24.16
CA GLY A 1 39.31 -70.66 25.23
C GLY A 1 38.86 -69.23 25.40
N SER A 2 38.64 -68.83 26.65
CA SER A 2 38.21 -67.46 26.95
C SER A 2 39.23 -66.75 27.82
N HIS A 3 39.38 -67.23 29.06
CA HIS A 3 40.33 -66.63 30.00
C HIS A 3 40.08 -65.13 30.14
N MET A 4 38.82 -64.76 30.37
CA MET A 4 38.45 -63.37 30.53
C MET A 4 37.42 -63.20 31.64
N GLU A 5 37.61 -62.20 32.49
CA GLU A 5 36.70 -61.94 33.60
C GLU A 5 36.05 -60.57 33.44
N SER A 6 35.10 -60.47 32.52
CA SER A 6 34.40 -59.21 32.27
C SER A 6 35.38 -58.13 31.81
N LYS A 7 36.08 -58.40 30.71
CA LYS A 7 37.03 -57.45 30.15
C LYS A 7 37.01 -57.48 28.63
N SER A 8 37.05 -56.29 28.02
CA SER A 8 37.03 -56.18 26.56
C SER A 8 35.86 -56.96 25.98
N SER A 9 34.69 -56.83 26.60
CA SER A 9 33.49 -57.53 26.14
C SER A 9 32.36 -56.54 25.85
N SER A 10 31.99 -56.43 24.58
CA SER A 10 30.92 -55.51 24.18
C SER A 10 31.23 -54.09 24.64
N LYS A 11 32.51 -53.78 24.79
CA LYS A 11 32.93 -52.46 25.22
C LYS A 11 33.02 -51.50 24.03
N LYS A 12 31.88 -51.22 23.42
CA LYS A 12 31.83 -50.32 22.27
C LYS A 12 31.51 -48.89 22.72
N LEU A 13 32.47 -47.99 22.52
CA LEU A 13 32.29 -46.59 22.90
C LEU A 13 31.00 -46.02 22.31
N LYS A 14 30.48 -44.99 22.94
CA LYS A 14 29.25 -44.35 22.47
C LYS A 14 29.50 -42.89 22.10
N GLU A 15 29.81 -42.65 20.83
CA GLU A 15 30.07 -41.31 20.35
C GLU A 15 28.78 -40.63 19.87
N ASN A 16 28.24 -39.75 20.70
CA ASN A 16 27.00 -39.04 20.36
C ASN A 16 27.28 -37.55 20.17
N ALA A 17 26.63 -36.96 19.17
CA ALA A 17 26.79 -35.54 18.89
C ALA A 17 25.57 -34.98 18.17
N LYS A 18 25.09 -33.83 18.65
CA LYS A 18 23.92 -33.19 18.06
C LYS A 18 24.31 -32.35 16.83
N GLU A 19 25.02 -31.26 17.08
CA GLU A 19 25.46 -30.38 16.00
C GLU A 19 24.27 -29.83 15.23
N GLU A 20 23.14 -29.67 15.92
CA GLU A 20 21.93 -29.15 15.29
C GLU A 20 21.96 -27.63 15.22
N GLU A 21 21.29 -27.08 14.21
CA GLU A 21 21.24 -25.64 14.03
C GLU A 21 20.27 -25.26 12.91
N GLY A 22 19.46 -24.23 13.16
CA GLY A 22 18.50 -23.79 12.17
C GLY A 22 17.25 -24.65 12.16
N GLY A 23 16.12 -24.03 11.85
CA GLY A 23 14.86 -24.76 11.80
C GLY A 23 13.76 -23.98 11.11
N GLU A 24 13.73 -22.68 11.34
CA GLU A 24 12.71 -21.82 10.72
C GLU A 24 13.28 -20.43 10.42
N GLU A 25 12.66 -19.74 9.48
CA GLU A 25 13.10 -18.40 9.10
C GLU A 25 11.99 -17.37 9.32
N GLU A 26 12.38 -16.17 9.73
CA GLU A 26 11.41 -15.11 9.97
C GLU A 26 11.24 -14.23 8.73
N GLU A 27 10.00 -13.87 8.43
CA GLU A 27 9.70 -13.04 7.27
C GLU A 27 8.92 -11.79 7.69
N GLU A 28 9.09 -10.71 6.93
CA GLU A 28 8.40 -9.46 7.21
C GLU A 28 7.41 -9.12 6.11
N ASP A 29 6.22 -8.67 6.49
CA ASP A 29 5.19 -8.31 5.54
C ASP A 29 4.68 -6.89 5.79
N GLU A 30 4.14 -6.28 4.75
CA GLU A 30 3.63 -4.92 4.85
C GLU A 30 2.66 -4.60 3.71
N TYR A 31 1.56 -3.94 4.03
CA TYR A 31 0.56 -3.58 3.03
C TYR A 31 0.94 -2.29 2.31
N VAL A 32 0.42 -2.11 1.11
CA VAL A 32 0.71 -0.92 0.31
C VAL A 32 -0.57 -0.34 -0.28
N VAL A 33 -0.58 0.97 -0.46
CA VAL A 33 -1.75 1.66 -1.03
C VAL A 33 -2.03 1.17 -2.45
N GLU A 34 -3.18 0.54 -2.63
CA GLU A 34 -3.57 0.03 -3.94
C GLU A 34 -4.20 1.13 -4.79
N LYS A 35 -5.20 1.80 -4.23
CA LYS A 35 -5.88 2.89 -4.94
C LYS A 35 -6.82 3.64 -3.99
N VAL A 36 -7.43 4.71 -4.51
CA VAL A 36 -8.34 5.52 -3.71
C VAL A 36 -9.64 4.77 -3.45
N LEU A 37 -10.20 4.96 -2.26
CA LEU A 37 -11.45 4.31 -1.88
C LEU A 37 -12.64 5.24 -2.07
N LYS A 38 -12.43 6.52 -1.78
CA LYS A 38 -13.48 7.52 -1.94
C LYS A 38 -12.91 8.94 -1.83
N HIS A 39 -13.67 9.92 -2.28
CA HIS A 39 -13.25 11.31 -2.24
C HIS A 39 -14.18 12.13 -1.36
N ARG A 40 -13.60 13.03 -0.56
CA ARG A 40 -14.38 13.88 0.33
C ARG A 40 -13.82 15.29 0.37
N MET A 41 -14.70 16.28 0.48
CA MET A 41 -14.28 17.67 0.53
C MET A 41 -14.04 18.11 1.97
N ALA A 42 -12.77 18.34 2.30
CA ALA A 42 -12.40 18.76 3.64
C ALA A 42 -12.68 20.25 3.84
N ARG A 43 -13.68 20.55 4.67
CA ARG A 43 -14.07 21.93 4.95
C ARG A 43 -13.18 22.52 6.04
N LYS A 44 -12.70 21.67 6.94
CA LYS A 44 -11.84 22.11 8.04
C LYS A 44 -10.38 22.03 7.64
N GLY A 45 -10.09 21.28 6.58
CA GLY A 45 -8.72 21.13 6.13
C GLY A 45 -8.35 22.17 5.07
N GLY A 46 -9.35 22.64 4.33
CA GLY A 46 -9.11 23.62 3.29
C GLY A 46 -8.49 23.01 2.04
N GLY A 47 -8.93 21.80 1.71
CA GLY A 47 -8.39 21.12 0.53
C GLY A 47 -9.26 19.97 0.10
N TYR A 48 -8.63 18.82 -0.14
CA TYR A 48 -9.36 17.63 -0.56
C TYR A 48 -8.97 16.42 0.28
N GLU A 49 -9.84 15.42 0.31
CA GLU A 49 -9.58 14.20 1.08
C GLU A 49 -9.82 12.95 0.24
N TYR A 50 -9.02 11.93 0.46
CA TYR A 50 -9.15 10.68 -0.28
C TYR A 50 -8.78 9.48 0.60
N LEU A 51 -9.62 8.45 0.54
CA LEU A 51 -9.39 7.24 1.34
C LEU A 51 -8.39 6.32 0.64
N LEU A 52 -7.53 5.69 1.43
CA LEU A 52 -6.52 4.78 0.90
C LEU A 52 -7.00 3.33 0.98
N LYS A 53 -6.93 2.64 -0.14
CA LYS A 53 -7.35 1.24 -0.21
C LYS A 53 -6.15 0.31 -0.12
N TRP A 54 -6.34 -0.85 0.52
CA TRP A 54 -5.28 -1.82 0.68
C TRP A 54 -5.39 -2.93 -0.38
N GLU A 55 -4.26 -3.27 -0.99
CA GLU A 55 -4.24 -4.30 -2.01
C GLU A 55 -4.60 -5.66 -1.43
N GLY A 56 -5.66 -6.27 -1.96
CA GLY A 56 -6.09 -7.56 -1.48
C GLY A 56 -7.15 -7.45 -0.39
N TYR A 57 -7.06 -6.40 0.41
CA TYR A 57 -8.02 -6.18 1.49
C TYR A 57 -9.04 -5.10 1.11
N ASP A 58 -10.31 -5.44 1.18
CA ASP A 58 -11.38 -4.51 0.86
C ASP A 58 -12.09 -4.03 2.12
N ASP A 59 -11.69 -2.87 2.61
CA ASP A 59 -12.29 -2.29 3.82
C ASP A 59 -13.51 -1.44 3.47
N PRO A 60 -14.38 -1.23 4.45
CA PRO A 60 -15.60 -0.43 4.27
C PRO A 60 -15.30 1.05 4.09
N SER A 61 -16.33 1.88 4.23
CA SER A 61 -16.17 3.33 4.07
C SER A 61 -15.45 3.92 5.27
N ASP A 62 -15.18 3.09 6.27
CA ASP A 62 -14.49 3.53 7.47
C ASP A 62 -12.98 3.40 7.32
N ASN A 63 -12.54 3.24 6.07
CA ASN A 63 -11.11 3.10 5.80
C ASN A 63 -10.34 4.31 6.30
N THR A 64 -9.05 4.38 5.93
CA THR A 64 -8.20 5.48 6.35
C THR A 64 -8.32 6.67 5.39
N TRP A 65 -8.62 7.84 5.95
CA TRP A 65 -8.77 9.05 5.15
C TRP A 65 -7.45 9.82 5.08
N SER A 66 -6.91 9.94 3.87
CA SER A 66 -5.65 10.65 3.66
C SER A 66 -5.91 12.08 3.16
N SER A 67 -5.10 13.01 3.63
CA SER A 67 -5.23 14.41 3.24
C SER A 67 -4.62 14.64 1.85
N GLU A 68 -4.67 15.89 1.40
CA GLU A 68 -4.12 16.26 0.10
C GLU A 68 -2.62 16.04 0.06
N ALA A 69 -1.98 16.11 1.23
CA ALA A 69 -0.54 15.93 1.35
C ALA A 69 -0.14 14.51 0.94
N ASP A 70 -1.07 13.57 1.08
CA ASP A 70 -0.82 12.18 0.73
C ASP A 70 -0.86 11.97 -0.77
N CYS A 71 -1.62 12.83 -1.46
CA CYS A 71 -1.74 12.74 -2.91
C CYS A 71 -0.39 12.90 -3.58
N SER A 72 0.54 13.56 -2.89
CA SER A 72 1.88 13.79 -3.43
C SER A 72 2.50 12.48 -3.91
N GLY A 73 2.13 11.38 -3.25
CA GLY A 73 2.66 10.08 -3.63
C GLY A 73 1.63 9.20 -4.29
N CYS A 74 0.37 9.39 -3.91
CA CYS A 74 -0.73 8.59 -4.47
C CYS A 74 -1.39 9.33 -5.63
N LYS A 75 -0.64 10.22 -6.27
CA LYS A 75 -1.16 10.99 -7.40
C LYS A 75 -1.82 10.08 -8.42
N GLN A 76 -1.10 9.03 -8.83
CA GLN A 76 -1.62 8.09 -9.81
C GLN A 76 -3.00 7.58 -9.40
N LEU A 77 -3.20 7.42 -8.09
CA LEU A 77 -4.46 6.94 -7.55
C LEU A 77 -5.54 8.01 -7.68
N ILE A 78 -5.21 9.23 -7.26
CA ILE A 78 -6.15 10.34 -7.32
C ILE A 78 -6.71 10.51 -8.73
N GLU A 79 -5.81 10.49 -9.71
CA GLU A 79 -6.20 10.65 -11.12
C GLU A 79 -6.90 9.40 -11.62
N ALA A 80 -6.39 8.23 -11.22
CA ALA A 80 -6.98 6.96 -11.64
C ALA A 80 -8.44 6.86 -11.21
N TYR A 81 -8.69 7.10 -9.92
CA TYR A 81 -10.04 7.05 -9.39
C TYR A 81 -10.99 7.92 -10.19
N TRP A 82 -10.59 9.16 -10.42
CA TRP A 82 -11.41 10.10 -11.18
C TRP A 82 -11.58 9.64 -12.62
N ASN A 83 -10.54 9.02 -13.18
CA ASN A 83 -10.57 8.54 -14.56
C ASN A 83 -11.49 7.33 -14.67
N GLU A 84 -11.64 6.59 -13.57
CA GLU A 84 -12.49 5.41 -13.55
C GLU A 84 -13.94 5.78 -13.86
N HIS A 85 -14.33 6.99 -13.49
CA HIS A 85 -15.68 7.46 -13.73
C HIS A 85 -15.74 8.34 -14.98
N GLY A 86 -14.81 8.12 -15.91
CA GLY A 86 -14.78 8.89 -17.12
C GLY A 86 -14.11 10.24 -16.95
N GLY A 87 -13.27 10.35 -15.92
CA GLY A 87 -12.59 11.60 -15.65
C GLY A 87 -11.62 11.98 -16.75
N ARG A 88 -11.06 13.18 -16.66
CA ARG A 88 -10.12 13.67 -17.66
C ARG A 88 -8.68 13.45 -17.19
N PRO A 89 -7.74 13.46 -18.15
CA PRO A 89 -6.32 13.26 -17.87
C PRO A 89 -5.71 14.45 -17.13
N GLU A 90 -4.43 14.31 -16.76
CA GLU A 90 -3.74 15.38 -16.05
C GLU A 90 -3.30 16.48 -17.00
N PRO A 91 -3.16 17.70 -16.47
CA PRO A 91 -2.75 18.86 -17.26
C PRO A 91 -1.29 18.79 -17.70
N SER A 92 -0.98 19.42 -18.82
CA SER A 92 0.38 19.41 -19.36
C SER A 92 0.99 20.81 -19.31
N GLY A 1 10.25 -19.32 -73.47
CA GLY A 1 10.32 -18.55 -72.23
C GLY A 1 11.54 -17.67 -72.17
N SER A 2 11.46 -16.60 -71.38
CA SER A 2 12.56 -15.66 -71.24
C SER A 2 13.15 -15.72 -69.83
N HIS A 3 13.37 -16.95 -69.35
CA HIS A 3 13.93 -17.16 -68.02
C HIS A 3 13.05 -16.50 -66.96
N MET A 4 11.74 -16.72 -67.05
CA MET A 4 10.80 -16.16 -66.10
C MET A 4 9.69 -17.16 -65.77
N GLU A 5 9.72 -17.71 -64.56
CA GLU A 5 8.72 -18.67 -64.13
C GLU A 5 7.69 -18.02 -63.22
N SER A 6 7.34 -16.77 -63.52
CA SER A 6 6.37 -16.03 -62.73
C SER A 6 6.88 -15.85 -61.30
N LYS A 7 8.19 -15.71 -61.16
CA LYS A 7 8.80 -15.52 -59.85
C LYS A 7 8.26 -14.26 -59.17
N SER A 8 7.61 -14.44 -58.03
CA SER A 8 7.05 -13.31 -57.29
C SER A 8 7.63 -13.24 -55.88
N SER A 9 7.99 -12.04 -55.46
CA SER A 9 8.57 -11.84 -54.13
C SER A 9 7.48 -11.78 -53.07
N SER A 10 7.76 -12.36 -51.90
CA SER A 10 6.79 -12.37 -50.81
C SER A 10 6.60 -10.98 -50.23
N LYS A 11 5.44 -10.39 -50.49
CA LYS A 11 5.13 -9.06 -50.01
C LYS A 11 4.41 -9.12 -48.66
N LYS A 12 5.17 -8.95 -47.59
CA LYS A 12 4.60 -8.98 -46.24
C LYS A 12 4.80 -7.65 -45.52
N LEU A 13 3.70 -6.99 -45.20
CA LEU A 13 3.74 -5.70 -44.52
C LEU A 13 3.61 -5.88 -43.01
N LYS A 14 4.53 -5.28 -42.25
CA LYS A 14 4.50 -5.38 -40.80
C LYS A 14 3.69 -4.23 -40.20
N GLU A 15 3.34 -4.37 -38.92
CA GLU A 15 2.55 -3.35 -38.24
C GLU A 15 3.42 -2.60 -37.23
N ASN A 16 4.62 -3.13 -36.97
CA ASN A 16 5.54 -2.51 -36.03
C ASN A 16 4.90 -2.37 -34.65
N ALA A 17 4.03 -3.32 -34.31
CA ALA A 17 3.36 -3.30 -33.01
C ALA A 17 4.07 -4.21 -32.01
N LYS A 18 4.07 -3.80 -30.75
CA LYS A 18 4.71 -4.56 -29.69
C LYS A 18 3.76 -4.78 -28.52
N GLU A 19 3.40 -6.04 -28.28
CA GLU A 19 2.50 -6.38 -27.18
C GLU A 19 3.25 -6.43 -25.86
N GLU A 20 3.19 -5.33 -25.11
CA GLU A 20 3.87 -5.26 -23.83
C GLU A 20 2.87 -5.34 -22.68
N GLU A 21 3.06 -6.30 -21.78
CA GLU A 21 2.18 -6.49 -20.65
C GLU A 21 2.97 -6.56 -19.34
N GLY A 22 2.62 -5.71 -18.40
CA GLY A 22 3.30 -5.70 -17.11
C GLY A 22 2.80 -6.77 -16.17
N GLY A 23 3.57 -7.05 -15.12
CA GLY A 23 3.18 -8.06 -14.16
C GLY A 23 4.30 -8.42 -13.21
N GLU A 24 4.53 -7.57 -12.22
CA GLU A 24 5.59 -7.79 -11.24
C GLU A 24 5.14 -8.81 -10.20
N GLU A 25 6.10 -9.61 -9.71
CA GLU A 25 5.80 -10.62 -8.71
C GLU A 25 6.76 -10.50 -7.52
N GLU A 26 6.19 -10.34 -6.33
CA GLU A 26 6.98 -10.21 -5.12
C GLU A 26 7.03 -11.53 -4.35
N GLU A 27 8.06 -11.69 -3.53
CA GLU A 27 8.21 -12.91 -2.74
C GLU A 27 7.83 -12.68 -1.29
N GLU A 28 6.95 -11.70 -1.07
CA GLU A 28 6.49 -11.38 0.28
C GLU A 28 5.15 -10.66 0.24
N ASP A 29 4.51 -10.55 1.39
CA ASP A 29 3.21 -9.88 1.49
C ASP A 29 3.28 -8.71 2.47
N GLU A 30 3.25 -7.49 1.93
CA GLU A 30 3.32 -6.29 2.76
C GLU A 30 2.14 -5.37 2.46
N TYR A 31 1.85 -4.46 3.38
CA TYR A 31 0.75 -3.52 3.23
C TYR A 31 1.15 -2.34 2.34
N VAL A 32 0.51 -2.25 1.18
CA VAL A 32 0.79 -1.16 0.25
C VAL A 32 -0.49 -0.58 -0.33
N VAL A 33 -0.49 0.73 -0.56
CA VAL A 33 -1.66 1.41 -1.11
C VAL A 33 -2.00 0.87 -2.50
N GLU A 34 -3.18 0.27 -2.62
CA GLU A 34 -3.63 -0.28 -3.88
C GLU A 34 -4.25 0.80 -4.76
N LYS A 35 -5.22 1.52 -4.21
CA LYS A 35 -5.89 2.58 -4.94
C LYS A 35 -6.77 3.42 -4.00
N VAL A 36 -7.35 4.49 -4.54
CA VAL A 36 -8.20 5.37 -3.75
C VAL A 36 -9.55 4.71 -3.46
N LEU A 37 -10.08 4.97 -2.27
CA LEU A 37 -11.37 4.40 -1.87
C LEU A 37 -12.50 5.40 -2.11
N LYS A 38 -12.22 6.66 -1.84
CA LYS A 38 -13.22 7.72 -2.02
C LYS A 38 -12.59 9.10 -1.80
N HIS A 39 -13.17 10.11 -2.45
CA HIS A 39 -12.67 11.47 -2.33
C HIS A 39 -13.72 12.39 -1.70
N ARG A 40 -13.29 13.27 -0.81
CA ARG A 40 -14.19 14.19 -0.13
C ARG A 40 -13.44 15.40 0.40
N MET A 41 -14.16 16.51 0.58
CA MET A 41 -13.56 17.74 1.08
C MET A 41 -13.77 17.87 2.58
N ALA A 42 -12.88 18.61 3.24
CA ALA A 42 -12.96 18.81 4.68
C ALA A 42 -14.12 19.74 5.03
N ARG A 43 -14.79 19.46 6.13
CA ARG A 43 -15.92 20.26 6.57
C ARG A 43 -15.44 21.53 7.28
N LYS A 44 -14.28 21.43 7.92
CA LYS A 44 -13.69 22.56 8.64
C LYS A 44 -13.22 23.64 7.66
N GLY A 45 -13.06 23.26 6.40
CA GLY A 45 -12.62 24.20 5.39
C GLY A 45 -11.13 24.05 5.08
N GLY A 46 -10.63 22.82 5.18
CA GLY A 46 -9.23 22.57 4.90
C GLY A 46 -8.94 22.50 3.42
N GLY A 47 -9.26 21.36 2.80
CA GLY A 47 -9.02 21.19 1.38
C GLY A 47 -9.66 19.93 0.83
N TYR A 48 -8.84 18.93 0.55
CA TYR A 48 -9.33 17.67 0.01
C TYR A 48 -8.66 16.49 0.70
N GLU A 49 -9.38 15.36 0.76
CA GLU A 49 -8.85 14.16 1.40
C GLU A 49 -9.20 12.91 0.59
N TYR A 50 -8.23 12.04 0.40
CA TYR A 50 -8.44 10.81 -0.36
C TYR A 50 -8.20 9.58 0.52
N LEU A 51 -9.12 8.64 0.44
CA LEU A 51 -9.03 7.41 1.23
C LEU A 51 -8.10 6.40 0.55
N LEU A 52 -7.33 5.68 1.36
CA LEU A 52 -6.40 4.69 0.84
C LEU A 52 -6.99 3.28 0.93
N LYS A 53 -6.92 2.54 -0.16
CA LYS A 53 -7.45 1.17 -0.20
C LYS A 53 -6.32 0.15 -0.14
N TRP A 54 -6.39 -0.74 0.85
CA TRP A 54 -5.37 -1.76 1.02
C TRP A 54 -5.52 -2.86 -0.04
N GLU A 55 -4.40 -3.29 -0.61
CA GLU A 55 -4.41 -4.33 -1.63
C GLU A 55 -4.89 -5.65 -1.05
N GLY A 56 -5.93 -6.22 -1.65
CA GLY A 56 -6.47 -7.48 -1.17
C GLY A 56 -7.58 -7.30 -0.16
N TYR A 57 -7.48 -6.24 0.64
CA TYR A 57 -8.48 -5.96 1.67
C TYR A 57 -9.40 -4.82 1.23
N ASP A 58 -10.69 -5.09 1.23
CA ASP A 58 -11.68 -4.09 0.83
C ASP A 58 -12.41 -3.53 2.05
N ASP A 59 -11.93 -2.38 2.55
CA ASP A 59 -12.53 -1.75 3.71
C ASP A 59 -13.66 -0.80 3.29
N PRO A 60 -14.56 -0.50 4.23
CA PRO A 60 -15.70 0.38 3.99
C PRO A 60 -15.27 1.84 3.80
N SER A 61 -16.22 2.75 3.87
CA SER A 61 -15.95 4.17 3.71
C SER A 61 -15.23 4.73 4.94
N ASP A 62 -15.09 3.90 5.96
CA ASP A 62 -14.42 4.31 7.19
C ASP A 62 -12.93 3.99 7.13
N ASN A 63 -12.44 3.74 5.92
CA ASN A 63 -11.03 3.42 5.73
C ASN A 63 -10.15 4.57 6.21
N THR A 64 -8.86 4.49 5.89
CA THR A 64 -7.91 5.52 6.28
C THR A 64 -7.96 6.71 5.34
N TRP A 65 -8.09 7.91 5.91
CA TRP A 65 -8.15 9.12 5.11
C TRP A 65 -6.78 9.78 5.02
N SER A 66 -6.26 9.86 3.79
CA SER A 66 -4.94 10.46 3.57
C SER A 66 -5.08 11.88 3.00
N SER A 67 -4.37 12.82 3.61
CA SER A 67 -4.41 14.21 3.17
C SER A 67 -4.08 14.33 1.69
N GLU A 68 -4.19 15.54 1.16
CA GLU A 68 -3.89 15.79 -0.25
C GLU A 68 -2.40 15.63 -0.53
N ALA A 69 -1.58 15.97 0.47
CA ALA A 69 -0.14 15.87 0.32
C ALA A 69 0.29 14.45 -0.06
N ASP A 70 -0.57 13.48 0.25
CA ASP A 70 -0.30 12.08 -0.06
C ASP A 70 -0.38 11.84 -1.56
N CYS A 71 -1.06 12.74 -2.27
CA CYS A 71 -1.21 12.62 -3.71
C CYS A 71 0.14 12.51 -4.40
N SER A 72 1.18 13.02 -3.73
CA SER A 72 2.53 12.99 -4.29
C SER A 72 3.06 11.56 -4.32
N GLY A 73 2.50 10.69 -3.48
CA GLY A 73 2.93 9.30 -3.43
C GLY A 73 1.95 8.37 -4.10
N CYS A 74 0.71 8.82 -4.26
CA CYS A 74 -0.33 8.01 -4.89
C CYS A 74 -0.98 8.77 -6.04
N LYS A 75 -0.19 9.57 -6.75
CA LYS A 75 -0.69 10.35 -7.87
C LYS A 75 -1.47 9.47 -8.84
N GLN A 76 -0.86 8.38 -9.26
CA GLN A 76 -1.51 7.45 -10.18
C GLN A 76 -2.89 7.04 -9.69
N LEU A 77 -3.03 6.97 -8.36
CA LEU A 77 -4.30 6.59 -7.75
C LEU A 77 -5.30 7.74 -7.84
N ILE A 78 -4.85 8.93 -7.50
CA ILE A 78 -5.72 10.11 -7.55
C ILE A 78 -6.31 10.30 -8.94
N GLU A 79 -5.47 10.13 -9.96
CA GLU A 79 -5.91 10.28 -11.34
C GLU A 79 -6.74 9.08 -11.79
N ALA A 80 -6.31 7.89 -11.38
CA ALA A 80 -7.01 6.66 -11.73
C ALA A 80 -8.45 6.68 -11.23
N TYR A 81 -8.61 7.00 -9.95
CA TYR A 81 -9.93 7.04 -9.35
C TYR A 81 -10.82 8.06 -10.06
N TRP A 82 -10.24 9.19 -10.43
CA TRP A 82 -10.97 10.24 -11.12
C TRP A 82 -11.31 9.82 -12.55
N ASN A 83 -10.45 9.00 -13.14
CA ASN A 83 -10.66 8.53 -14.50
C ASN A 83 -11.90 7.65 -14.58
N GLU A 84 -12.23 6.98 -13.49
CA GLU A 84 -13.39 6.10 -13.44
C GLU A 84 -14.68 6.92 -13.59
N HIS A 85 -14.64 8.18 -13.18
CA HIS A 85 -15.79 9.06 -13.28
C HIS A 85 -15.88 9.69 -14.65
N GLY A 86 -14.73 9.90 -15.28
CA GLY A 86 -14.70 10.50 -16.60
C GLY A 86 -14.29 11.96 -16.56
N GLY A 87 -13.30 12.27 -15.74
CA GLY A 87 -12.83 13.64 -15.63
C GLY A 87 -12.07 14.11 -16.86
N ARG A 88 -11.82 15.41 -16.94
CA ARG A 88 -11.09 15.97 -18.08
C ARG A 88 -9.58 15.81 -17.90
N PRO A 89 -8.84 15.91 -19.01
CA PRO A 89 -7.39 15.78 -19.01
C PRO A 89 -6.70 16.96 -18.33
N GLU A 90 -5.66 16.68 -17.56
CA GLU A 90 -4.92 17.72 -16.86
C GLU A 90 -3.46 17.74 -17.29
N PRO A 91 -3.21 18.24 -18.51
CA PRO A 91 -1.86 18.32 -19.07
C PRO A 91 -1.00 19.37 -18.37
N SER A 92 0.20 18.96 -17.95
CA SER A 92 1.11 19.86 -17.26
C SER A 92 1.71 20.88 -18.22
N GLY A 1 63.19 13.06 -15.54
CA GLY A 1 61.91 12.41 -15.40
C GLY A 1 61.54 11.59 -16.63
N SER A 2 60.40 10.91 -16.55
CA SER A 2 59.94 10.09 -17.66
C SER A 2 58.48 10.39 -17.99
N HIS A 3 57.99 9.81 -19.08
CA HIS A 3 56.61 10.01 -19.51
C HIS A 3 56.05 8.76 -20.17
N MET A 4 54.74 8.74 -20.38
CA MET A 4 54.08 7.60 -21.01
C MET A 4 53.03 8.06 -22.01
N GLU A 5 52.95 7.37 -23.15
CA GLU A 5 51.99 7.71 -24.18
C GLU A 5 50.96 6.60 -24.35
N SER A 6 50.67 5.89 -23.26
CA SER A 6 49.71 4.80 -23.31
C SER A 6 48.28 5.32 -23.29
N LYS A 7 47.33 4.47 -23.63
CA LYS A 7 45.92 4.84 -23.66
C LYS A 7 45.06 3.80 -22.97
N SER A 8 43.83 4.18 -22.62
CA SER A 8 42.91 3.26 -21.95
C SER A 8 41.51 3.38 -22.55
N SER A 9 41.04 2.30 -23.17
CA SER A 9 39.72 2.28 -23.78
C SER A 9 39.00 0.99 -23.44
N SER A 10 37.66 1.05 -23.41
CA SER A 10 36.85 -0.12 -23.10
C SER A 10 36.02 -0.54 -24.31
N LYS A 11 35.57 -1.79 -24.31
CA LYS A 11 34.77 -2.31 -25.42
C LYS A 11 33.36 -2.65 -24.93
N LYS A 12 33.27 -3.28 -23.77
CA LYS A 12 31.99 -3.66 -23.20
C LYS A 12 31.71 -2.90 -21.91
N LEU A 13 30.46 -2.56 -21.68
CA LEU A 13 30.06 -1.83 -20.48
C LEU A 13 28.88 -2.50 -19.79
N LYS A 14 29.02 -2.79 -18.50
CA LYS A 14 27.95 -3.42 -17.74
C LYS A 14 27.81 -2.76 -16.37
N GLU A 15 26.85 -3.24 -15.59
CA GLU A 15 26.60 -2.71 -14.26
C GLU A 15 25.88 -3.73 -13.38
N ASN A 16 26.00 -3.57 -12.07
CA ASN A 16 25.37 -4.47 -11.12
C ASN A 16 24.03 -3.92 -10.64
N ALA A 17 23.09 -4.81 -10.35
CA ALA A 17 21.77 -4.41 -9.87
C ALA A 17 21.61 -4.69 -8.39
N LYS A 18 22.73 -4.76 -7.67
CA LYS A 18 22.72 -5.03 -6.25
C LYS A 18 21.79 -4.06 -5.52
N GLU A 19 20.78 -4.60 -4.85
CA GLU A 19 19.82 -3.77 -4.12
C GLU A 19 19.18 -4.57 -2.98
N GLU A 20 18.86 -3.87 -1.90
CA GLU A 20 18.24 -4.51 -0.73
C GLU A 20 19.05 -5.71 -0.28
N GLU A 21 20.34 -5.47 -0.02
CA GLU A 21 21.23 -6.54 0.43
C GLU A 21 20.92 -6.96 1.86
N GLY A 22 20.76 -8.26 2.07
CA GLY A 22 20.45 -8.76 3.40
C GLY A 22 19.86 -10.16 3.37
N GLY A 23 18.92 -10.42 4.28
CA GLY A 23 18.29 -11.73 4.34
C GLY A 23 16.94 -11.70 5.02
N GLU A 24 16.10 -10.74 4.63
CA GLU A 24 14.78 -10.60 5.21
C GLU A 24 13.76 -11.46 4.46
N GLU A 25 13.06 -12.32 5.19
CA GLU A 25 12.07 -13.19 4.60
C GLU A 25 10.74 -12.44 4.38
N GLU A 26 9.82 -13.07 3.65
CA GLU A 26 8.53 -12.47 3.36
C GLU A 26 7.48 -13.54 3.10
N GLU A 27 6.33 -13.42 3.74
CA GLU A 27 5.24 -14.38 3.58
C GLU A 27 4.02 -13.71 2.96
N GLU A 28 3.88 -12.40 3.19
CA GLU A 28 2.76 -11.66 2.66
C GLU A 28 3.14 -10.20 2.41
N ASP A 29 2.42 -9.56 1.50
CA ASP A 29 2.70 -8.16 1.16
C ASP A 29 2.33 -7.24 2.33
N GLU A 30 2.88 -6.03 2.31
CA GLU A 30 2.63 -5.06 3.37
C GLU A 30 1.46 -4.15 3.00
N TYR A 31 1.04 -3.32 3.95
CA TYR A 31 -0.07 -2.40 3.72
C TYR A 31 0.38 -1.17 2.95
N VAL A 32 -0.01 -1.11 1.68
CA VAL A 32 0.37 0.01 0.82
C VAL A 32 -0.83 0.49 0.00
N VAL A 33 -0.84 1.79 -0.33
CA VAL A 33 -1.92 2.36 -1.12
C VAL A 33 -1.86 1.89 -2.57
N GLU A 34 -2.87 1.15 -2.98
CA GLU A 34 -2.93 0.63 -4.34
C GLU A 34 -4.07 1.28 -5.12
N LYS A 35 -5.03 1.85 -4.39
CA LYS A 35 -6.18 2.50 -5.01
C LYS A 35 -6.87 3.43 -4.02
N VAL A 36 -7.88 4.15 -4.50
CA VAL A 36 -8.62 5.08 -3.65
C VAL A 36 -10.04 4.57 -3.39
N LEU A 37 -10.49 4.71 -2.15
CA LEU A 37 -11.82 4.26 -1.76
C LEU A 37 -12.87 5.30 -2.13
N LYS A 38 -12.66 6.53 -1.68
CA LYS A 38 -13.59 7.62 -1.97
C LYS A 38 -12.93 8.97 -1.74
N HIS A 39 -13.63 10.03 -2.12
CA HIS A 39 -13.10 11.39 -1.95
C HIS A 39 -14.09 12.26 -1.17
N ARG A 40 -13.55 13.06 -0.27
CA ARG A 40 -14.38 13.95 0.55
C ARG A 40 -13.79 15.36 0.61
N MET A 41 -14.66 16.35 0.69
CA MET A 41 -14.24 17.74 0.75
C MET A 41 -14.01 18.19 2.20
N ALA A 42 -12.85 18.78 2.46
CA ALA A 42 -12.52 19.26 3.80
C ALA A 42 -13.57 20.24 4.30
N ARG A 43 -13.85 20.18 5.61
CA ARG A 43 -14.83 21.06 6.22
C ARG A 43 -14.20 22.41 6.57
N LYS A 44 -12.94 22.39 6.96
CA LYS A 44 -12.22 23.60 7.33
C LYS A 44 -11.43 24.14 6.14
N GLY A 45 -11.81 23.71 4.94
CA GLY A 45 -11.13 24.16 3.74
C GLY A 45 -9.73 23.60 3.61
N GLY A 46 -9.45 22.53 4.35
CA GLY A 46 -8.15 21.91 4.31
C GLY A 46 -7.71 21.56 2.90
N GLY A 47 -8.69 21.31 2.03
CA GLY A 47 -8.39 20.96 0.66
C GLY A 47 -9.20 19.78 0.15
N TYR A 48 -8.53 18.65 -0.04
CA TYR A 48 -9.20 17.44 -0.52
C TYR A 48 -8.70 16.20 0.22
N GLU A 49 -9.63 15.33 0.60
CA GLU A 49 -9.28 14.11 1.32
C GLU A 49 -9.68 12.88 0.52
N TYR A 50 -8.85 11.85 0.58
CA TYR A 50 -9.12 10.61 -0.14
C TYR A 50 -8.77 9.39 0.71
N LEU A 51 -9.60 8.36 0.64
CA LEU A 51 -9.38 7.13 1.40
C LEU A 51 -8.37 6.23 0.70
N LEU A 52 -7.46 5.66 1.49
CA LEU A 52 -6.43 4.78 0.94
C LEU A 52 -6.93 3.33 0.88
N LYS A 53 -6.81 2.71 -0.28
CA LYS A 53 -7.25 1.33 -0.47
C LYS A 53 -6.07 0.37 -0.35
N TRP A 54 -6.24 -0.67 0.47
CA TRP A 54 -5.19 -1.67 0.66
C TRP A 54 -5.25 -2.74 -0.41
N GLU A 55 -4.10 -3.05 -1.00
CA GLU A 55 -4.03 -4.06 -2.06
C GLU A 55 -4.41 -5.44 -1.51
N GLY A 56 -5.43 -6.03 -2.09
CA GLY A 56 -5.88 -7.35 -1.66
C GLY A 56 -6.97 -7.26 -0.61
N TYR A 57 -6.91 -6.23 0.22
CA TYR A 57 -7.91 -6.05 1.27
C TYR A 57 -8.90 -4.95 0.90
N ASP A 58 -10.19 -5.29 0.92
CA ASP A 58 -11.24 -4.34 0.59
C ASP A 58 -11.99 -3.91 1.84
N ASP A 59 -11.61 -2.77 2.39
CA ASP A 59 -12.25 -2.24 3.59
C ASP A 59 -13.46 -1.37 3.22
N PRO A 60 -14.37 -1.20 4.18
CA PRO A 60 -15.58 -0.40 3.99
C PRO A 60 -15.28 1.09 3.87
N SER A 61 -16.31 1.91 4.00
CA SER A 61 -16.16 3.36 3.92
C SER A 61 -15.46 3.91 5.16
N ASP A 62 -15.22 3.04 6.13
CA ASP A 62 -14.56 3.42 7.36
C ASP A 62 -13.04 3.26 7.24
N ASN A 63 -12.56 3.12 6.01
CA ASN A 63 -11.15 2.95 5.76
C ASN A 63 -10.35 4.13 6.29
N THR A 64 -9.07 4.20 5.93
CA THR A 64 -8.20 5.28 6.38
C THR A 64 -8.29 6.48 5.44
N TRP A 65 -8.50 7.66 6.00
CA TRP A 65 -8.61 8.88 5.21
C TRP A 65 -7.27 9.60 5.15
N SER A 66 -6.72 9.74 3.94
CA SER A 66 -5.44 10.40 3.75
C SER A 66 -5.64 11.81 3.18
N SER A 67 -4.76 12.72 3.56
CA SER A 67 -4.84 14.10 3.09
C SER A 67 -4.13 14.26 1.75
N GLU A 68 -4.11 15.49 1.23
CA GLU A 68 -3.46 15.78 -0.04
C GLU A 68 -1.94 15.62 0.07
N ALA A 69 -1.45 15.63 1.31
CA ALA A 69 -0.02 15.50 1.56
C ALA A 69 0.47 14.10 1.18
N ASP A 70 -0.37 13.10 1.42
CA ASP A 70 -0.02 11.72 1.11
C ASP A 70 -0.23 11.42 -0.37
N CYS A 71 -1.15 12.17 -0.99
CA CYS A 71 -1.44 11.99 -2.41
C CYS A 71 -0.22 12.27 -3.27
N SER A 72 0.77 12.96 -2.68
CA SER A 72 1.99 13.30 -3.39
C SER A 72 2.61 12.06 -4.01
N GLY A 73 2.38 10.90 -3.39
CA GLY A 73 2.93 9.66 -3.90
C GLY A 73 1.88 8.78 -4.55
N CYS A 74 0.62 8.99 -4.19
CA CYS A 74 -0.48 8.22 -4.73
C CYS A 74 -1.25 9.03 -5.78
N LYS A 75 -0.57 10.00 -6.38
CA LYS A 75 -1.19 10.85 -7.39
C LYS A 75 -1.88 10.01 -8.46
N GLN A 76 -1.17 9.02 -8.99
CA GLN A 76 -1.71 8.15 -10.01
C GLN A 76 -3.05 7.57 -9.59
N LEU A 77 -3.19 7.29 -8.29
CA LEU A 77 -4.43 6.75 -7.75
C LEU A 77 -5.52 7.81 -7.71
N ILE A 78 -5.19 8.97 -7.14
CA ILE A 78 -6.14 10.07 -7.03
C ILE A 78 -6.77 10.38 -8.38
N GLU A 79 -5.94 10.42 -9.42
CA GLU A 79 -6.42 10.71 -10.77
C GLU A 79 -7.13 9.50 -11.38
N ALA A 80 -6.58 8.31 -11.11
CA ALA A 80 -7.15 7.07 -11.62
C ALA A 80 -8.59 6.90 -11.14
N TYR A 81 -8.80 7.10 -9.84
CA TYR A 81 -10.13 6.96 -9.25
C TYR A 81 -11.13 7.87 -9.96
N TRP A 82 -10.69 9.06 -10.34
CA TRP A 82 -11.54 10.02 -11.02
C TRP A 82 -11.78 9.60 -12.47
N ASN A 83 -10.74 9.09 -13.12
CA ASN A 83 -10.84 8.66 -14.50
C ASN A 83 -11.94 7.62 -14.67
N GLU A 84 -12.09 6.76 -13.67
CA GLU A 84 -13.12 5.72 -13.72
C GLU A 84 -14.51 6.33 -13.82
N HIS A 85 -14.65 7.56 -13.33
CA HIS A 85 -15.94 8.25 -13.37
C HIS A 85 -16.23 8.76 -14.78
N GLY A 86 -15.17 9.02 -15.54
CA GLY A 86 -15.35 9.51 -16.90
C GLY A 86 -15.02 10.98 -17.04
N GLY A 87 -14.02 11.43 -16.29
CA GLY A 87 -13.63 12.82 -16.35
C GLY A 87 -12.68 13.11 -17.49
N ARG A 88 -12.64 14.38 -17.91
CA ARG A 88 -11.76 14.78 -19.01
C ARG A 88 -10.46 15.37 -18.48
N PRO A 89 -9.42 15.39 -19.33
CA PRO A 89 -8.11 15.93 -18.97
C PRO A 89 -8.13 17.45 -18.80
N GLU A 90 -7.00 18.02 -18.40
CA GLU A 90 -6.89 19.45 -18.21
C GLU A 90 -8.01 19.98 -17.32
N PRO A 91 -7.90 19.70 -16.02
CA PRO A 91 -8.90 20.13 -15.03
C PRO A 91 -8.88 21.65 -14.82
N SER A 92 -10.07 22.26 -14.88
CA SER A 92 -10.20 23.70 -14.69
C SER A 92 -11.28 24.02 -13.68
N GLY A 1 4.02 -8.36 -35.55
CA GLY A 1 2.58 -8.22 -35.35
C GLY A 1 2.25 -7.59 -34.02
N SER A 2 2.87 -6.45 -33.73
CA SER A 2 2.62 -5.75 -32.48
C SER A 2 2.58 -4.23 -32.70
N HIS A 3 2.03 -3.52 -31.72
CA HIS A 3 1.93 -2.06 -31.81
C HIS A 3 2.74 -1.40 -30.71
N MET A 4 3.98 -1.84 -30.53
CA MET A 4 4.85 -1.29 -29.51
C MET A 4 6.31 -1.41 -29.92
N GLU A 5 7.14 -0.50 -29.42
CA GLU A 5 8.57 -0.50 -29.73
C GLU A 5 9.41 -0.60 -28.47
N SER A 6 9.80 -1.82 -28.11
CA SER A 6 10.61 -2.05 -26.92
C SER A 6 12.06 -2.32 -27.29
N LYS A 7 12.98 -1.64 -26.62
CA LYS A 7 14.41 -1.82 -26.87
C LYS A 7 15.18 -1.99 -25.57
N SER A 8 14.79 -2.99 -24.78
CA SER A 8 15.44 -3.26 -23.51
C SER A 8 16.67 -4.14 -23.71
N SER A 9 17.67 -3.60 -24.42
CA SER A 9 18.90 -4.34 -24.68
C SER A 9 19.65 -4.62 -23.39
N SER A 10 19.71 -5.89 -23.01
CA SER A 10 20.39 -6.30 -21.79
C SER A 10 20.65 -7.80 -21.79
N LYS A 11 21.92 -8.19 -21.67
CA LYS A 11 22.29 -9.60 -21.65
C LYS A 11 23.28 -9.88 -20.53
N LYS A 12 22.95 -9.45 -19.32
CA LYS A 12 23.81 -9.65 -18.17
C LYS A 12 23.64 -11.07 -17.60
N LEU A 13 24.76 -11.74 -17.37
CA LEU A 13 24.74 -13.10 -16.84
C LEU A 13 25.86 -13.30 -15.82
N LYS A 14 25.47 -13.52 -14.57
CA LYS A 14 26.44 -13.74 -13.50
C LYS A 14 26.81 -15.21 -13.39
N GLU A 15 27.56 -15.71 -14.37
CA GLU A 15 27.98 -17.11 -14.38
C GLU A 15 29.19 -17.32 -13.47
N ASN A 16 28.93 -17.43 -12.17
CA ASN A 16 29.99 -17.63 -11.19
C ASN A 16 29.62 -18.73 -10.20
N ALA A 17 30.60 -19.17 -9.42
CA ALA A 17 30.37 -20.22 -8.42
C ALA A 17 30.51 -19.66 -7.01
N LYS A 18 30.33 -18.35 -6.87
CA LYS A 18 30.43 -17.70 -5.57
C LYS A 18 29.24 -18.06 -4.68
N GLU A 19 29.50 -18.21 -3.39
CA GLU A 19 28.46 -18.56 -2.43
C GLU A 19 28.10 -17.36 -1.55
N GLU A 20 27.89 -16.21 -2.19
CA GLU A 20 27.54 -14.99 -1.46
C GLU A 20 26.10 -14.59 -1.75
N GLU A 21 25.41 -14.11 -0.71
CA GLU A 21 24.03 -13.69 -0.84
C GLU A 21 23.66 -12.67 0.23
N GLY A 22 22.54 -11.99 0.04
CA GLY A 22 22.09 -10.99 0.99
C GLY A 22 21.60 -9.73 0.33
N GLY A 23 20.45 -9.24 0.77
CA GLY A 23 19.88 -8.04 0.20
C GLY A 23 18.46 -7.77 0.67
N GLU A 24 17.72 -8.85 0.92
CA GLU A 24 16.33 -8.73 1.38
C GLU A 24 16.08 -9.64 2.58
N GLU A 25 15.54 -9.06 3.65
CA GLU A 25 15.25 -9.83 4.86
C GLU A 25 13.75 -10.03 5.02
N GLU A 26 12.99 -8.95 4.88
CA GLU A 26 11.54 -9.02 5.01
C GLU A 26 10.91 -9.69 3.79
N GLU A 27 10.45 -10.91 3.96
CA GLU A 27 9.83 -11.66 2.87
C GLU A 27 8.34 -11.85 3.13
N GLU A 28 7.76 -10.94 3.89
CA GLU A 28 6.33 -11.01 4.21
C GLU A 28 5.55 -9.93 3.45
N ASP A 29 4.23 -9.94 3.62
CA ASP A 29 3.37 -8.97 2.96
C ASP A 29 3.43 -7.62 3.67
N GLU A 30 3.68 -6.56 2.90
CA GLU A 30 3.77 -5.22 3.46
C GLU A 30 2.53 -4.40 3.11
N TYR A 31 2.18 -3.46 3.97
CA TYR A 31 1.02 -2.60 3.76
C TYR A 31 1.35 -1.46 2.81
N VAL A 32 0.69 -1.45 1.65
CA VAL A 32 0.92 -0.41 0.66
C VAL A 32 -0.41 0.07 0.08
N VAL A 33 -0.44 1.34 -0.33
CA VAL A 33 -1.64 1.94 -0.91
C VAL A 33 -1.94 1.34 -2.27
N GLU A 34 -3.07 0.64 -2.38
CA GLU A 34 -3.47 0.02 -3.63
C GLU A 34 -4.15 1.03 -4.55
N LYS A 35 -5.19 1.68 -4.04
CA LYS A 35 -5.93 2.67 -4.81
C LYS A 35 -6.87 3.47 -3.91
N VAL A 36 -7.51 4.49 -4.48
CA VAL A 36 -8.43 5.32 -3.73
C VAL A 36 -9.76 4.61 -3.50
N LEU A 37 -10.29 4.76 -2.29
CA LEU A 37 -11.56 4.12 -1.93
C LEU A 37 -12.73 5.08 -2.16
N LYS A 38 -12.51 6.35 -1.87
CA LYS A 38 -13.54 7.37 -2.05
C LYS A 38 -12.95 8.77 -1.96
N HIS A 39 -13.69 9.75 -2.45
CA HIS A 39 -13.23 11.14 -2.44
C HIS A 39 -14.17 12.01 -1.59
N ARG A 40 -13.59 12.90 -0.80
CA ARG A 40 -14.37 13.79 0.05
C ARG A 40 -13.70 15.16 0.18
N MET A 41 -14.46 16.14 0.66
CA MET A 41 -13.93 17.48 0.83
C MET A 41 -13.60 17.75 2.29
N ALA A 42 -12.33 18.07 2.55
CA ALA A 42 -11.88 18.36 3.91
C ALA A 42 -12.66 19.51 4.52
N ARG A 43 -13.22 19.28 5.71
CA ARG A 43 -13.99 20.31 6.40
C ARG A 43 -13.08 21.25 7.18
N LYS A 44 -11.90 20.77 7.53
CA LYS A 44 -10.94 21.56 8.27
C LYS A 44 -10.37 22.68 7.40
N GLY A 45 -10.54 22.55 6.09
CA GLY A 45 -10.03 23.56 5.17
C GLY A 45 -8.77 23.11 4.46
N GLY A 46 -8.18 22.02 4.93
CA GLY A 46 -6.96 21.51 4.33
C GLY A 46 -7.09 21.34 2.83
N GLY A 47 -8.31 21.09 2.37
CA GLY A 47 -8.54 20.91 0.94
C GLY A 47 -9.37 19.67 0.65
N TYR A 48 -8.80 18.74 -0.10
CA TYR A 48 -9.50 17.51 -0.45
C TYR A 48 -9.04 16.35 0.41
N GLU A 49 -9.75 15.22 0.32
CA GLU A 49 -9.41 14.04 1.09
C GLU A 49 -9.80 12.77 0.34
N TYR A 50 -8.90 11.80 0.32
CA TYR A 50 -9.15 10.53 -0.36
C TYR A 50 -8.83 9.34 0.54
N LEU A 51 -9.66 8.32 0.47
CA LEU A 51 -9.47 7.12 1.29
C LEU A 51 -8.45 6.18 0.65
N LEU A 52 -7.61 5.57 1.48
CA LEU A 52 -6.60 4.64 0.98
C LEU A 52 -7.10 3.20 1.05
N LYS A 53 -6.99 2.50 -0.08
CA LYS A 53 -7.43 1.11 -0.16
C LYS A 53 -6.23 0.16 -0.07
N TRP A 54 -6.23 -0.67 0.97
CA TRP A 54 -5.14 -1.62 1.17
C TRP A 54 -5.25 -2.77 0.18
N GLU A 55 -4.11 -3.13 -0.43
CA GLU A 55 -4.08 -4.21 -1.41
C GLU A 55 -4.47 -5.54 -0.76
N GLY A 56 -5.48 -6.20 -1.32
CA GLY A 56 -5.94 -7.46 -0.79
C GLY A 56 -7.06 -7.30 0.22
N TYR A 57 -7.02 -6.19 0.97
CA TYR A 57 -8.04 -5.93 1.97
C TYR A 57 -9.02 -4.87 1.49
N ASP A 58 -10.31 -5.21 1.50
CA ASP A 58 -11.35 -4.28 1.05
C ASP A 58 -12.18 -3.80 2.23
N ASP A 59 -11.83 -2.64 2.77
CA ASP A 59 -12.55 -2.06 3.90
C ASP A 59 -13.70 -1.20 3.43
N PRO A 60 -14.69 -0.98 4.32
CA PRO A 60 -15.86 -0.17 4.01
C PRO A 60 -15.53 1.31 3.87
N SER A 61 -16.56 2.16 3.90
CA SER A 61 -16.37 3.59 3.76
C SER A 61 -15.67 4.17 4.98
N ASP A 62 -15.51 3.34 6.02
CA ASP A 62 -14.85 3.76 7.25
C ASP A 62 -13.35 3.52 7.17
N ASN A 63 -12.85 3.31 5.96
CA ASN A 63 -11.42 3.07 5.74
C ASN A 63 -10.59 4.25 6.23
N THR A 64 -9.32 4.25 5.88
CA THR A 64 -8.41 5.33 6.28
C THR A 64 -8.51 6.52 5.34
N TRP A 65 -8.81 7.68 5.90
CA TRP A 65 -8.94 8.90 5.11
C TRP A 65 -7.62 9.66 5.07
N SER A 66 -7.08 9.83 3.87
CA SER A 66 -5.82 10.54 3.70
C SER A 66 -6.05 11.94 3.16
N SER A 67 -5.33 12.92 3.71
CA SER A 67 -5.47 14.30 3.29
C SER A 67 -5.14 14.46 1.80
N GLU A 68 -5.26 15.67 1.30
CA GLU A 68 -4.98 15.95 -0.11
C GLU A 68 -3.48 15.94 -0.37
N ALA A 69 -2.70 16.27 0.66
CA ALA A 69 -1.25 16.29 0.54
C ALA A 69 -0.72 14.94 0.06
N ASP A 70 -1.49 13.89 0.29
CA ASP A 70 -1.09 12.54 -0.12
C ASP A 70 -1.12 12.41 -1.64
N CYS A 71 -1.84 13.31 -2.30
CA CYS A 71 -1.95 13.29 -3.76
C CYS A 71 -0.57 13.33 -4.40
N SER A 72 0.41 13.87 -3.67
CA SER A 72 1.76 13.97 -4.17
C SER A 72 2.44 12.61 -4.21
N GLY A 73 2.01 11.71 -3.32
CA GLY A 73 2.58 10.38 -3.26
C GLY A 73 1.79 9.38 -4.08
N CYS A 74 0.46 9.46 -4.00
CA CYS A 74 -0.42 8.56 -4.73
C CYS A 74 -1.12 9.28 -5.87
N LYS A 75 -0.41 10.19 -6.52
CA LYS A 75 -0.96 10.95 -7.62
C LYS A 75 -1.63 10.03 -8.64
N GLN A 76 -1.00 8.89 -8.91
CA GLN A 76 -1.53 7.93 -9.86
C GLN A 76 -2.91 7.45 -9.44
N LEU A 77 -3.11 7.32 -8.14
CA LEU A 77 -4.39 6.88 -7.59
C LEU A 77 -5.43 7.98 -7.67
N ILE A 78 -5.04 9.19 -7.30
CA ILE A 78 -5.95 10.33 -7.33
C ILE A 78 -6.49 10.56 -8.74
N GLU A 79 -5.62 10.46 -9.73
CA GLU A 79 -6.01 10.65 -11.12
C GLU A 79 -6.76 9.43 -11.64
N ALA A 80 -6.28 8.24 -11.27
CA ALA A 80 -6.91 7.00 -11.71
C ALA A 80 -8.38 6.96 -11.33
N TYR A 81 -8.67 7.30 -10.07
CA TYR A 81 -10.05 7.30 -9.58
C TYR A 81 -10.93 8.22 -10.42
N TRP A 82 -10.40 9.42 -10.73
CA TRP A 82 -11.13 10.39 -11.52
C TRP A 82 -11.30 9.91 -12.96
N ASN A 83 -10.29 9.21 -13.47
CA ASN A 83 -10.32 8.69 -14.83
C ASN A 83 -11.40 7.62 -14.97
N GLU A 84 -11.64 6.89 -13.89
CA GLU A 84 -12.64 5.83 -13.91
C GLU A 84 -14.05 6.40 -14.11
N HIS A 85 -14.27 7.61 -13.59
CA HIS A 85 -15.56 8.27 -13.72
C HIS A 85 -15.76 8.81 -15.13
N GLY A 86 -14.66 9.13 -15.79
CA GLY A 86 -14.74 9.66 -17.14
C GLY A 86 -14.49 11.15 -17.20
N GLY A 87 -13.63 11.65 -16.31
CA GLY A 87 -13.32 13.06 -16.29
C GLY A 87 -12.36 13.46 -17.38
N ARG A 88 -12.25 14.77 -17.62
CA ARG A 88 -11.35 15.29 -18.64
C ARG A 88 -9.91 15.33 -18.14
N PRO A 89 -8.95 15.35 -19.08
CA PRO A 89 -7.53 15.39 -18.75
C PRO A 89 -7.11 16.73 -18.13
N GLU A 90 -6.17 16.66 -17.19
CA GLU A 90 -5.68 17.86 -16.53
C GLU A 90 -5.07 18.84 -17.53
N PRO A 91 -4.96 20.12 -17.13
CA PRO A 91 -4.40 21.17 -17.98
C PRO A 91 -2.89 21.00 -18.19
N SER A 92 -2.45 21.15 -19.44
CA SER A 92 -1.04 21.02 -19.77
C SER A 92 -0.62 22.09 -20.77
N GLY A 1 72.87 -18.13 19.25
CA GLY A 1 72.19 -17.69 18.05
C GLY A 1 71.52 -18.84 17.31
N SER A 2 70.59 -19.51 17.98
CA SER A 2 69.88 -20.63 17.38
C SER A 2 68.45 -20.71 17.89
N HIS A 3 67.68 -21.66 17.37
CA HIS A 3 66.30 -21.84 17.77
C HIS A 3 66.19 -22.91 18.85
N MET A 4 65.02 -23.00 19.48
CA MET A 4 64.78 -23.98 20.53
C MET A 4 63.35 -24.51 20.47
N GLU A 5 63.14 -25.70 21.02
CA GLU A 5 61.82 -26.32 21.03
C GLU A 5 61.24 -26.32 22.44
N SER A 6 61.30 -25.18 23.11
CA SER A 6 60.79 -25.06 24.47
C SER A 6 60.36 -23.61 24.76
N LYS A 7 59.15 -23.46 25.26
CA LYS A 7 58.62 -22.14 25.58
C LYS A 7 58.66 -21.22 24.37
N SER A 8 58.42 -21.79 23.19
CA SER A 8 58.44 -21.03 21.96
C SER A 8 57.14 -20.23 21.79
N SER A 9 57.25 -19.06 21.17
CA SER A 9 56.09 -18.20 20.95
C SER A 9 55.23 -18.72 19.82
N SER A 10 55.87 -19.23 18.78
CA SER A 10 55.16 -19.77 17.63
C SER A 10 54.21 -18.73 17.04
N LYS A 11 54.67 -17.48 16.98
CA LYS A 11 53.85 -16.39 16.45
C LYS A 11 54.08 -16.23 14.95
N LYS A 12 52.98 -16.13 14.21
CA LYS A 12 53.05 -15.96 12.76
C LYS A 12 52.33 -14.70 12.31
N LEU A 13 53.06 -13.81 11.65
CA LEU A 13 52.48 -12.56 11.17
C LEU A 13 52.05 -12.68 9.71
N LYS A 14 50.84 -13.20 9.50
CA LYS A 14 50.31 -13.37 8.15
C LYS A 14 48.91 -12.78 8.04
N GLU A 15 48.37 -12.76 6.83
CA GLU A 15 47.04 -12.22 6.59
C GLU A 15 46.15 -13.26 5.89
N ASN A 16 44.86 -13.22 6.20
CA ASN A 16 43.91 -14.15 5.61
C ASN A 16 42.84 -13.40 4.80
N ALA A 17 42.11 -14.14 3.98
CA ALA A 17 41.05 -13.54 3.16
C ALA A 17 39.77 -14.35 3.26
N LYS A 18 38.69 -13.71 3.70
CA LYS A 18 37.40 -14.36 3.83
C LYS A 18 36.26 -13.41 3.51
N GLU A 19 35.17 -13.94 2.99
CA GLU A 19 34.01 -13.12 2.65
C GLU A 19 32.71 -13.88 2.92
N GLU A 20 31.69 -13.15 3.37
CA GLU A 20 30.39 -13.76 3.67
C GLU A 20 29.30 -12.70 3.71
N GLU A 21 28.33 -12.83 2.81
CA GLU A 21 27.22 -11.89 2.74
C GLU A 21 25.98 -12.54 2.16
N GLY A 22 24.82 -12.29 2.78
CA GLY A 22 23.59 -12.88 2.30
C GLY A 22 22.58 -13.08 3.42
N GLY A 23 21.39 -12.48 3.26
CA GLY A 23 20.36 -12.62 4.27
C GLY A 23 19.17 -11.71 4.00
N GLU A 24 18.79 -11.59 2.72
CA GLU A 24 17.66 -10.75 2.34
C GLU A 24 16.48 -11.59 1.87
N GLU A 25 15.88 -12.32 2.81
CA GLU A 25 14.74 -13.17 2.50
C GLU A 25 13.53 -12.79 3.33
N GLU A 26 13.02 -11.58 3.10
CA GLU A 26 11.86 -11.08 3.83
C GLU A 26 10.70 -10.82 2.88
N GLU A 27 9.83 -11.82 2.72
CA GLU A 27 8.68 -11.70 1.84
C GLU A 27 7.44 -12.33 2.48
N GLU A 28 6.44 -11.51 2.76
CA GLU A 28 5.21 -11.99 3.38
C GLU A 28 4.02 -11.14 2.94
N ASP A 29 2.81 -11.63 3.21
CA ASP A 29 1.59 -10.92 2.85
C ASP A 29 1.34 -9.75 3.79
N GLU A 30 1.33 -8.55 3.25
CA GLU A 30 1.10 -7.34 4.04
C GLU A 30 0.09 -6.41 3.36
N TYR A 31 -0.20 -5.29 4.00
CA TYR A 31 -1.14 -4.32 3.46
C TYR A 31 -0.41 -3.23 2.68
N VAL A 32 -0.81 -3.03 1.43
CA VAL A 32 -0.19 -2.01 0.59
C VAL A 32 -1.25 -1.24 -0.20
N VAL A 33 -1.23 0.08 -0.05
CA VAL A 33 -2.18 0.94 -0.75
C VAL A 33 -2.15 0.69 -2.25
N GLU A 34 -3.28 0.22 -2.78
CA GLU A 34 -3.39 -0.07 -4.21
C GLU A 34 -3.98 1.12 -4.95
N LYS A 35 -5.08 1.65 -4.43
CA LYS A 35 -5.75 2.80 -5.05
C LYS A 35 -6.61 3.53 -4.04
N VAL A 36 -7.18 4.67 -4.46
CA VAL A 36 -8.02 5.47 -3.58
C VAL A 36 -9.39 4.82 -3.40
N LEU A 37 -9.89 4.84 -2.17
CA LEU A 37 -11.19 4.26 -1.86
C LEU A 37 -12.32 5.24 -2.16
N LYS A 38 -12.18 6.46 -1.65
CA LYS A 38 -13.18 7.49 -1.85
C LYS A 38 -12.57 8.89 -1.69
N HIS A 39 -13.29 9.90 -2.16
CA HIS A 39 -12.82 11.27 -2.07
C HIS A 39 -13.77 12.12 -1.21
N ARG A 40 -13.20 12.99 -0.39
CA ARG A 40 -13.99 13.85 0.48
C ARG A 40 -13.29 15.18 0.73
N MET A 41 -14.06 16.26 0.74
CA MET A 41 -13.50 17.59 0.97
C MET A 41 -13.78 18.06 2.40
N ALA A 42 -12.77 18.63 3.03
CA ALA A 42 -12.90 19.12 4.40
C ALA A 42 -14.05 20.13 4.51
N ARG A 43 -14.86 19.99 5.56
CA ARG A 43 -15.98 20.89 5.78
C ARG A 43 -15.52 22.18 6.45
N LYS A 44 -14.43 22.10 7.20
CA LYS A 44 -13.89 23.26 7.89
C LYS A 44 -13.29 24.26 6.91
N GLY A 45 -13.03 23.79 5.69
CA GLY A 45 -12.45 24.66 4.68
C GLY A 45 -11.00 24.37 4.42
N GLY A 46 -10.55 23.19 4.82
CA GLY A 46 -9.16 22.81 4.62
C GLY A 46 -8.80 22.66 3.16
N GLY A 47 -8.93 21.45 2.64
CA GLY A 47 -8.61 21.20 1.24
C GLY A 47 -9.32 19.98 0.69
N TYR A 48 -8.57 18.89 0.51
CA TYR A 48 -9.14 17.66 -0.02
C TYR A 48 -8.58 16.45 0.71
N GLU A 49 -9.32 15.35 0.69
CA GLU A 49 -8.90 14.12 1.35
C GLU A 49 -9.23 12.89 0.49
N TYR A 50 -8.47 11.83 0.67
CA TYR A 50 -8.68 10.60 -0.09
C TYR A 50 -8.34 9.38 0.76
N LEU A 51 -9.21 8.37 0.70
CA LEU A 51 -9.01 7.14 1.46
C LEU A 51 -8.04 6.21 0.74
N LEU A 52 -7.21 5.52 1.51
CA LEU A 52 -6.23 4.60 0.95
C LEU A 52 -6.76 3.16 1.00
N LYS A 53 -7.01 2.60 -0.18
CA LYS A 53 -7.51 1.23 -0.27
C LYS A 53 -6.36 0.22 -0.27
N TRP A 54 -6.43 -0.75 0.64
CA TRP A 54 -5.40 -1.78 0.74
C TRP A 54 -5.57 -2.83 -0.35
N GLU A 55 -4.47 -3.16 -1.02
CA GLU A 55 -4.49 -4.15 -2.09
C GLU A 55 -4.93 -5.51 -1.55
N GLY A 56 -5.98 -6.07 -2.14
CA GLY A 56 -6.48 -7.36 -1.71
C GLY A 56 -7.57 -7.24 -0.65
N TYR A 57 -7.46 -6.22 0.19
CA TYR A 57 -8.43 -6.00 1.25
C TYR A 57 -9.38 -4.85 0.89
N ASP A 58 -10.68 -5.14 0.91
CA ASP A 58 -11.69 -4.14 0.60
C ASP A 58 -12.39 -3.65 1.85
N ASP A 59 -11.93 -2.53 2.39
CA ASP A 59 -12.51 -1.96 3.60
C ASP A 59 -13.65 -1.01 3.25
N PRO A 60 -14.54 -0.78 4.23
CA PRO A 60 -15.70 0.11 4.05
C PRO A 60 -15.29 1.58 3.93
N SER A 61 -16.26 2.47 4.07
CA SER A 61 -16.01 3.91 3.98
C SER A 61 -15.26 4.41 5.20
N ASP A 62 -15.09 3.53 6.18
CA ASP A 62 -14.39 3.88 7.42
C ASP A 62 -12.90 3.59 7.29
N ASN A 63 -12.44 3.39 6.07
CA ASN A 63 -11.03 3.10 5.82
C ASN A 63 -10.13 4.23 6.34
N THR A 64 -8.86 4.20 5.97
CA THR A 64 -7.91 5.20 6.40
C THR A 64 -7.96 6.43 5.49
N TRP A 65 -8.18 7.60 6.09
CA TRP A 65 -8.26 8.85 5.35
C TRP A 65 -6.89 9.50 5.24
N SER A 66 -6.39 9.62 4.02
CA SER A 66 -5.08 10.24 3.79
C SER A 66 -5.24 11.67 3.30
N SER A 67 -4.29 12.52 3.67
CA SER A 67 -4.33 13.93 3.28
C SER A 67 -3.93 14.08 1.82
N GLU A 68 -4.25 15.24 1.24
CA GLU A 68 -3.95 15.52 -0.15
C GLU A 68 -2.44 15.47 -0.39
N ALA A 69 -1.68 15.69 0.66
CA ALA A 69 -0.22 15.68 0.57
C ALA A 69 0.28 14.34 0.01
N ASP A 70 -0.51 13.29 0.20
CA ASP A 70 -0.15 11.97 -0.28
C ASP A 70 -0.23 11.91 -1.80
N CYS A 71 -0.96 12.84 -2.39
CA CYS A 71 -1.11 12.90 -3.84
C CYS A 71 0.25 12.94 -4.53
N SER A 72 1.20 13.62 -3.90
CA SER A 72 2.54 13.75 -4.46
C SER A 72 3.22 12.39 -4.56
N GLY A 73 2.67 11.40 -3.84
CA GLY A 73 3.24 10.07 -3.86
C GLY A 73 2.35 9.08 -4.59
N CYS A 74 1.05 9.17 -4.36
CA CYS A 74 0.09 8.28 -4.99
C CYS A 74 -0.73 9.02 -6.03
N LYS A 75 -0.10 9.94 -6.74
CA LYS A 75 -0.78 10.72 -7.77
C LYS A 75 -1.54 9.81 -8.73
N GLN A 76 -0.87 8.76 -9.20
CA GLN A 76 -1.50 7.81 -10.12
C GLN A 76 -2.83 7.32 -9.57
N LEU A 77 -2.89 7.12 -8.26
CA LEU A 77 -4.10 6.64 -7.61
C LEU A 77 -5.16 7.74 -7.57
N ILE A 78 -4.77 8.92 -7.12
CA ILE A 78 -5.68 10.05 -7.02
C ILE A 78 -6.38 10.31 -8.35
N GLU A 79 -5.60 10.29 -9.44
CA GLU A 79 -6.15 10.52 -10.77
C GLU A 79 -6.91 9.29 -11.25
N ALA A 80 -6.39 8.11 -10.95
CA ALA A 80 -7.02 6.86 -11.36
C ALA A 80 -8.47 6.81 -10.89
N TYR A 81 -8.71 7.19 -9.64
CA TYR A 81 -10.04 7.18 -9.07
C TYR A 81 -10.96 8.14 -9.83
N TRP A 82 -10.39 9.25 -10.29
CA TRP A 82 -11.16 10.24 -11.03
C TRP A 82 -11.50 9.74 -12.43
N ASN A 83 -10.58 9.00 -13.03
CA ASN A 83 -10.79 8.45 -14.37
C ASN A 83 -11.93 7.45 -14.37
N GLU A 84 -12.19 6.83 -13.22
CA GLU A 84 -13.26 5.85 -13.09
C GLU A 84 -14.61 6.47 -13.43
N HIS A 85 -14.71 7.79 -13.26
CA HIS A 85 -15.95 8.50 -13.55
C HIS A 85 -16.03 8.88 -15.02
N GLY A 86 -14.87 9.02 -15.65
CA GLY A 86 -14.82 9.39 -17.05
C GLY A 86 -14.36 10.81 -17.28
N GLY A 87 -13.34 11.22 -16.54
CA GLY A 87 -12.82 12.57 -16.67
C GLY A 87 -11.63 12.65 -17.61
N ARG A 88 -11.13 13.86 -17.83
CA ARG A 88 -10.00 14.06 -18.72
C ARG A 88 -8.68 14.00 -17.94
N PRO A 89 -7.58 13.75 -18.65
CA PRO A 89 -6.24 13.66 -18.05
C PRO A 89 -5.73 15.01 -17.56
N GLU A 90 -4.69 14.99 -16.73
CA GLU A 90 -4.11 16.21 -16.19
C GLU A 90 -3.09 16.80 -17.15
N PRO A 91 -2.80 18.09 -16.99
CA PRO A 91 -1.83 18.81 -17.84
C PRO A 91 -0.40 18.34 -17.60
N SER A 92 0.31 18.05 -18.68
CA SER A 92 1.69 17.59 -18.59
C SER A 92 2.62 18.56 -19.31
N GLY A 1 75.60 -15.56 -50.79
CA GLY A 1 74.72 -14.39 -50.78
C GLY A 1 73.26 -14.77 -50.85
N SER A 2 72.42 -13.98 -50.18
CA SER A 2 70.99 -14.24 -50.16
C SER A 2 70.21 -12.99 -49.75
N HIS A 3 69.01 -12.83 -50.30
CA HIS A 3 68.17 -11.67 -49.98
C HIS A 3 66.70 -12.08 -49.90
N MET A 4 66.10 -11.82 -48.74
CA MET A 4 64.69 -12.15 -48.52
C MET A 4 64.01 -11.10 -47.67
N GLU A 5 62.75 -10.80 -48.00
CA GLU A 5 61.99 -9.80 -47.27
C GLU A 5 61.11 -10.46 -46.21
N SER A 6 61.02 -11.79 -46.26
CA SER A 6 60.21 -12.54 -45.31
C SER A 6 58.75 -12.16 -45.43
N LYS A 7 58.20 -12.27 -46.64
CA LYS A 7 56.81 -11.94 -46.88
C LYS A 7 55.88 -13.04 -46.36
N SER A 8 55.15 -12.74 -45.31
CA SER A 8 54.22 -13.70 -44.71
C SER A 8 52.77 -13.25 -44.89
N SER A 9 51.85 -14.09 -44.44
CA SER A 9 50.42 -13.79 -44.56
C SER A 9 49.66 -14.31 -43.35
N SER A 10 48.70 -13.52 -42.87
CA SER A 10 47.90 -13.90 -41.71
C SER A 10 46.65 -13.04 -41.61
N LYS A 11 45.58 -13.61 -41.07
CA LYS A 11 44.32 -12.89 -40.91
C LYS A 11 43.37 -13.65 -39.99
N LYS A 12 42.56 -12.91 -39.25
CA LYS A 12 41.60 -13.52 -38.34
C LYS A 12 40.35 -12.66 -38.21
N LEU A 13 39.19 -13.25 -38.49
CA LEU A 13 37.92 -12.53 -38.42
C LEU A 13 36.88 -13.35 -37.65
N LYS A 14 36.23 -12.73 -36.69
CA LYS A 14 35.21 -13.39 -35.88
C LYS A 14 34.30 -12.37 -35.19
N GLU A 15 33.31 -12.87 -34.46
CA GLU A 15 32.39 -12.01 -33.75
C GLU A 15 32.46 -12.25 -32.25
N ASN A 16 31.79 -11.39 -31.47
CA ASN A 16 31.78 -11.52 -30.02
C ASN A 16 30.36 -11.50 -29.48
N ALA A 17 30.09 -12.34 -28.48
CA ALA A 17 28.78 -12.42 -27.88
C ALA A 17 28.82 -12.03 -26.41
N LYS A 18 27.68 -11.61 -25.87
CA LYS A 18 27.58 -11.20 -24.48
C LYS A 18 26.25 -11.63 -23.88
N GLU A 19 26.20 -11.68 -22.55
CA GLU A 19 24.98 -12.07 -21.85
C GLU A 19 24.99 -11.56 -20.42
N GLU A 20 23.92 -10.85 -20.04
CA GLU A 20 23.80 -10.30 -18.70
C GLU A 20 22.49 -10.74 -18.04
N GLU A 21 22.58 -11.10 -16.77
CA GLU A 21 21.40 -11.55 -16.02
C GLU A 21 21.60 -11.34 -14.52
N GLY A 22 20.51 -11.07 -13.82
CA GLY A 22 20.58 -10.86 -12.38
C GLY A 22 19.43 -10.02 -11.86
N GLY A 23 18.52 -10.66 -11.12
CA GLY A 23 17.38 -9.95 -10.57
C GLY A 23 16.82 -10.63 -9.34
N GLU A 24 17.50 -10.50 -8.22
CA GLU A 24 17.05 -11.10 -6.96
C GLU A 24 16.42 -10.06 -6.04
N GLU A 25 15.10 -9.98 -6.09
CA GLU A 25 14.37 -9.03 -5.25
C GLU A 25 13.41 -9.75 -4.31
N GLU A 26 13.26 -9.21 -3.10
CA GLU A 26 12.38 -9.80 -2.10
C GLU A 26 11.07 -9.02 -2.01
N GLU A 27 10.01 -9.60 -2.55
CA GLU A 27 8.69 -8.95 -2.53
C GLU A 27 7.76 -9.66 -1.54
N GLU A 28 8.24 -9.86 -0.33
CA GLU A 28 7.45 -10.53 0.71
C GLU A 28 6.11 -9.82 0.91
N ASP A 29 5.18 -10.49 1.57
CA ASP A 29 3.87 -9.93 1.83
C ASP A 29 3.99 -8.55 2.49
N GLU A 30 3.71 -7.51 1.71
CA GLU A 30 3.80 -6.14 2.22
C GLU A 30 2.47 -5.41 2.01
N TYR A 31 2.31 -4.30 2.72
CA TYR A 31 1.09 -3.50 2.62
C TYR A 31 1.34 -2.21 1.85
N VAL A 32 0.68 -2.07 0.70
CA VAL A 32 0.83 -0.88 -0.13
C VAL A 32 -0.52 -0.40 -0.64
N VAL A 33 -0.66 0.92 -0.77
CA VAL A 33 -1.90 1.51 -1.26
C VAL A 33 -2.23 1.04 -2.67
N GLU A 34 -3.34 0.32 -2.81
CA GLU A 34 -3.77 -0.19 -4.10
C GLU A 34 -4.42 0.91 -4.93
N LYS A 35 -5.39 1.60 -4.34
CA LYS A 35 -6.11 2.67 -5.02
C LYS A 35 -6.94 3.48 -4.04
N VAL A 36 -7.55 4.55 -4.53
CA VAL A 36 -8.39 5.41 -3.69
C VAL A 36 -9.74 4.75 -3.41
N LEU A 37 -10.25 4.97 -2.20
CA LEU A 37 -11.54 4.40 -1.80
C LEU A 37 -12.66 5.42 -1.99
N LYS A 38 -12.39 6.66 -1.62
CA LYS A 38 -13.37 7.74 -1.75
C LYS A 38 -12.72 9.10 -1.67
N HIS A 39 -13.40 10.13 -2.16
CA HIS A 39 -12.88 11.49 -2.14
C HIS A 39 -13.77 12.39 -1.30
N ARG A 40 -13.13 13.27 -0.51
CA ARG A 40 -13.87 14.19 0.34
C ARG A 40 -13.08 15.47 0.55
N MET A 41 -13.79 16.58 0.72
CA MET A 41 -13.15 17.88 0.94
C MET A 41 -13.23 18.29 2.40
N ALA A 42 -12.16 18.92 2.89
CA ALA A 42 -12.11 19.37 4.28
C ALA A 42 -13.31 20.25 4.62
N ARG A 43 -13.94 19.97 5.74
CA ARG A 43 -15.11 20.74 6.18
C ARG A 43 -14.73 22.20 6.40
N LYS A 44 -13.51 22.44 6.88
CA LYS A 44 -13.04 23.79 7.13
C LYS A 44 -12.71 24.51 5.82
N GLY A 45 -12.56 23.74 4.76
CA GLY A 45 -12.25 24.31 3.45
C GLY A 45 -10.76 24.53 3.26
N GLY A 46 -9.96 23.59 3.75
CA GLY A 46 -8.51 23.70 3.61
C GLY A 46 -8.01 23.12 2.31
N GLY A 47 -8.17 21.82 2.14
CA GLY A 47 -7.72 21.16 0.94
C GLY A 47 -8.61 20.00 0.53
N TYR A 48 -7.99 18.88 0.15
CA TYR A 48 -8.73 17.70 -0.25
C TYR A 48 -8.28 16.47 0.53
N GLU A 49 -9.09 15.42 0.50
CA GLU A 49 -8.78 14.19 1.21
C GLU A 49 -9.22 12.97 0.41
N TYR A 50 -8.43 11.91 0.48
CA TYR A 50 -8.72 10.67 -0.24
C TYR A 50 -8.45 9.45 0.62
N LEU A 51 -9.34 8.48 0.56
CA LEU A 51 -9.19 7.25 1.34
C LEU A 51 -8.24 6.27 0.64
N LEU A 52 -7.43 5.57 1.44
CA LEU A 52 -6.49 4.60 0.89
C LEU A 52 -7.06 3.20 0.94
N LYS A 53 -6.80 2.42 -0.11
CA LYS A 53 -7.29 1.05 -0.18
C LYS A 53 -6.13 0.05 -0.14
N TRP A 54 -6.37 -1.11 0.45
CA TRP A 54 -5.34 -2.14 0.56
C TRP A 54 -5.55 -3.22 -0.49
N GLU A 55 -4.48 -3.51 -1.24
CA GLU A 55 -4.54 -4.53 -2.28
C GLU A 55 -4.85 -5.90 -1.70
N GLY A 56 -5.92 -6.52 -2.19
CA GLY A 56 -6.31 -7.83 -1.70
C GLY A 56 -7.32 -7.76 -0.56
N TYR A 57 -7.21 -6.71 0.24
CA TYR A 57 -8.11 -6.53 1.38
C TYR A 57 -9.17 -5.47 1.06
N ASP A 58 -10.43 -5.84 1.20
CA ASP A 58 -11.53 -4.92 0.94
C ASP A 58 -12.16 -4.43 2.25
N ASP A 59 -11.73 -3.25 2.69
CA ASP A 59 -12.24 -2.67 3.92
C ASP A 59 -13.49 -1.83 3.64
N PRO A 60 -14.29 -1.61 4.70
CA PRO A 60 -15.53 -0.83 4.60
C PRO A 60 -15.26 0.65 4.37
N SER A 61 -16.28 1.47 4.56
CA SER A 61 -16.15 2.92 4.37
C SER A 61 -15.38 3.55 5.53
N ASP A 62 -15.04 2.73 6.52
CA ASP A 62 -14.30 3.21 7.68
C ASP A 62 -12.80 3.12 7.46
N ASN A 63 -12.40 2.95 6.19
CA ASN A 63 -10.99 2.84 5.83
C ASN A 63 -10.21 4.05 6.34
N THR A 64 -8.93 4.08 6.02
CA THR A 64 -8.06 5.18 6.45
C THR A 64 -8.17 6.36 5.48
N TRP A 65 -8.34 7.56 6.02
CA TRP A 65 -8.46 8.76 5.21
C TRP A 65 -7.13 9.49 5.13
N SER A 66 -6.62 9.67 3.92
CA SER A 66 -5.35 10.35 3.70
C SER A 66 -5.57 11.79 3.25
N SER A 67 -4.87 12.72 3.89
CA SER A 67 -5.00 14.13 3.56
C SER A 67 -4.44 14.42 2.17
N GLU A 68 -4.48 15.69 1.78
CA GLU A 68 -3.98 16.09 0.47
C GLU A 68 -2.50 15.78 0.33
N ALA A 69 -1.79 15.77 1.46
CA ALA A 69 -0.36 15.49 1.46
C ALA A 69 -0.07 14.12 0.85
N ASP A 70 -1.07 13.24 0.88
CA ASP A 70 -0.92 11.90 0.33
C ASP A 70 -1.07 11.93 -1.20
N CYS A 71 -1.72 12.96 -1.71
CA CYS A 71 -1.93 13.10 -3.14
C CYS A 71 -0.61 12.98 -3.90
N SER A 72 0.44 13.56 -3.34
CA SER A 72 1.76 13.52 -3.96
C SER A 72 2.33 12.11 -3.94
N GLY A 73 1.92 11.32 -2.95
CA GLY A 73 2.40 9.97 -2.83
C GLY A 73 1.63 9.00 -3.70
N CYS A 74 0.31 9.16 -3.75
CA CYS A 74 -0.54 8.30 -4.56
C CYS A 74 -1.21 9.08 -5.68
N LYS A 75 -0.44 9.97 -6.30
CA LYS A 75 -0.95 10.79 -7.40
C LYS A 75 -1.66 9.93 -8.44
N GLN A 76 -1.00 8.86 -8.86
CA GLN A 76 -1.56 7.94 -9.85
C GLN A 76 -2.96 7.50 -9.44
N LEU A 77 -3.16 7.30 -8.15
CA LEU A 77 -4.45 6.87 -7.63
C LEU A 77 -5.47 8.00 -7.67
N ILE A 78 -5.06 9.18 -7.21
CA ILE A 78 -5.94 10.35 -7.21
C ILE A 78 -6.51 10.59 -8.61
N GLU A 79 -5.65 10.54 -9.61
CA GLU A 79 -6.08 10.76 -10.99
C GLU A 79 -6.85 9.56 -11.53
N ALA A 80 -6.39 8.36 -11.17
CA ALA A 80 -7.04 7.13 -11.61
C ALA A 80 -8.50 7.10 -11.18
N TYR A 81 -8.74 7.37 -9.89
CA TYR A 81 -10.08 7.37 -9.35
C TYR A 81 -11.00 8.29 -10.14
N TRP A 82 -10.44 9.42 -10.59
CA TRP A 82 -11.21 10.39 -11.37
C TRP A 82 -11.43 9.89 -12.79
N ASN A 83 -10.45 9.19 -13.33
CA ASN A 83 -10.54 8.66 -14.69
C ASN A 83 -11.69 7.66 -14.80
N GLU A 84 -11.98 6.97 -13.69
CA GLU A 84 -13.04 5.98 -13.67
C GLU A 84 -14.39 6.62 -14.02
N HIS A 85 -14.51 7.92 -13.77
CA HIS A 85 -15.74 8.65 -14.06
C HIS A 85 -15.55 9.57 -15.27
N GLY A 86 -14.59 9.22 -16.12
CA GLY A 86 -14.32 10.03 -17.29
C GLY A 86 -13.43 11.22 -16.99
N GLY A 87 -12.59 11.08 -15.95
CA GLY A 87 -11.70 12.16 -15.59
C GLY A 87 -10.60 12.37 -16.60
N ARG A 88 -10.12 13.61 -16.72
CA ARG A 88 -9.07 13.95 -17.66
C ARG A 88 -7.71 14.00 -16.95
N PRO A 89 -6.63 13.86 -17.73
CA PRO A 89 -5.26 13.90 -17.22
C PRO A 89 -4.86 15.28 -16.73
N GLU A 90 -3.64 15.40 -16.22
CA GLU A 90 -3.13 16.67 -15.72
C GLU A 90 -2.20 17.32 -16.74
N PRO A 91 -1.99 18.64 -16.60
CA PRO A 91 -1.12 19.40 -17.50
C PRO A 91 0.35 19.05 -17.30
N SER A 92 0.97 18.53 -18.36
CA SER A 92 2.38 18.15 -18.32
C SER A 92 3.27 19.36 -18.58
N GLY A 1 50.65 27.12 10.79
CA GLY A 1 51.30 25.86 11.11
C GLY A 1 51.12 25.47 12.56
N SER A 2 50.18 24.58 12.83
CA SER A 2 49.91 24.14 14.20
C SER A 2 49.60 22.64 14.22
N HIS A 3 50.36 21.91 15.04
CA HIS A 3 50.15 20.46 15.17
C HIS A 3 50.86 19.93 16.41
N MET A 4 50.37 18.80 16.92
CA MET A 4 50.94 18.19 18.10
C MET A 4 50.69 16.68 18.11
N GLU A 5 51.68 15.92 18.58
CA GLU A 5 51.56 14.47 18.63
C GLU A 5 51.17 14.02 20.04
N SER A 6 49.87 14.10 20.34
CA SER A 6 49.36 13.70 21.64
C SER A 6 48.30 12.61 21.50
N LYS A 7 47.50 12.71 20.45
CA LYS A 7 46.45 11.73 20.19
C LYS A 7 47.00 10.49 19.52
N SER A 8 47.09 9.40 20.27
CA SER A 8 47.61 8.14 19.75
C SER A 8 46.54 7.05 19.78
N SER A 9 45.99 6.81 20.97
CA SER A 9 44.96 5.80 21.14
C SER A 9 44.13 6.06 22.39
N SER A 10 42.82 5.94 22.26
CA SER A 10 41.92 6.17 23.39
C SER A 10 40.67 5.30 23.28
N LYS A 11 40.41 4.51 24.31
CA LYS A 11 39.25 3.63 24.34
C LYS A 11 39.00 3.09 25.74
N LYS A 12 37.88 3.49 26.33
CA LYS A 12 37.51 3.05 27.67
C LYS A 12 36.66 1.79 27.62
N LEU A 13 37.25 0.68 27.22
CA LEU A 13 36.55 -0.59 27.13
C LEU A 13 35.25 -0.43 26.34
N LYS A 14 35.37 0.15 25.14
CA LYS A 14 34.21 0.36 24.27
C LYS A 14 33.74 -0.96 23.67
N GLU A 15 32.54 -1.39 24.05
CA GLU A 15 31.97 -2.64 23.54
C GLU A 15 31.44 -2.45 22.12
N ASN A 16 32.30 -2.66 21.14
CA ASN A 16 31.91 -2.52 19.74
C ASN A 16 31.58 -3.88 19.12
N ALA A 17 30.56 -4.53 19.66
CA ALA A 17 30.14 -5.84 19.17
C ALA A 17 28.62 -5.95 19.14
N LYS A 18 28.11 -6.94 18.39
CA LYS A 18 26.68 -7.15 18.27
C LYS A 18 26.16 -7.99 19.44
N GLU A 19 25.08 -7.53 20.07
CA GLU A 19 24.49 -8.24 21.19
C GLU A 19 23.11 -8.77 20.84
N GLU A 20 22.41 -8.03 19.97
CA GLU A 20 21.07 -8.43 19.55
C GLU A 20 21.13 -9.25 18.27
N GLU A 21 20.99 -10.56 18.41
CA GLU A 21 21.02 -11.46 17.27
C GLU A 21 19.67 -12.14 17.05
N GLY A 22 19.33 -12.37 15.79
CA GLY A 22 18.06 -13.00 15.48
C GLY A 22 16.97 -11.99 15.15
N GLY A 23 16.29 -12.20 14.02
CA GLY A 23 15.24 -11.29 13.62
C GLY A 23 14.94 -11.37 12.13
N GLU A 24 14.48 -12.54 11.69
CA GLU A 24 14.16 -12.74 10.28
C GLU A 24 12.73 -12.31 9.98
N GLU A 25 12.59 -11.25 9.19
CA GLU A 25 11.27 -10.73 8.82
C GLU A 25 11.14 -10.61 7.31
N GLU A 26 9.94 -10.89 6.80
CA GLU A 26 9.67 -10.82 5.37
C GLU A 26 9.31 -9.39 4.96
N GLU A 27 10.03 -8.87 3.98
CA GLU A 27 9.78 -7.51 3.49
C GLU A 27 8.88 -7.54 2.26
N GLU A 28 7.62 -7.88 2.46
CA GLU A 28 6.66 -7.94 1.37
C GLU A 28 5.25 -8.22 1.89
N ASP A 29 4.26 -8.05 1.02
CA ASP A 29 2.87 -8.29 1.40
C ASP A 29 2.46 -7.41 2.58
N GLU A 30 2.68 -6.10 2.44
CA GLU A 30 2.34 -5.15 3.49
C GLU A 30 1.17 -4.28 3.08
N TYR A 31 0.72 -3.42 4.00
CA TYR A 31 -0.41 -2.54 3.73
C TYR A 31 0.05 -1.28 2.98
N VAL A 32 -0.29 -1.21 1.70
CA VAL A 32 0.08 -0.08 0.87
C VAL A 32 -1.08 0.38 0.01
N VAL A 33 -1.19 1.69 -0.20
CA VAL A 33 -2.25 2.26 -1.02
C VAL A 33 -2.09 1.87 -2.48
N GLU A 34 -3.04 1.10 -2.98
CA GLU A 34 -3.01 0.66 -4.38
C GLU A 34 -4.14 1.31 -5.19
N LYS A 35 -5.15 1.80 -4.48
CA LYS A 35 -6.29 2.45 -5.13
C LYS A 35 -6.98 3.42 -4.17
N VAL A 36 -7.97 4.13 -4.68
CA VAL A 36 -8.72 5.09 -3.87
C VAL A 36 -10.10 4.55 -3.52
N LEU A 37 -10.40 4.46 -2.23
CA LEU A 37 -11.69 3.96 -1.77
C LEU A 37 -12.79 4.97 -2.06
N LYS A 38 -12.43 6.26 -2.04
CA LYS A 38 -13.39 7.33 -2.30
C LYS A 38 -12.72 8.69 -2.22
N HIS A 39 -13.49 9.75 -2.46
CA HIS A 39 -12.97 11.11 -2.42
C HIS A 39 -13.95 12.04 -1.71
N ARG A 40 -13.41 12.93 -0.87
CA ARG A 40 -14.24 13.88 -0.14
C ARG A 40 -13.54 15.22 -0.01
N MET A 41 -14.28 16.22 0.48
CA MET A 41 -13.73 17.56 0.65
C MET A 41 -13.56 17.90 2.13
N ALA A 42 -12.48 18.60 2.45
CA ALA A 42 -12.21 18.99 3.82
C ALA A 42 -13.03 20.22 4.22
N ARG A 43 -13.90 20.04 5.20
CA ARG A 43 -14.74 21.14 5.66
C ARG A 43 -13.96 22.08 6.57
N LYS A 44 -12.84 21.59 7.11
CA LYS A 44 -12.00 22.40 7.98
C LYS A 44 -11.30 23.51 7.21
N GLY A 45 -11.26 23.36 5.88
CA GLY A 45 -10.62 24.35 5.05
C GLY A 45 -9.26 23.90 4.56
N GLY A 46 -8.74 22.83 5.15
CA GLY A 46 -7.44 22.33 4.75
C GLY A 46 -7.34 22.10 3.26
N GLY A 47 -8.48 21.81 2.63
CA GLY A 47 -8.48 21.58 1.19
C GLY A 47 -9.37 20.40 0.81
N TYR A 48 -8.73 19.29 0.44
CA TYR A 48 -9.46 18.09 0.04
C TYR A 48 -8.88 16.86 0.72
N GLU A 49 -9.68 15.80 0.78
CA GLU A 49 -9.25 14.55 1.42
C GLU A 49 -9.78 13.34 0.64
N TYR A 50 -8.90 12.38 0.39
CA TYR A 50 -9.28 11.18 -0.34
C TYR A 50 -9.27 9.96 0.58
N LEU A 51 -9.62 8.81 0.02
CA LEU A 51 -9.65 7.56 0.78
C LEU A 51 -8.65 6.56 0.24
N LEU A 52 -7.87 5.96 1.13
CA LEU A 52 -6.87 4.97 0.74
C LEU A 52 -7.49 3.58 0.64
N LYS A 53 -7.02 2.80 -0.33
CA LYS A 53 -7.52 1.45 -0.53
C LYS A 53 -6.39 0.44 -0.48
N TRP A 54 -6.57 -0.61 0.32
CA TRP A 54 -5.55 -1.65 0.46
C TRP A 54 -5.73 -2.72 -0.62
N GLU A 55 -4.61 -3.22 -1.14
CA GLU A 55 -4.63 -4.24 -2.17
C GLU A 55 -4.81 -5.63 -1.56
N GLY A 56 -5.81 -6.36 -2.03
CA GLY A 56 -6.07 -7.69 -1.52
C GLY A 56 -7.05 -7.69 -0.36
N TYR A 57 -7.02 -6.63 0.44
CA TYR A 57 -7.90 -6.51 1.59
C TYR A 57 -9.04 -5.53 1.29
N ASP A 58 -10.27 -6.00 1.46
CA ASP A 58 -11.45 -5.17 1.21
C ASP A 58 -12.02 -4.64 2.52
N ASP A 59 -11.62 -3.43 2.89
CA ASP A 59 -12.08 -2.80 4.12
C ASP A 59 -13.37 -2.02 3.88
N PRO A 60 -14.12 -1.76 4.96
CA PRO A 60 -15.38 -1.01 4.88
C PRO A 60 -15.16 0.46 4.57
N SER A 61 -16.20 1.27 4.77
CA SER A 61 -16.13 2.70 4.50
C SER A 61 -15.40 3.43 5.63
N ASP A 62 -14.99 2.67 6.64
CA ASP A 62 -14.29 3.25 7.78
C ASP A 62 -12.78 3.21 7.56
N ASN A 63 -12.38 2.99 6.31
CA ASN A 63 -10.96 2.94 5.96
C ASN A 63 -10.25 4.23 6.37
N THR A 64 -8.96 4.31 6.06
CA THR A 64 -8.17 5.49 6.39
C THR A 64 -8.29 6.56 5.32
N TRP A 65 -8.42 7.80 5.75
CA TRP A 65 -8.56 8.92 4.83
C TRP A 65 -7.25 9.72 4.75
N SER A 66 -6.78 9.93 3.53
CA SER A 66 -5.53 10.67 3.31
C SER A 66 -5.83 12.09 2.85
N SER A 67 -4.97 13.02 3.24
CA SER A 67 -5.14 14.43 2.86
C SER A 67 -4.56 14.68 1.48
N GLU A 68 -4.63 15.93 1.04
CA GLU A 68 -4.12 16.31 -0.27
C GLU A 68 -2.61 16.12 -0.34
N ALA A 69 -1.92 16.51 0.73
CA ALA A 69 -0.46 16.37 0.79
C ALA A 69 -0.04 14.92 0.58
N ASP A 70 -0.95 14.00 0.87
CA ASP A 70 -0.66 12.57 0.72
C ASP A 70 -0.74 12.16 -0.75
N CYS A 71 -1.43 12.97 -1.55
CA CYS A 71 -1.57 12.69 -2.97
C CYS A 71 -0.21 12.68 -3.68
N SER A 72 0.78 13.27 -3.01
CA SER A 72 2.14 13.33 -3.57
C SER A 72 2.72 11.94 -3.74
N GLY A 73 2.11 10.96 -3.09
CA GLY A 73 2.58 9.59 -3.18
C GLY A 73 1.64 8.70 -3.96
N CYS A 74 0.34 8.87 -3.74
CA CYS A 74 -0.66 8.06 -4.43
C CYS A 74 -1.31 8.87 -5.55
N LYS A 75 -0.55 9.81 -6.11
CA LYS A 75 -1.05 10.65 -7.20
C LYS A 75 -1.67 9.79 -8.30
N GLN A 76 -0.96 8.75 -8.70
CA GLN A 76 -1.45 7.86 -9.75
C GLN A 76 -2.87 7.37 -9.44
N LEU A 77 -3.12 7.07 -8.17
CA LEU A 77 -4.43 6.59 -7.74
C LEU A 77 -5.46 7.72 -7.81
N ILE A 78 -5.08 8.88 -7.30
CA ILE A 78 -5.98 10.04 -7.31
C ILE A 78 -6.52 10.31 -8.71
N GLU A 79 -5.62 10.33 -9.69
CA GLU A 79 -6.01 10.57 -11.07
C GLU A 79 -6.74 9.37 -11.66
N ALA A 80 -6.29 8.17 -11.29
CA ALA A 80 -6.90 6.95 -11.78
C ALA A 80 -8.38 6.88 -11.39
N TYR A 81 -8.65 7.09 -10.11
CA TYR A 81 -10.01 7.04 -9.60
C TYR A 81 -10.91 8.02 -10.36
N TRP A 82 -10.36 9.18 -10.69
CA TRP A 82 -11.11 10.20 -11.42
C TRP A 82 -11.35 9.76 -12.86
N ASN A 83 -10.36 9.14 -13.47
CA ASN A 83 -10.48 8.66 -14.84
C ASN A 83 -11.52 7.55 -14.95
N GLU A 84 -11.69 6.81 -13.86
CA GLU A 84 -12.66 5.71 -13.84
C GLU A 84 -14.08 6.23 -14.09
N HIS A 85 -14.30 7.49 -13.76
CA HIS A 85 -15.62 8.11 -13.95
C HIS A 85 -15.72 8.74 -15.34
N GLY A 86 -14.58 9.14 -15.89
CA GLY A 86 -14.58 9.75 -17.21
C GLY A 86 -14.35 11.25 -17.15
N GLY A 87 -13.48 11.68 -16.25
CA GLY A 87 -13.21 13.10 -16.11
C GLY A 87 -12.12 13.57 -17.06
N ARG A 88 -12.21 14.82 -17.50
CA ARG A 88 -11.23 15.38 -18.41
C ARG A 88 -9.94 15.74 -17.68
N PRO A 89 -8.84 15.87 -18.44
CA PRO A 89 -7.52 16.21 -17.88
C PRO A 89 -7.46 17.65 -17.39
N GLU A 90 -6.34 18.01 -16.77
CA GLU A 90 -6.16 19.36 -16.25
C GLU A 90 -4.87 19.97 -16.78
N PRO A 91 -4.80 21.31 -16.77
CA PRO A 91 -3.62 22.05 -17.25
C PRO A 91 -2.43 21.88 -16.32
N SER A 92 -1.24 21.79 -16.91
CA SER A 92 -0.01 21.62 -16.13
C SER A 92 1.00 22.71 -16.48
N GLY A 1 5.78 -64.60 3.71
CA GLY A 1 5.93 -63.54 4.68
C GLY A 1 6.69 -63.97 5.91
N SER A 2 6.94 -63.01 6.82
CA SER A 2 7.67 -63.30 8.04
C SER A 2 7.56 -62.13 9.02
N HIS A 3 7.73 -62.43 10.30
CA HIS A 3 7.66 -61.41 11.34
C HIS A 3 8.82 -60.43 11.22
N MET A 4 8.51 -59.14 11.29
CA MET A 4 9.52 -58.09 11.19
C MET A 4 9.34 -57.05 12.29
N GLU A 5 10.33 -56.93 13.16
CA GLU A 5 10.29 -55.97 14.25
C GLU A 5 10.86 -54.62 13.81
N SER A 6 12.06 -54.65 13.25
CA SER A 6 12.72 -53.44 12.80
C SER A 6 12.91 -52.45 13.95
N LYS A 7 13.58 -52.90 15.00
CA LYS A 7 13.84 -52.07 16.17
C LYS A 7 14.71 -50.86 15.80
N SER A 8 15.39 -50.96 14.66
CA SER A 8 16.26 -49.88 14.20
C SER A 8 15.70 -49.24 12.94
N SER A 9 15.59 -47.91 12.96
CA SER A 9 15.07 -47.17 11.81
C SER A 9 16.06 -46.11 11.35
N SER A 10 15.95 -45.73 10.08
CA SER A 10 16.85 -44.73 9.50
C SER A 10 16.09 -43.46 9.15
N LYS A 11 16.62 -42.31 9.55
CA LYS A 11 16.00 -41.03 9.27
C LYS A 11 16.61 -40.38 8.04
N LYS A 12 16.01 -40.62 6.88
CA LYS A 12 16.51 -40.05 5.63
C LYS A 12 16.22 -38.56 5.56
N LEU A 13 17.26 -37.75 5.70
CA LEU A 13 17.13 -36.30 5.66
C LEU A 13 16.54 -35.85 4.32
N LYS A 14 15.55 -34.97 4.38
CA LYS A 14 14.90 -34.47 3.18
C LYS A 14 15.82 -33.51 2.43
N GLU A 15 15.60 -33.36 1.13
CA GLU A 15 16.41 -32.48 0.30
C GLU A 15 15.52 -31.56 -0.53
N ASN A 16 15.52 -30.27 -0.19
CA ASN A 16 14.72 -29.29 -0.92
C ASN A 16 15.60 -28.19 -1.50
N ALA A 17 15.38 -27.87 -2.77
CA ALA A 17 16.15 -26.84 -3.45
C ALA A 17 15.23 -25.75 -4.01
N LYS A 18 15.79 -24.55 -4.20
CA LYS A 18 15.03 -23.43 -4.73
C LYS A 18 15.43 -23.15 -6.17
N GLU A 19 14.64 -22.30 -6.84
CA GLU A 19 14.90 -21.93 -8.22
C GLU A 19 14.85 -20.43 -8.41
N GLU A 20 15.26 -19.69 -7.38
CA GLU A 20 15.25 -18.23 -7.43
C GLU A 20 15.98 -17.72 -8.67
N GLU A 21 15.72 -16.47 -9.04
CA GLU A 21 16.34 -15.87 -10.21
C GLU A 21 17.32 -14.78 -9.80
N GLY A 22 18.59 -15.14 -9.65
CA GLY A 22 19.59 -14.17 -9.26
C GLY A 22 19.78 -14.10 -7.77
N GLY A 23 18.78 -13.54 -7.08
CA GLY A 23 18.87 -13.42 -5.63
C GLY A 23 18.03 -12.28 -5.10
N GLU A 24 16.71 -12.41 -5.18
CA GLU A 24 15.80 -11.38 -4.71
C GLU A 24 15.37 -11.64 -3.27
N GLU A 25 14.91 -10.60 -2.60
CA GLU A 25 14.46 -10.73 -1.21
C GLU A 25 13.11 -11.42 -1.14
N GLU A 26 12.81 -12.01 0.02
CA GLU A 26 11.54 -12.71 0.21
C GLU A 26 10.37 -11.79 -0.06
N GLU A 27 9.30 -12.35 -0.63
CA GLU A 27 8.11 -11.59 -0.94
C GLU A 27 7.29 -11.30 0.32
N GLU A 28 6.98 -10.03 0.54
CA GLU A 28 6.22 -9.62 1.71
C GLU A 28 4.93 -8.90 1.30
N ASP A 29 4.01 -8.76 2.24
CA ASP A 29 2.74 -8.09 1.98
C ASP A 29 2.49 -6.97 2.98
N GLU A 30 3.18 -5.85 2.79
CA GLU A 30 3.04 -4.71 3.68
C GLU A 30 1.80 -3.89 3.33
N TYR A 31 1.46 -2.94 4.19
CA TYR A 31 0.30 -2.09 3.97
C TYR A 31 0.66 -0.87 3.13
N VAL A 32 0.23 -0.87 1.88
CA VAL A 32 0.50 0.24 0.97
C VAL A 32 -0.72 0.62 0.17
N VAL A 33 -0.82 1.89 -0.20
CA VAL A 33 -1.96 2.39 -0.98
C VAL A 33 -1.98 1.78 -2.37
N GLU A 34 -3.02 1.00 -2.66
CA GLU A 34 -3.15 0.36 -3.96
C GLU A 34 -4.15 1.10 -4.83
N LYS A 35 -5.10 1.78 -4.19
CA LYS A 35 -6.12 2.54 -4.90
C LYS A 35 -6.86 3.49 -3.95
N VAL A 36 -7.76 4.29 -4.51
CA VAL A 36 -8.54 5.23 -3.71
C VAL A 36 -9.97 4.74 -3.51
N LEU A 37 -10.49 4.94 -2.31
CA LEU A 37 -11.85 4.51 -1.99
C LEU A 37 -12.85 5.61 -2.33
N LYS A 38 -12.60 6.81 -1.84
CA LYS A 38 -13.49 7.95 -2.09
C LYS A 38 -12.77 9.27 -1.82
N HIS A 39 -13.38 10.37 -2.27
CA HIS A 39 -12.80 11.69 -2.07
C HIS A 39 -13.73 12.57 -1.25
N ARG A 40 -13.15 13.34 -0.34
CA ARG A 40 -13.94 14.24 0.52
C ARG A 40 -13.24 15.59 0.68
N MET A 41 -14.03 16.65 0.71
CA MET A 41 -13.49 18.00 0.86
C MET A 41 -13.57 18.45 2.32
N ALA A 42 -12.40 18.69 2.91
CA ALA A 42 -12.34 19.14 4.30
C ALA A 42 -13.17 20.40 4.52
N ARG A 43 -14.22 20.28 5.32
CA ARG A 43 -15.10 21.41 5.61
C ARG A 43 -14.42 22.40 6.55
N LYS A 44 -13.85 21.87 7.63
CA LYS A 44 -13.16 22.71 8.61
C LYS A 44 -11.67 22.80 8.31
N GLY A 45 -11.18 21.88 7.48
CA GLY A 45 -9.78 21.88 7.12
C GLY A 45 -9.50 22.68 5.87
N GLY A 46 -10.54 22.90 5.06
CA GLY A 46 -10.39 23.66 3.83
C GLY A 46 -9.33 23.06 2.92
N GLY A 47 -9.62 21.89 2.37
CA GLY A 47 -8.67 21.23 1.48
C GLY A 47 -9.28 20.02 0.78
N TYR A 48 -8.47 18.97 0.64
CA TYR A 48 -8.94 17.75 -0.02
C TYR A 48 -8.45 16.51 0.74
N GLU A 49 -9.25 15.45 0.71
CA GLU A 49 -8.91 14.22 1.40
C GLU A 49 -9.35 13.01 0.57
N TYR A 50 -8.52 11.97 0.58
CA TYR A 50 -8.82 10.75 -0.17
C TYR A 50 -8.56 9.51 0.69
N LEU A 51 -9.43 8.51 0.54
CA LEU A 51 -9.30 7.27 1.30
C LEU A 51 -8.32 6.31 0.62
N LEU A 52 -7.44 5.72 1.41
CA LEU A 52 -6.45 4.77 0.88
C LEU A 52 -7.00 3.35 0.89
N LYS A 53 -6.76 2.62 -0.20
CA LYS A 53 -7.22 1.25 -0.31
C LYS A 53 -6.05 0.27 -0.22
N TRP A 54 -6.07 -0.58 0.80
CA TRP A 54 -5.02 -1.57 1.00
C TRP A 54 -5.13 -2.69 -0.03
N GLU A 55 -4.00 -3.03 -0.65
CA GLU A 55 -3.97 -4.10 -1.65
C GLU A 55 -4.40 -5.44 -1.03
N GLY A 56 -5.41 -6.05 -1.63
CA GLY A 56 -5.89 -7.33 -1.13
C GLY A 56 -7.03 -7.17 -0.14
N TYR A 57 -6.99 -6.10 0.63
CA TYR A 57 -8.02 -5.83 1.63
C TYR A 57 -8.97 -4.74 1.15
N ASP A 58 -10.27 -5.05 1.13
CA ASP A 58 -11.27 -4.10 0.69
C ASP A 58 -12.13 -3.63 1.87
N ASP A 59 -11.77 -2.50 2.44
CA ASP A 59 -12.51 -1.94 3.57
C ASP A 59 -13.63 -1.04 3.10
N PRO A 60 -14.62 -0.82 3.98
CA PRO A 60 -15.78 0.03 3.67
C PRO A 60 -15.41 1.50 3.58
N SER A 61 -16.42 2.37 3.62
CA SER A 61 -16.19 3.81 3.54
C SER A 61 -15.46 4.32 4.79
N ASP A 62 -15.35 3.46 5.78
CA ASP A 62 -14.68 3.82 7.03
C ASP A 62 -13.19 3.52 6.94
N ASN A 63 -12.69 3.34 5.72
CA ASN A 63 -11.28 3.05 5.51
C ASN A 63 -10.41 4.17 6.06
N THR A 64 -9.12 4.14 5.72
CA THR A 64 -8.18 5.15 6.18
C THR A 64 -8.26 6.40 5.32
N TRP A 65 -8.43 7.55 5.97
CA TRP A 65 -8.52 8.82 5.27
C TRP A 65 -7.17 9.54 5.27
N SER A 66 -6.62 9.75 4.08
CA SER A 66 -5.33 10.42 3.94
C SER A 66 -5.50 11.81 3.34
N SER A 67 -4.75 12.77 3.86
CA SER A 67 -4.82 14.14 3.36
C SER A 67 -4.53 14.21 1.87
N GLU A 68 -4.61 15.41 1.31
CA GLU A 68 -4.35 15.60 -0.11
C GLU A 68 -2.86 15.48 -0.43
N ALA A 69 -2.03 15.78 0.56
CA ALA A 69 -0.58 15.70 0.40
C ALA A 69 -0.16 14.31 -0.06
N ASP A 70 -1.00 13.31 0.23
CA ASP A 70 -0.71 11.94 -0.16
C ASP A 70 -0.82 11.76 -1.67
N CYS A 71 -1.52 12.69 -2.32
CA CYS A 71 -1.71 12.63 -3.76
C CYS A 71 -0.37 12.55 -4.48
N SER A 72 0.68 13.03 -3.82
CA SER A 72 2.02 13.02 -4.39
C SER A 72 2.61 11.61 -4.37
N GLY A 73 2.21 10.82 -3.38
CA GLY A 73 2.70 9.46 -3.27
C GLY A 73 1.92 8.49 -4.11
N CYS A 74 0.61 8.68 -4.19
CA CYS A 74 -0.26 7.81 -4.97
C CYS A 74 -0.96 8.59 -6.08
N LYS A 75 -0.21 9.46 -6.75
CA LYS A 75 -0.76 10.27 -7.82
C LYS A 75 -1.53 9.41 -8.82
N GLN A 76 -0.88 8.32 -9.27
CA GLN A 76 -1.51 7.42 -10.22
C GLN A 76 -2.89 6.98 -9.74
N LEU A 77 -3.02 6.78 -8.43
CA LEU A 77 -4.29 6.36 -7.84
C LEU A 77 -5.29 7.50 -7.85
N ILE A 78 -4.85 8.69 -7.43
CA ILE A 78 -5.71 9.86 -7.39
C ILE A 78 -6.36 10.11 -8.75
N GLU A 79 -5.56 10.04 -9.81
CA GLU A 79 -6.07 10.25 -11.16
C GLU A 79 -6.88 9.04 -11.64
N ALA A 80 -6.40 7.85 -11.30
CA ALA A 80 -7.07 6.61 -11.69
C ALA A 80 -8.51 6.60 -11.21
N TYR A 81 -8.71 6.92 -9.93
CA TYR A 81 -10.03 6.93 -9.34
C TYR A 81 -10.95 7.89 -10.09
N TRP A 82 -10.37 8.97 -10.60
CA TRP A 82 -11.14 9.98 -11.34
C TRP A 82 -11.44 9.48 -12.75
N ASN A 83 -10.48 8.80 -13.36
CA ASN A 83 -10.64 8.28 -14.71
C ASN A 83 -11.85 7.36 -14.79
N GLU A 84 -12.00 6.48 -13.81
CA GLU A 84 -13.12 5.55 -13.78
C GLU A 84 -14.45 6.30 -13.72
N HIS A 85 -14.42 7.52 -13.21
CA HIS A 85 -15.62 8.33 -13.10
C HIS A 85 -16.04 8.86 -14.47
N GLY A 86 -15.06 9.00 -15.37
CA GLY A 86 -15.34 9.49 -16.70
C GLY A 86 -14.82 10.90 -16.92
N GLY A 87 -13.67 11.20 -16.35
CA GLY A 87 -13.09 12.52 -16.49
C GLY A 87 -12.45 12.73 -17.85
N ARG A 88 -11.93 13.92 -18.08
CA ARG A 88 -11.29 14.25 -19.35
C ARG A 88 -9.95 13.52 -19.49
N PRO A 89 -9.47 13.40 -20.74
CA PRO A 89 -8.20 12.73 -21.04
C PRO A 89 -7.00 13.52 -20.54
N GLU A 90 -5.83 12.89 -20.60
CA GLU A 90 -4.60 13.54 -20.15
C GLU A 90 -3.48 13.37 -21.18
N PRO A 91 -2.49 14.26 -21.13
CA PRO A 91 -1.35 14.23 -22.06
C PRO A 91 -0.43 13.05 -21.80
N SER A 92 -0.06 12.36 -22.87
CA SER A 92 0.82 11.19 -22.76
C SER A 92 2.25 11.55 -23.17
N GLY A 1 26.67 -25.93 16.91
CA GLY A 1 26.24 -26.74 15.79
C GLY A 1 27.12 -27.97 15.60
N SER A 2 27.81 -28.04 14.47
CA SER A 2 28.68 -29.17 14.17
C SER A 2 27.89 -30.46 14.07
N HIS A 3 26.61 -30.34 13.72
CA HIS A 3 25.73 -31.49 13.59
C HIS A 3 25.31 -31.69 12.14
N MET A 4 25.47 -32.92 11.65
CA MET A 4 25.10 -33.25 10.27
C MET A 4 24.04 -34.34 10.25
N GLU A 5 22.89 -34.02 9.65
CA GLU A 5 21.80 -34.98 9.55
C GLU A 5 21.72 -35.59 8.15
N SER A 6 22.23 -36.80 8.01
CA SER A 6 22.22 -37.49 6.72
C SER A 6 20.92 -38.24 6.51
N LYS A 7 20.46 -38.28 5.27
CA LYS A 7 19.21 -38.97 4.93
C LYS A 7 19.35 -39.70 3.61
N SER A 8 18.46 -40.66 3.38
CA SER A 8 18.48 -41.45 2.15
C SER A 8 17.57 -40.82 1.09
N SER A 9 17.90 -39.60 0.68
CA SER A 9 17.11 -38.89 -0.32
C SER A 9 17.84 -38.85 -1.66
N SER A 10 17.15 -38.36 -2.68
CA SER A 10 17.74 -38.28 -4.02
C SER A 10 17.56 -36.87 -4.60
N LYS A 11 18.68 -36.16 -4.73
CA LYS A 11 18.65 -34.80 -5.27
C LYS A 11 19.62 -34.66 -6.44
N LYS A 12 19.30 -33.75 -7.36
CA LYS A 12 20.15 -33.52 -8.53
C LYS A 12 21.26 -32.53 -8.20
N LEU A 13 22.47 -32.82 -8.66
CA LEU A 13 23.62 -31.95 -8.43
C LEU A 13 23.47 -30.64 -9.20
N LYS A 14 23.94 -29.55 -8.58
CA LYS A 14 23.86 -28.24 -9.21
C LYS A 14 25.22 -27.54 -9.17
N GLU A 15 25.43 -26.62 -10.11
CA GLU A 15 26.68 -25.88 -10.19
C GLU A 15 26.42 -24.39 -10.34
N ASN A 16 26.97 -23.59 -9.42
CA ASN A 16 26.80 -22.15 -9.46
C ASN A 16 25.33 -21.77 -9.34
N ALA A 17 24.55 -22.62 -8.68
CA ALA A 17 23.13 -22.38 -8.48
C ALA A 17 22.87 -21.73 -7.13
N LYS A 18 23.88 -21.07 -6.58
CA LYS A 18 23.76 -20.40 -5.28
C LYS A 18 23.41 -18.93 -5.47
N GLU A 19 23.78 -18.37 -6.62
CA GLU A 19 23.50 -16.96 -6.90
C GLU A 19 22.23 -16.83 -7.73
N GLU A 20 21.21 -17.61 -7.37
CA GLU A 20 19.93 -17.57 -8.08
C GLU A 20 19.03 -16.48 -7.52
N GLU A 21 18.67 -16.61 -6.24
CA GLU A 21 17.80 -15.63 -5.59
C GLU A 21 17.80 -15.84 -4.08
N GLY A 22 17.69 -14.74 -3.34
CA GLY A 22 17.68 -14.82 -1.89
C GLY A 22 16.29 -14.63 -1.31
N GLY A 23 15.40 -15.59 -1.59
CA GLY A 23 14.04 -15.49 -1.08
C GLY A 23 13.07 -16.34 -1.88
N GLU A 24 13.07 -17.65 -1.62
CA GLU A 24 12.19 -18.57 -2.33
C GLU A 24 11.12 -19.13 -1.38
N GLU A 25 9.91 -19.28 -1.91
CA GLU A 25 8.81 -19.81 -1.11
C GLU A 25 8.58 -18.94 0.14
N GLU A 26 8.46 -17.63 -0.07
CA GLU A 26 8.24 -16.71 1.02
C GLU A 26 6.75 -16.38 1.17
N GLU A 27 6.33 -16.09 2.41
CA GLU A 27 4.94 -15.77 2.68
C GLU A 27 4.83 -14.49 3.51
N GLU A 28 5.32 -13.39 2.95
CA GLU A 28 5.28 -12.11 3.63
C GLU A 28 4.29 -11.15 2.96
N ASP A 29 3.91 -10.09 3.67
CA ASP A 29 2.97 -9.11 3.14
C ASP A 29 3.28 -7.72 3.68
N GLU A 30 2.81 -6.71 2.97
CA GLU A 30 3.04 -5.31 3.37
C GLU A 30 1.85 -4.44 3.02
N TYR A 31 1.49 -3.54 3.92
CA TYR A 31 0.36 -2.64 3.70
C TYR A 31 0.80 -1.40 2.94
N VAL A 32 0.35 -1.29 1.69
CA VAL A 32 0.68 -0.15 0.85
C VAL A 32 -0.55 0.36 0.09
N VAL A 33 -0.55 1.66 -0.18
CA VAL A 33 -1.67 2.28 -0.90
C VAL A 33 -1.71 1.81 -2.35
N GLU A 34 -2.78 1.10 -2.71
CA GLU A 34 -2.95 0.60 -4.07
C GLU A 34 -3.82 1.53 -4.89
N LYS A 35 -5.00 1.84 -4.36
CA LYS A 35 -5.93 2.73 -5.05
C LYS A 35 -6.74 3.55 -4.06
N VAL A 36 -7.56 4.45 -4.57
CA VAL A 36 -8.40 5.30 -3.72
C VAL A 36 -9.78 4.70 -3.53
N LEU A 37 -10.30 4.79 -2.31
CA LEU A 37 -11.62 4.25 -1.99
C LEU A 37 -12.71 5.29 -2.25
N LYS A 38 -12.51 6.50 -1.71
CA LYS A 38 -13.47 7.57 -1.88
C LYS A 38 -12.80 8.93 -1.73
N HIS A 39 -13.49 9.98 -2.16
CA HIS A 39 -12.96 11.34 -2.07
C HIS A 39 -13.83 12.21 -1.17
N ARG A 40 -13.20 13.14 -0.47
CA ARG A 40 -13.91 14.04 0.44
C ARG A 40 -13.28 15.43 0.45
N MET A 41 -13.96 16.37 1.07
CA MET A 41 -13.46 17.75 1.15
C MET A 41 -13.21 18.15 2.60
N ALA A 42 -12.25 19.04 2.80
CA ALA A 42 -11.92 19.51 4.14
C ALA A 42 -13.01 20.41 4.69
N ARG A 43 -13.40 20.17 5.93
CA ARG A 43 -14.44 20.97 6.57
C ARG A 43 -13.99 22.41 6.77
N LYS A 44 -12.68 22.58 6.99
CA LYS A 44 -12.11 23.91 7.20
C LYS A 44 -11.85 24.60 5.87
N GLY A 45 -11.83 23.82 4.79
CA GLY A 45 -11.59 24.39 3.48
C GLY A 45 -10.13 24.33 3.08
N GLY A 46 -9.36 23.48 3.75
CA GLY A 46 -7.95 23.35 3.45
C GLY A 46 -7.70 22.77 2.07
N GLY A 47 -8.08 21.52 1.87
CA GLY A 47 -7.89 20.88 0.59
C GLY A 47 -8.90 19.79 0.33
N TYR A 48 -8.41 18.57 0.07
CA TYR A 48 -9.29 17.44 -0.20
C TYR A 48 -8.75 16.17 0.45
N GLU A 49 -9.66 15.31 0.91
CA GLU A 49 -9.28 14.06 1.55
C GLU A 49 -9.57 12.87 0.64
N TYR A 50 -8.79 11.81 0.81
CA TYR A 50 -8.97 10.60 0.00
C TYR A 50 -8.66 9.35 0.82
N LEU A 51 -9.51 8.34 0.69
CA LEU A 51 -9.33 7.09 1.41
C LEU A 51 -8.34 6.18 0.71
N LEU A 52 -7.50 5.51 1.49
CA LEU A 52 -6.50 4.60 0.93
C LEU A 52 -7.03 3.18 0.87
N LYS A 53 -6.83 2.52 -0.27
CA LYS A 53 -7.28 1.16 -0.48
C LYS A 53 -6.11 0.17 -0.40
N TRP A 54 -6.16 -0.73 0.56
CA TRP A 54 -5.10 -1.72 0.73
C TRP A 54 -5.17 -2.78 -0.35
N GLU A 55 -4.03 -3.07 -0.98
CA GLU A 55 -3.96 -4.06 -2.04
C GLU A 55 -4.35 -5.44 -1.51
N GLY A 56 -5.36 -6.04 -2.14
CA GLY A 56 -5.81 -7.35 -1.74
C GLY A 56 -6.93 -7.29 -0.71
N TYR A 57 -6.91 -6.27 0.13
CA TYR A 57 -7.92 -6.09 1.16
C TYR A 57 -8.91 -4.99 0.76
N ASP A 58 -10.20 -5.34 0.74
CA ASP A 58 -11.23 -4.39 0.38
C ASP A 58 -12.04 -3.97 1.61
N ASP A 59 -11.67 -2.83 2.19
CA ASP A 59 -12.35 -2.32 3.38
C ASP A 59 -13.54 -1.44 2.98
N PRO A 60 -14.49 -1.29 3.91
CA PRO A 60 -15.69 -0.47 3.68
C PRO A 60 -15.38 1.01 3.61
N SER A 61 -16.42 1.83 3.72
CA SER A 61 -16.25 3.29 3.67
C SER A 61 -15.56 3.80 4.92
N ASP A 62 -15.37 2.92 5.90
CA ASP A 62 -14.73 3.28 7.15
C ASP A 62 -13.21 3.10 7.06
N ASN A 63 -12.71 2.98 5.83
CA ASN A 63 -11.28 2.81 5.60
C ASN A 63 -10.49 3.97 6.19
N THR A 64 -9.20 4.02 5.87
CA THR A 64 -8.33 5.07 6.36
C THR A 64 -8.39 6.30 5.46
N TRP A 65 -8.66 7.45 6.07
CA TRP A 65 -8.75 8.71 5.32
C TRP A 65 -7.41 9.44 5.32
N SER A 66 -6.80 9.55 4.14
CA SER A 66 -5.51 10.21 4.02
C SER A 66 -5.69 11.64 3.50
N SER A 67 -4.87 12.56 4.00
CA SER A 67 -4.94 13.96 3.59
C SER A 67 -4.18 14.18 2.29
N GLU A 68 -4.15 15.43 1.84
CA GLU A 68 -3.46 15.78 0.61
C GLU A 68 -2.00 15.35 0.65
N ALA A 69 -1.47 15.23 1.86
CA ALA A 69 -0.08 14.82 2.05
C ALA A 69 0.21 13.52 1.32
N ASP A 70 -0.79 12.65 1.24
CA ASP A 70 -0.66 11.37 0.57
C ASP A 70 -0.79 11.52 -0.95
N CYS A 71 -1.51 12.56 -1.36
CA CYS A 71 -1.72 12.83 -2.78
C CYS A 71 -0.39 12.85 -3.53
N SER A 72 0.63 13.42 -2.90
CA SER A 72 1.95 13.52 -3.50
C SER A 72 2.47 12.14 -3.90
N GLY A 73 2.14 11.14 -3.09
CA GLY A 73 2.58 9.78 -3.36
C GLY A 73 1.44 8.87 -3.80
N CYS A 74 0.32 9.48 -4.18
CA CYS A 74 -0.84 8.72 -4.61
C CYS A 74 -1.57 9.43 -5.75
N LYS A 75 -0.85 10.33 -6.41
CA LYS A 75 -1.42 11.08 -7.53
C LYS A 75 -2.09 10.15 -8.53
N GLN A 76 -1.34 9.15 -8.98
CA GLN A 76 -1.86 8.18 -9.95
C GLN A 76 -3.19 7.63 -9.48
N LEU A 77 -3.36 7.49 -8.17
CA LEU A 77 -4.59 6.97 -7.60
C LEU A 77 -5.71 8.00 -7.68
N ILE A 78 -5.42 9.22 -7.25
CA ILE A 78 -6.40 10.30 -7.28
C ILE A 78 -6.99 10.47 -8.67
N GLU A 79 -6.14 10.41 -9.69
CA GLU A 79 -6.57 10.56 -11.07
C GLU A 79 -7.24 9.28 -11.56
N ALA A 80 -6.67 8.14 -11.19
CA ALA A 80 -7.22 6.84 -11.59
C ALA A 80 -8.68 6.70 -11.14
N TYR A 81 -8.92 6.98 -9.86
CA TYR A 81 -10.26 6.88 -9.30
C TYR A 81 -11.26 7.66 -10.14
N TRP A 82 -10.92 8.90 -10.45
CA TRP A 82 -11.80 9.75 -11.25
C TRP A 82 -11.93 9.22 -12.68
N ASN A 83 -10.84 8.67 -13.21
CA ASN A 83 -10.85 8.13 -14.55
C ASN A 83 -11.90 7.02 -14.69
N GLU A 84 -12.19 6.36 -13.58
CA GLU A 84 -13.18 5.29 -13.58
C GLU A 84 -14.59 5.84 -13.74
N HIS A 85 -14.78 7.09 -13.30
CA HIS A 85 -16.08 7.74 -13.40
C HIS A 85 -16.30 8.31 -14.79
N GLY A 86 -15.22 8.63 -15.48
CA GLY A 86 -15.31 9.19 -16.82
C GLY A 86 -15.08 10.68 -16.84
N GLY A 87 -14.08 11.13 -16.10
CA GLY A 87 -13.76 12.55 -16.06
C GLY A 87 -12.87 12.99 -17.21
N ARG A 88 -12.87 14.28 -17.48
CA ARG A 88 -12.05 14.83 -18.57
C ARG A 88 -10.73 15.38 -18.03
N PRO A 89 -9.75 15.53 -18.93
CA PRO A 89 -8.43 16.04 -18.58
C PRO A 89 -8.46 17.53 -18.23
N GLU A 90 -7.29 18.09 -17.95
CA GLU A 90 -7.18 19.51 -17.60
C GLU A 90 -6.07 20.18 -18.37
N PRO A 91 -6.25 20.31 -19.69
CA PRO A 91 -5.27 20.94 -20.58
C PRO A 91 -5.15 22.44 -20.35
N SER A 92 -3.93 22.91 -20.13
CA SER A 92 -3.70 24.33 -19.90
C SER A 92 -3.75 25.11 -21.21
N GLY A 1 -42.01 -8.52 -57.51
CA GLY A 1 -40.98 -7.99 -56.65
C GLY A 1 -39.63 -8.61 -56.91
N SER A 2 -38.75 -7.85 -57.57
CA SER A 2 -37.41 -8.32 -57.89
C SER A 2 -36.66 -8.74 -56.63
N HIS A 3 -36.28 -10.01 -56.57
CA HIS A 3 -35.55 -10.53 -55.41
C HIS A 3 -34.07 -10.68 -55.72
N MET A 4 -33.23 -10.41 -54.73
CA MET A 4 -31.78 -10.51 -54.90
C MET A 4 -31.17 -11.38 -53.81
N GLU A 5 -30.38 -12.37 -54.23
CA GLU A 5 -29.73 -13.27 -53.29
C GLU A 5 -28.22 -13.24 -53.46
N SER A 6 -27.70 -12.10 -53.87
CA SER A 6 -26.26 -11.94 -54.09
C SER A 6 -25.53 -11.73 -52.76
N LYS A 7 -24.21 -11.75 -52.80
CA LYS A 7 -23.40 -11.57 -51.60
C LYS A 7 -22.27 -10.58 -51.86
N SER A 8 -21.74 -10.01 -50.78
CA SER A 8 -20.66 -9.03 -50.88
C SER A 8 -19.43 -9.51 -50.10
N SER A 9 -18.26 -9.35 -50.72
CA SER A 9 -17.01 -9.77 -50.10
C SER A 9 -16.27 -8.57 -49.51
N SER A 10 -15.43 -8.82 -48.51
CA SER A 10 -14.67 -7.76 -47.87
C SER A 10 -13.35 -8.29 -47.33
N LYS A 11 -12.35 -7.42 -47.23
CA LYS A 11 -11.04 -7.80 -46.73
C LYS A 11 -10.94 -7.56 -45.22
N LYS A 12 -10.26 -8.46 -44.52
CA LYS A 12 -10.10 -8.34 -43.08
C LYS A 12 -8.68 -7.90 -42.73
N LEU A 13 -8.54 -7.26 -41.58
CA LEU A 13 -7.23 -6.78 -41.12
C LEU A 13 -6.86 -7.41 -39.79
N LYS A 14 -5.75 -8.15 -39.78
CA LYS A 14 -5.28 -8.81 -38.57
C LYS A 14 -5.14 -7.81 -37.43
N GLU A 15 -4.93 -8.33 -36.21
CA GLU A 15 -4.78 -7.48 -35.04
C GLU A 15 -3.36 -7.55 -34.50
N ASN A 16 -2.81 -6.39 -34.15
CA ASN A 16 -1.45 -6.32 -33.61
C ASN A 16 -1.46 -5.94 -32.13
N ALA A 17 -1.07 -6.90 -31.29
CA ALA A 17 -1.04 -6.67 -29.85
C ALA A 17 0.33 -7.01 -29.28
N LYS A 18 1.08 -5.98 -28.91
CA LYS A 18 2.42 -6.16 -28.35
C LYS A 18 2.33 -6.77 -26.95
N GLU A 19 3.28 -7.64 -26.63
CA GLU A 19 3.31 -8.29 -25.32
C GLU A 19 4.30 -7.58 -24.39
N GLU A 20 4.26 -7.94 -23.11
CA GLU A 20 5.15 -7.35 -22.11
C GLU A 20 5.66 -8.41 -21.14
N GLU A 21 6.55 -7.98 -20.24
CA GLU A 21 7.11 -8.90 -19.25
C GLU A 21 7.89 -8.13 -18.19
N GLY A 22 7.76 -8.56 -16.94
CA GLY A 22 8.46 -7.90 -15.85
C GLY A 22 8.94 -8.87 -14.80
N GLY A 23 9.73 -8.38 -13.84
CA GLY A 23 10.23 -9.23 -12.78
C GLY A 23 11.20 -8.51 -11.87
N GLU A 24 10.68 -7.76 -10.91
CA GLU A 24 11.50 -7.02 -9.98
C GLU A 24 11.55 -7.71 -8.62
N GLU A 25 12.40 -7.20 -7.73
CA GLU A 25 12.54 -7.77 -6.39
C GLU A 25 11.69 -6.99 -5.38
N GLU A 26 10.38 -7.08 -5.54
CA GLU A 26 9.45 -6.39 -4.65
C GLU A 26 9.01 -7.31 -3.51
N GLU A 27 8.53 -6.71 -2.43
CA GLU A 27 8.07 -7.48 -1.27
C GLU A 27 6.59 -7.86 -1.43
N GLU A 28 6.11 -8.69 -0.51
CA GLU A 28 4.72 -9.13 -0.53
C GLU A 28 4.13 -9.19 0.87
N ASP A 29 2.82 -9.32 0.95
CA ASP A 29 2.13 -9.38 2.24
C ASP A 29 2.47 -8.16 3.08
N GLU A 30 2.44 -6.99 2.47
CA GLU A 30 2.75 -5.74 3.16
C GLU A 30 1.65 -4.71 2.94
N TYR A 31 1.40 -3.90 3.96
CA TYR A 31 0.37 -2.86 3.87
C TYR A 31 0.81 -1.72 2.97
N VAL A 32 0.24 -1.67 1.77
CA VAL A 32 0.58 -0.63 0.81
C VAL A 32 -0.67 -0.08 0.14
N VAL A 33 -0.61 1.19 -0.27
CA VAL A 33 -1.74 1.83 -0.93
C VAL A 33 -1.96 1.25 -2.32
N GLU A 34 -3.11 0.61 -2.50
CA GLU A 34 -3.45 0.02 -3.79
C GLU A 34 -4.18 1.02 -4.69
N LYS A 35 -5.26 1.58 -4.17
CA LYS A 35 -6.05 2.55 -4.92
C LYS A 35 -6.85 3.44 -3.98
N VAL A 36 -7.55 4.42 -4.55
CA VAL A 36 -8.36 5.34 -3.76
C VAL A 36 -9.75 4.77 -3.50
N LEU A 37 -10.16 4.78 -2.24
CA LEU A 37 -11.47 4.26 -1.86
C LEU A 37 -12.56 5.29 -2.13
N LYS A 38 -12.20 6.58 -2.01
CA LYS A 38 -13.15 7.65 -2.24
C LYS A 38 -12.47 9.01 -2.11
N HIS A 39 -13.13 10.05 -2.61
CA HIS A 39 -12.60 11.41 -2.55
C HIS A 39 -13.50 12.31 -1.72
N ARG A 40 -12.89 13.16 -0.90
CA ARG A 40 -13.63 14.08 -0.05
C ARG A 40 -12.79 15.31 0.30
N MET A 41 -13.46 16.42 0.56
CA MET A 41 -12.77 17.66 0.91
C MET A 41 -12.77 17.88 2.42
N ALA A 42 -11.82 18.68 2.89
CA ALA A 42 -11.71 18.96 4.32
C ALA A 42 -13.00 19.56 4.86
N ARG A 43 -13.61 18.89 5.83
CA ARG A 43 -14.84 19.36 6.44
C ARG A 43 -14.65 20.73 7.09
N LYS A 44 -13.45 20.96 7.61
CA LYS A 44 -13.13 22.23 8.26
C LYS A 44 -12.97 23.34 7.23
N GLY A 45 -12.78 22.96 5.97
CA GLY A 45 -12.62 23.94 4.91
C GLY A 45 -11.19 24.44 4.81
N GLY A 46 -10.23 23.57 5.11
CA GLY A 46 -8.83 23.95 5.05
C GLY A 46 -8.18 23.50 3.76
N GLY A 47 -8.71 22.44 3.16
CA GLY A 47 -8.15 21.92 1.92
C GLY A 47 -8.94 20.75 1.37
N TYR A 48 -8.24 19.67 1.06
CA TYR A 48 -8.87 18.48 0.52
C TYR A 48 -8.18 17.21 1.02
N GLU A 49 -8.86 16.08 0.90
CA GLU A 49 -8.31 14.80 1.33
C GLU A 49 -8.76 13.68 0.42
N TYR A 50 -8.31 12.46 0.71
CA TYR A 50 -8.67 11.29 -0.09
C TYR A 50 -8.74 10.04 0.78
N LEU A 51 -9.25 8.96 0.19
CA LEU A 51 -9.38 7.70 0.91
C LEU A 51 -8.40 6.67 0.38
N LEU A 52 -7.76 5.94 1.28
CA LEU A 52 -6.79 4.91 0.91
C LEU A 52 -7.43 3.53 0.92
N LYS A 53 -7.02 2.69 -0.02
CA LYS A 53 -7.55 1.33 -0.12
C LYS A 53 -6.42 0.30 -0.06
N TRP A 54 -6.53 -0.63 0.88
CA TRP A 54 -5.52 -1.67 1.04
C TRP A 54 -5.63 -2.70 -0.07
N GLU A 55 -4.48 -3.16 -0.56
CA GLU A 55 -4.45 -4.16 -1.64
C GLU A 55 -4.80 -5.54 -1.10
N GLY A 56 -5.75 -6.20 -1.75
CA GLY A 56 -6.17 -7.53 -1.33
C GLY A 56 -7.32 -7.49 -0.35
N TYR A 57 -7.36 -6.46 0.49
CA TYR A 57 -8.42 -6.32 1.47
C TYR A 57 -9.41 -5.24 1.05
N ASP A 58 -10.68 -5.62 0.99
CA ASP A 58 -11.73 -4.70 0.59
C ASP A 58 -12.43 -4.11 1.82
N ASP A 59 -11.96 -2.94 2.24
CA ASP A 59 -12.54 -2.27 3.40
C ASP A 59 -13.68 -1.34 2.99
N PRO A 60 -14.56 -1.01 3.96
CA PRO A 60 -15.71 -0.14 3.71
C PRO A 60 -15.29 1.31 3.45
N SER A 61 -16.26 2.22 3.52
CA SER A 61 -16.00 3.63 3.28
C SER A 61 -15.42 4.29 4.53
N ASP A 62 -15.28 3.50 5.60
CA ASP A 62 -14.75 4.00 6.85
C ASP A 62 -13.25 3.70 6.96
N ASN A 63 -12.64 3.36 5.83
CA ASN A 63 -11.21 3.04 5.81
C ASN A 63 -10.38 4.23 6.28
N THR A 64 -9.07 4.15 6.07
CA THR A 64 -8.17 5.21 6.49
C THR A 64 -8.17 6.36 5.48
N TRP A 65 -8.24 7.58 5.98
CA TRP A 65 -8.25 8.76 5.12
C TRP A 65 -6.88 9.44 5.11
N SER A 66 -6.47 9.91 3.94
CA SER A 66 -5.18 10.57 3.79
C SER A 66 -5.36 12.01 3.33
N SER A 67 -4.47 12.89 3.78
CA SER A 67 -4.53 14.30 3.40
C SER A 67 -4.09 14.50 1.95
N GLU A 68 -4.09 15.76 1.51
CA GLU A 68 -3.69 16.08 0.15
C GLU A 68 -2.19 15.83 -0.06
N ALA A 69 -1.43 15.91 1.03
CA ALA A 69 0.01 15.69 0.98
C ALA A 69 0.34 14.33 0.38
N ASP A 70 -0.59 13.39 0.51
CA ASP A 70 -0.41 12.04 -0.01
C ASP A 70 -0.70 11.99 -1.51
N CYS A 71 -1.44 12.98 -1.99
CA CYS A 71 -1.80 13.05 -3.41
C CYS A 71 -0.55 12.99 -4.28
N SER A 72 0.53 13.60 -3.81
CA SER A 72 1.79 13.61 -4.55
C SER A 72 2.39 12.21 -4.62
N GLY A 73 2.07 11.39 -3.62
CA GLY A 73 2.60 10.04 -3.58
C GLY A 73 1.71 9.05 -4.31
N CYS A 74 0.40 9.18 -4.13
CA CYS A 74 -0.56 8.30 -4.77
C CYS A 74 -1.29 9.01 -5.90
N LYS A 75 -0.58 9.92 -6.56
CA LYS A 75 -1.17 10.69 -7.67
C LYS A 75 -1.85 9.75 -8.67
N GLN A 76 -1.12 8.71 -9.09
CA GLN A 76 -1.66 7.76 -10.05
C GLN A 76 -3.01 7.23 -9.60
N LEU A 77 -3.17 7.06 -8.29
CA LEU A 77 -4.43 6.57 -7.72
C LEU A 77 -5.51 7.64 -7.79
N ILE A 78 -5.17 8.85 -7.36
CA ILE A 78 -6.11 9.96 -7.36
C ILE A 78 -6.72 10.14 -8.74
N GLU A 79 -5.89 10.09 -9.78
CA GLU A 79 -6.35 10.25 -11.15
C GLU A 79 -7.05 8.99 -11.65
N ALA A 80 -6.50 7.83 -11.26
CA ALA A 80 -7.07 6.55 -11.67
C ALA A 80 -8.51 6.42 -11.20
N TYR A 81 -8.74 6.72 -9.92
CA TYR A 81 -10.08 6.63 -9.35
C TYR A 81 -11.08 7.46 -10.15
N TRP A 82 -10.61 8.58 -10.67
CA TRP A 82 -11.47 9.45 -11.47
C TRP A 82 -11.67 8.90 -12.88
N ASN A 83 -10.61 8.28 -13.41
CA ASN A 83 -10.67 7.70 -14.76
C ASN A 83 -11.82 6.72 -14.87
N GLU A 84 -12.14 6.04 -13.76
CA GLU A 84 -13.22 5.07 -13.74
C GLU A 84 -14.54 5.72 -14.10
N HIS A 85 -14.69 7.00 -13.76
CA HIS A 85 -15.91 7.74 -14.06
C HIS A 85 -15.98 8.12 -15.53
N GLY A 86 -14.81 8.26 -16.14
CA GLY A 86 -14.76 8.63 -17.55
C GLY A 86 -14.31 10.07 -17.76
N GLY A 87 -13.44 10.54 -16.89
CA GLY A 87 -12.96 11.90 -17.00
C GLY A 87 -11.76 12.02 -17.93
N ARG A 88 -11.29 13.24 -18.14
CA ARG A 88 -10.16 13.49 -19.02
C ARG A 88 -8.85 13.45 -18.24
N PRO A 89 -7.74 13.25 -18.97
CA PRO A 89 -6.40 13.19 -18.35
C PRO A 89 -5.94 14.54 -17.83
N GLU A 90 -4.70 14.60 -17.36
CA GLU A 90 -4.14 15.84 -16.83
C GLU A 90 -3.26 16.52 -17.87
N PRO A 91 -3.02 17.83 -17.66
CA PRO A 91 -2.19 18.63 -18.58
C PRO A 91 -0.71 18.25 -18.51
N SER A 92 0.04 18.66 -19.51
CA SER A 92 1.47 18.36 -19.57
C SER A 92 2.23 19.16 -18.52
N GLY A 1 23.23 -35.90 25.77
CA GLY A 1 21.99 -35.56 26.44
C GLY A 1 21.80 -34.07 26.55
N SER A 2 21.01 -33.64 27.54
CA SER A 2 20.73 -32.23 27.75
C SER A 2 21.56 -31.68 28.90
N HIS A 3 21.50 -30.35 29.08
CA HIS A 3 22.25 -29.70 30.14
C HIS A 3 21.35 -29.38 31.32
N MET A 4 20.44 -28.43 31.13
CA MET A 4 19.51 -28.02 32.17
C MET A 4 18.45 -27.08 31.62
N GLU A 5 17.24 -27.18 32.18
CA GLU A 5 16.13 -26.34 31.73
C GLU A 5 16.00 -25.10 32.62
N SER A 6 16.44 -23.95 32.10
CA SER A 6 16.38 -22.70 32.84
C SER A 6 15.18 -21.87 32.38
N LYS A 7 13.99 -22.26 32.81
CA LYS A 7 12.77 -21.54 32.45
C LYS A 7 12.69 -20.21 33.19
N SER A 8 13.02 -19.12 32.50
CA SER A 8 12.97 -17.79 33.10
C SER A 8 11.54 -17.26 33.14
N SER A 9 10.81 -17.65 34.19
CA SER A 9 9.42 -17.22 34.34
C SER A 9 9.36 -15.88 35.09
N SER A 10 9.75 -14.81 34.42
CA SER A 10 9.73 -13.48 35.01
C SER A 10 8.35 -12.85 34.90
N LYS A 11 7.73 -12.59 36.04
CA LYS A 11 6.40 -11.98 36.07
C LYS A 11 6.45 -10.54 35.58
N LYS A 12 5.39 -10.11 34.92
CA LYS A 12 5.31 -8.74 34.40
C LYS A 12 5.33 -7.72 35.54
N LEU A 13 6.42 -6.95 35.61
CA LEU A 13 6.56 -5.94 36.65
C LEU A 13 6.96 -4.60 36.04
N LYS A 14 7.03 -3.57 36.89
CA LYS A 14 7.39 -2.23 36.44
C LYS A 14 8.82 -1.89 36.88
N GLU A 15 9.76 -1.97 35.95
CA GLU A 15 11.16 -1.66 36.25
C GLU A 15 11.44 -0.18 36.03
N ASN A 16 12.50 0.31 36.66
CA ASN A 16 12.89 1.72 36.53
C ASN A 16 14.21 1.84 35.79
N ALA A 17 15.20 1.06 36.20
CA ALA A 17 16.52 1.09 35.58
C ALA A 17 16.41 0.85 34.08
N LYS A 18 17.45 1.23 33.35
CA LYS A 18 17.49 1.05 31.90
C LYS A 18 17.77 -0.41 31.54
N GLU A 19 17.06 -0.92 30.54
CA GLU A 19 17.24 -2.29 30.10
C GLU A 19 17.87 -2.33 28.70
N GLU A 20 18.09 -3.54 28.19
CA GLU A 20 18.68 -3.72 26.87
C GLU A 20 17.83 -4.65 26.02
N GLU A 21 17.14 -4.10 25.03
CA GLU A 21 16.30 -4.89 24.15
C GLU A 21 16.97 -5.09 22.79
N GLY A 22 16.50 -6.08 22.04
CA GLY A 22 17.06 -6.36 20.73
C GLY A 22 16.22 -5.81 19.61
N GLY A 23 15.37 -6.66 19.02
CA GLY A 23 14.52 -6.23 17.93
C GLY A 23 14.20 -7.36 16.98
N GLU A 24 13.09 -8.05 17.23
CA GLU A 24 12.67 -9.16 16.38
C GLU A 24 11.77 -8.67 15.26
N GLU A 25 11.85 -9.35 14.11
CA GLU A 25 11.04 -8.99 12.95
C GLU A 25 10.27 -10.18 12.42
N GLU A 26 9.01 -9.97 12.05
CA GLU A 26 8.17 -11.04 11.53
C GLU A 26 8.02 -10.92 10.01
N GLU A 27 7.96 -12.07 9.35
CA GLU A 27 7.81 -12.10 7.89
C GLU A 27 6.34 -12.06 7.49
N GLU A 28 5.79 -10.86 7.39
CA GLU A 28 4.40 -10.68 7.02
C GLU A 28 4.27 -9.81 5.77
N ASP A 29 3.05 -9.72 5.23
CA ASP A 29 2.80 -8.92 4.04
C ASP A 29 3.03 -7.44 4.34
N GLU A 30 3.08 -6.63 3.27
CA GLU A 30 3.30 -5.20 3.41
C GLU A 30 2.04 -4.43 3.04
N TYR A 31 1.77 -3.35 3.79
CA TYR A 31 0.60 -2.53 3.55
C TYR A 31 0.96 -1.30 2.71
N VAL A 32 0.48 -1.28 1.47
CA VAL A 32 0.75 -0.17 0.57
C VAL A 32 -0.52 0.25 -0.18
N VAL A 33 -0.67 1.55 -0.37
CA VAL A 33 -1.84 2.08 -1.08
C VAL A 33 -1.98 1.45 -2.45
N GLU A 34 -3.08 0.73 -2.67
CA GLU A 34 -3.33 0.08 -3.94
C GLU A 34 -4.22 0.94 -4.84
N LYS A 35 -5.14 1.67 -4.22
CA LYS A 35 -6.06 2.53 -4.96
C LYS A 35 -6.88 3.40 -4.00
N VAL A 36 -7.68 4.29 -4.57
CA VAL A 36 -8.52 5.18 -3.76
C VAL A 36 -9.90 4.57 -3.51
N LEU A 37 -10.44 4.81 -2.33
CA LEU A 37 -11.74 4.29 -1.97
C LEU A 37 -12.84 5.34 -2.16
N LYS A 38 -12.52 6.58 -1.82
CA LYS A 38 -13.46 7.67 -1.96
C LYS A 38 -12.77 9.02 -1.76
N HIS A 39 -13.37 10.08 -2.28
CA HIS A 39 -12.81 11.43 -2.17
C HIS A 39 -13.76 12.34 -1.39
N ARG A 40 -13.19 13.17 -0.51
CA ARG A 40 -13.99 14.08 0.29
C ARG A 40 -13.26 15.41 0.47
N MET A 41 -14.02 16.50 0.45
CA MET A 41 -13.45 17.83 0.63
C MET A 41 -13.71 18.37 2.02
N ALA A 42 -12.65 18.48 2.82
CA ALA A 42 -12.77 18.98 4.19
C ALA A 42 -13.27 20.42 4.20
N ARG A 43 -14.33 20.66 4.97
CA ARG A 43 -14.89 22.00 5.08
C ARG A 43 -14.13 22.85 6.08
N LYS A 44 -13.70 22.23 7.17
CA LYS A 44 -12.95 22.93 8.21
C LYS A 44 -11.46 22.96 7.88
N GLY A 45 -11.04 22.08 6.97
CA GLY A 45 -9.65 22.03 6.57
C GLY A 45 -9.31 23.02 5.48
N GLY A 46 -10.05 22.96 4.38
CA GLY A 46 -9.81 23.86 3.27
C GLY A 46 -8.94 23.23 2.20
N GLY A 47 -9.02 21.92 2.06
CA GLY A 47 -8.23 21.22 1.06
C GLY A 47 -8.97 20.03 0.47
N TYR A 48 -8.28 18.89 0.39
CA TYR A 48 -8.86 17.68 -0.17
C TYR A 48 -8.40 16.45 0.61
N GLU A 49 -9.25 15.42 0.62
CA GLU A 49 -8.93 14.18 1.33
C GLU A 49 -9.33 12.97 0.50
N TYR A 50 -8.46 11.96 0.46
CA TYR A 50 -8.72 10.75 -0.29
C TYR A 50 -8.45 9.51 0.55
N LEU A 51 -9.34 8.53 0.45
CA LEU A 51 -9.21 7.29 1.21
C LEU A 51 -8.27 6.33 0.51
N LEU A 52 -7.39 5.69 1.28
CA LEU A 52 -6.43 4.74 0.72
C LEU A 52 -6.96 3.31 0.85
N LYS A 53 -6.68 2.49 -0.16
CA LYS A 53 -7.11 1.10 -0.16
C LYS A 53 -5.93 0.15 -0.03
N TRP A 54 -6.14 -0.97 0.64
CA TRP A 54 -5.08 -1.95 0.84
C TRP A 54 -5.25 -3.11 -0.13
N GLU A 55 -4.24 -3.34 -0.96
CA GLU A 55 -4.28 -4.43 -1.93
C GLU A 55 -4.62 -5.75 -1.25
N GLY A 56 -5.66 -6.42 -1.77
CA GLY A 56 -6.08 -7.68 -1.19
C GLY A 56 -7.16 -7.52 -0.13
N TYR A 57 -7.09 -6.41 0.61
CA TYR A 57 -8.06 -6.14 1.66
C TYR A 57 -9.06 -5.07 1.22
N ASP A 58 -10.34 -5.40 1.28
CA ASP A 58 -11.39 -4.47 0.88
C ASP A 58 -12.14 -3.95 2.10
N ASP A 59 -11.74 -2.78 2.59
CA ASP A 59 -12.37 -2.17 3.76
C ASP A 59 -13.54 -1.30 3.34
N PRO A 60 -14.47 -1.06 4.28
CA PRO A 60 -15.66 -0.24 4.04
C PRO A 60 -15.32 1.23 3.87
N SER A 61 -16.33 2.09 3.95
CA SER A 61 -16.14 3.52 3.80
C SER A 61 -15.37 4.10 4.99
N ASP A 62 -15.17 3.26 6.01
CA ASP A 62 -14.45 3.69 7.20
C ASP A 62 -12.94 3.48 7.05
N ASN A 63 -12.51 3.30 5.81
CA ASN A 63 -11.09 3.08 5.52
C ASN A 63 -10.25 4.24 6.05
N THR A 64 -8.97 4.22 5.71
CA THR A 64 -8.05 5.28 6.15
C THR A 64 -8.18 6.51 5.28
N TRP A 65 -8.42 7.66 5.91
CA TRP A 65 -8.57 8.91 5.19
C TRP A 65 -7.23 9.66 5.11
N SER A 66 -6.72 9.79 3.90
CA SER A 66 -5.44 10.48 3.69
C SER A 66 -5.67 11.91 3.22
N SER A 67 -4.77 12.81 3.62
CA SER A 67 -4.88 14.22 3.26
C SER A 67 -4.14 14.48 1.95
N GLU A 68 -4.15 15.74 1.52
CA GLU A 68 -3.48 16.13 0.28
C GLU A 68 -2.03 15.64 0.26
N ALA A 69 -1.43 15.54 1.44
CA ALA A 69 -0.06 15.08 1.55
C ALA A 69 0.14 13.73 0.86
N ASP A 70 -0.90 12.91 0.90
CA ASP A 70 -0.84 11.59 0.27
C ASP A 70 -1.09 11.70 -1.23
N CYS A 71 -1.80 12.74 -1.64
CA CYS A 71 -2.11 12.95 -3.05
C CYS A 71 -0.83 12.89 -3.89
N SER A 72 0.24 13.51 -3.40
CA SER A 72 1.50 13.52 -4.11
C SER A 72 2.16 12.14 -4.10
N GLY A 73 1.84 11.35 -3.07
CA GLY A 73 2.40 10.02 -2.97
C GLY A 73 1.70 9.02 -3.88
N CYS A 74 0.38 9.11 -3.95
CA CYS A 74 -0.41 8.21 -4.79
C CYS A 74 -1.19 8.99 -5.84
N LYS A 75 -0.55 9.99 -6.42
CA LYS A 75 -1.19 10.82 -7.45
C LYS A 75 -1.82 9.95 -8.52
N GLN A 76 -1.10 8.93 -8.97
CA GLN A 76 -1.59 8.03 -10.00
C GLN A 76 -2.98 7.49 -9.63
N LEU A 77 -3.15 7.15 -8.36
CA LEU A 77 -4.42 6.62 -7.87
C LEU A 77 -5.48 7.72 -7.80
N ILE A 78 -5.09 8.86 -7.27
CA ILE A 78 -6.01 10.00 -7.15
C ILE A 78 -6.67 10.30 -8.49
N GLU A 79 -5.87 10.36 -9.54
CA GLU A 79 -6.38 10.66 -10.88
C GLU A 79 -7.08 9.43 -11.47
N ALA A 80 -6.50 8.26 -11.24
CA ALA A 80 -7.07 7.01 -11.75
C ALA A 80 -8.51 6.84 -11.27
N TYR A 81 -8.75 7.12 -10.00
CA TYR A 81 -10.08 6.98 -9.42
C TYR A 81 -11.09 7.83 -10.19
N TRP A 82 -10.63 8.96 -10.72
CA TRP A 82 -11.50 9.86 -11.48
C TRP A 82 -11.66 9.37 -12.91
N ASN A 83 -10.58 8.84 -13.48
CA ASN A 83 -10.62 8.33 -14.85
C ASN A 83 -11.75 7.32 -15.03
N GLU A 84 -12.11 6.63 -13.96
CA GLU A 84 -13.17 5.64 -14.00
C GLU A 84 -14.49 6.28 -14.42
N HIS A 85 -14.64 7.56 -14.12
CA HIS A 85 -15.85 8.30 -14.47
C HIS A 85 -15.95 8.50 -15.98
N GLY A 86 -14.79 8.52 -16.64
CA GLY A 86 -14.76 8.72 -18.07
C GLY A 86 -14.33 10.12 -18.46
N GLY A 87 -13.42 10.69 -17.68
CA GLY A 87 -12.94 12.03 -17.96
C GLY A 87 -12.10 12.08 -19.23
N ARG A 88 -11.63 13.28 -19.58
CA ARG A 88 -10.82 13.47 -20.77
C ARG A 88 -9.38 13.04 -20.52
N PRO A 89 -8.65 12.75 -21.61
CA PRO A 89 -7.25 12.32 -21.53
C PRO A 89 -6.33 13.44 -21.07
N GLU A 90 -5.02 13.19 -21.13
CA GLU A 90 -4.03 14.18 -20.72
C GLU A 90 -4.35 14.73 -19.33
N PRO A 91 -4.09 13.91 -18.30
CA PRO A 91 -4.34 14.29 -16.91
C PRO A 91 -3.37 15.37 -16.42
N SER A 92 -3.51 15.74 -15.15
CA SER A 92 -2.65 16.77 -14.56
C SER A 92 -1.41 16.14 -13.93
N GLY A 1 52.22 23.22 -3.98
CA GLY A 1 52.95 22.61 -2.88
C GLY A 1 52.06 22.34 -1.68
N SER A 2 52.28 21.18 -1.04
CA SER A 2 51.48 20.79 0.11
C SER A 2 52.05 21.43 1.39
N HIS A 3 51.24 21.47 2.44
CA HIS A 3 51.65 22.04 3.71
C HIS A 3 50.91 21.37 4.87
N MET A 4 51.43 21.57 6.08
CA MET A 4 50.83 20.99 7.27
C MET A 4 51.41 21.61 8.54
N GLU A 5 50.61 21.65 9.60
CA GLU A 5 51.05 22.22 10.86
C GLU A 5 51.99 21.26 11.59
N SER A 6 51.42 20.20 12.16
CA SER A 6 52.20 19.21 12.89
C SER A 6 51.40 17.94 13.12
N LYS A 7 52.10 16.84 13.38
CA LYS A 7 51.45 15.56 13.62
C LYS A 7 51.21 15.33 15.10
N SER A 8 49.96 15.51 15.53
CA SER A 8 49.60 15.33 16.94
C SER A 8 48.82 14.03 17.13
N SER A 9 49.48 12.90 16.89
CA SER A 9 48.85 11.60 17.03
C SER A 9 49.05 11.05 18.44
N SER A 10 47.95 10.86 19.17
CA SER A 10 48.01 10.34 20.52
C SER A 10 47.41 8.94 20.60
N LYS A 11 48.26 7.96 20.92
CA LYS A 11 47.81 6.58 21.03
C LYS A 11 46.98 6.37 22.29
N LYS A 12 45.66 6.32 22.11
CA LYS A 12 44.74 6.13 23.22
C LYS A 12 44.30 4.67 23.32
N LEU A 13 44.49 4.07 24.49
CA LEU A 13 44.11 2.68 24.71
C LEU A 13 42.72 2.59 25.34
N LYS A 14 41.72 2.36 24.50
CA LYS A 14 40.34 2.25 24.97
C LYS A 14 40.19 1.07 25.94
N GLU A 15 40.57 -0.12 25.49
CA GLU A 15 40.48 -1.32 26.32
C GLU A 15 39.05 -1.51 26.83
N ASN A 16 38.08 -1.34 25.94
CA ASN A 16 36.68 -1.50 26.31
C ASN A 16 36.16 -2.87 25.90
N ALA A 17 34.89 -3.13 26.18
CA ALA A 17 34.28 -4.40 25.84
C ALA A 17 32.76 -4.25 25.64
N LYS A 18 32.30 -4.58 24.44
CA LYS A 18 30.88 -4.48 24.12
C LYS A 18 30.51 -5.41 22.98
N GLU A 19 29.21 -5.56 22.74
CA GLU A 19 28.72 -6.42 21.67
C GLU A 19 29.31 -7.83 21.80
N GLU A 20 29.37 -8.33 23.03
CA GLU A 20 29.90 -9.66 23.29
C GLU A 20 28.88 -10.74 22.98
N GLU A 21 27.60 -10.40 23.16
CA GLU A 21 26.52 -11.34 22.92
C GLU A 21 25.19 -10.61 22.74
N GLY A 22 24.22 -11.30 22.16
CA GLY A 22 22.91 -10.69 21.95
C GLY A 22 22.80 -9.99 20.62
N GLY A 23 21.64 -10.12 19.98
CA GLY A 23 21.43 -9.50 18.69
C GLY A 23 20.29 -10.12 17.92
N GLU A 24 19.11 -10.18 18.55
CA GLU A 24 17.94 -10.76 17.91
C GLU A 24 17.00 -9.68 17.38
N GLU A 25 16.86 -9.61 16.07
CA GLU A 25 16.01 -8.60 15.44
C GLU A 25 14.84 -9.27 14.71
N GLU A 26 13.76 -8.51 14.51
CA GLU A 26 12.58 -9.03 13.83
C GLU A 26 12.03 -8.01 12.84
N GLU A 27 11.53 -8.49 11.72
CA GLU A 27 10.98 -7.61 10.69
C GLU A 27 9.95 -8.35 9.84
N GLU A 28 8.80 -7.72 9.61
CA GLU A 28 7.74 -8.32 8.82
C GLU A 28 7.39 -7.43 7.63
N ASP A 29 6.69 -8.01 6.65
CA ASP A 29 6.29 -7.28 5.46
C ASP A 29 5.39 -6.10 5.81
N GLU A 30 4.97 -5.35 4.81
CA GLU A 30 4.10 -4.20 5.01
C GLU A 30 3.08 -4.08 3.89
N TYR A 31 2.04 -3.29 4.13
CA TYR A 31 0.99 -3.09 3.14
C TYR A 31 1.33 -1.91 2.22
N VAL A 32 0.66 -1.87 1.07
CA VAL A 32 0.88 -0.79 0.10
C VAL A 32 -0.44 -0.27 -0.45
N VAL A 33 -0.50 1.03 -0.67
CA VAL A 33 -1.71 1.66 -1.21
C VAL A 33 -2.07 1.08 -2.57
N GLU A 34 -3.23 0.44 -2.64
CA GLU A 34 -3.69 -0.16 -3.90
C GLU A 34 -4.39 0.87 -4.77
N LYS A 35 -5.34 1.59 -4.18
CA LYS A 35 -6.09 2.62 -4.90
C LYS A 35 -6.97 3.41 -3.95
N VAL A 36 -7.64 4.43 -4.49
CA VAL A 36 -8.52 5.28 -3.70
C VAL A 36 -9.87 4.60 -3.49
N LEU A 37 -10.43 4.76 -2.29
CA LEU A 37 -11.72 4.18 -1.97
C LEU A 37 -12.85 5.17 -2.21
N LYS A 38 -12.70 6.38 -1.70
CA LYS A 38 -13.70 7.43 -1.87
C LYS A 38 -13.08 8.81 -1.72
N HIS A 39 -13.78 9.84 -2.20
CA HIS A 39 -13.31 11.20 -2.12
C HIS A 39 -14.25 12.06 -1.29
N ARG A 40 -13.68 12.93 -0.45
CA ARG A 40 -14.48 13.80 0.40
C ARG A 40 -13.77 15.14 0.63
N MET A 41 -14.54 16.20 0.78
CA MET A 41 -13.98 17.53 1.00
C MET A 41 -13.40 17.64 2.41
N ALA A 42 -12.34 18.43 2.54
CA ALA A 42 -11.70 18.63 3.84
C ALA A 42 -12.69 19.10 4.89
N ARG A 43 -12.57 18.55 6.09
CA ARG A 43 -13.47 18.91 7.19
C ARG A 43 -13.36 20.40 7.52
N LYS A 44 -12.18 20.97 7.26
CA LYS A 44 -11.94 22.38 7.52
C LYS A 44 -12.21 23.22 6.28
N GLY A 45 -12.24 22.56 5.12
CA GLY A 45 -12.49 23.26 3.87
C GLY A 45 -11.25 23.95 3.33
N GLY A 46 -10.10 23.28 3.48
CA GLY A 46 -8.86 23.84 3.00
C GLY A 46 -8.28 23.07 1.83
N GLY A 47 -8.58 21.77 1.77
CA GLY A 47 -8.07 20.94 0.69
C GLY A 47 -9.02 19.80 0.34
N TYR A 48 -8.46 18.67 -0.07
CA TYR A 48 -9.25 17.51 -0.43
C TYR A 48 -8.85 16.30 0.39
N GLU A 49 -9.78 15.34 0.51
CA GLU A 49 -9.52 14.12 1.28
C GLU A 49 -9.84 12.89 0.45
N TYR A 50 -8.95 11.91 0.49
CA TYR A 50 -9.13 10.67 -0.25
C TYR A 50 -8.76 9.45 0.60
N LEU A 51 -9.61 8.44 0.55
CA LEU A 51 -9.37 7.21 1.32
C LEU A 51 -8.39 6.30 0.60
N LEU A 52 -7.53 5.64 1.37
CA LEU A 52 -6.55 4.72 0.79
C LEU A 52 -7.00 3.27 0.96
N LYS A 53 -6.82 2.49 -0.10
CA LYS A 53 -7.21 1.08 -0.08
C LYS A 53 -5.97 0.18 0.06
N TRP A 54 -6.15 -0.93 0.76
CA TRP A 54 -5.06 -1.88 0.97
C TRP A 54 -5.18 -3.08 0.04
N GLU A 55 -4.13 -3.34 -0.72
CA GLU A 55 -4.12 -4.47 -1.66
C GLU A 55 -4.54 -5.76 -0.96
N GLY A 56 -5.61 -6.38 -1.44
CA GLY A 56 -6.10 -7.61 -0.85
C GLY A 56 -7.18 -7.37 0.18
N TYR A 57 -7.08 -6.26 0.90
CA TYR A 57 -8.07 -5.92 1.92
C TYR A 57 -9.01 -4.82 1.42
N ASP A 58 -10.30 -5.10 1.47
CA ASP A 58 -11.31 -4.14 1.03
C ASP A 58 -12.13 -3.62 2.22
N ASP A 59 -11.74 -2.47 2.74
CA ASP A 59 -12.43 -1.88 3.88
C ASP A 59 -13.58 -0.99 3.40
N PRO A 60 -14.55 -0.75 4.30
CA PRO A 60 -15.72 0.08 4.00
C PRO A 60 -15.36 1.55 3.86
N SER A 61 -16.37 2.41 3.91
CA SER A 61 -16.17 3.85 3.79
C SER A 61 -15.39 4.39 4.99
N ASP A 62 -15.23 3.56 6.01
CA ASP A 62 -14.52 3.94 7.21
C ASP A 62 -13.03 3.65 7.07
N ASN A 63 -12.58 3.45 5.83
CA ASN A 63 -11.18 3.16 5.56
C ASN A 63 -10.29 4.28 6.07
N THR A 64 -9.01 4.24 5.68
CA THR A 64 -8.05 5.25 6.10
C THR A 64 -8.18 6.51 5.25
N TRP A 65 -8.59 7.61 5.89
CA TRP A 65 -8.75 8.88 5.19
C TRP A 65 -7.42 9.62 5.10
N SER A 66 -6.94 9.81 3.87
CA SER A 66 -5.67 10.49 3.65
C SER A 66 -5.91 11.88 3.06
N SER A 67 -5.05 12.83 3.42
CA SER A 67 -5.16 14.20 2.94
C SER A 67 -4.42 14.36 1.61
N GLU A 68 -4.44 15.59 1.08
CA GLU A 68 -3.77 15.89 -0.17
C GLU A 68 -2.28 15.54 -0.09
N ALA A 69 -1.74 15.52 1.12
CA ALA A 69 -0.34 15.21 1.34
C ALA A 69 0.01 13.85 0.73
N ASP A 70 -0.97 12.95 0.68
CA ASP A 70 -0.76 11.63 0.13
C ASP A 70 -0.76 11.66 -1.39
N CYS A 71 -1.39 12.68 -1.96
CA CYS A 71 -1.47 12.84 -3.40
C CYS A 71 -0.07 12.85 -4.02
N SER A 72 0.88 13.42 -3.29
CA SER A 72 2.27 13.50 -3.76
C SER A 72 2.89 12.12 -3.85
N GLY A 73 2.30 11.15 -3.14
CA GLY A 73 2.81 9.80 -3.15
C GLY A 73 2.02 8.88 -4.04
N CYS A 74 0.69 9.01 -3.99
CA CYS A 74 -0.19 8.18 -4.80
C CYS A 74 -0.95 9.02 -5.81
N LYS A 75 -0.25 9.97 -6.43
CA LYS A 75 -0.87 10.85 -7.42
C LYS A 75 -1.63 10.05 -8.47
N GLN A 76 -1.00 8.99 -8.96
CA GLN A 76 -1.61 8.12 -9.97
C GLN A 76 -2.99 7.64 -9.51
N LEU A 77 -3.11 7.36 -8.22
CA LEU A 77 -4.37 6.89 -7.65
C LEU A 77 -5.38 8.03 -7.56
N ILE A 78 -4.95 9.16 -7.00
CA ILE A 78 -5.81 10.32 -6.86
C ILE A 78 -6.47 10.68 -8.19
N GLU A 79 -5.69 10.68 -9.26
CA GLU A 79 -6.20 11.02 -10.58
C GLU A 79 -6.99 9.84 -11.16
N ALA A 80 -6.49 8.63 -10.94
CA ALA A 80 -7.14 7.42 -11.44
C ALA A 80 -8.60 7.39 -11.01
N TYR A 81 -8.85 7.72 -9.74
CA TYR A 81 -10.21 7.71 -9.21
C TYR A 81 -11.13 8.63 -10.02
N TRP A 82 -10.57 9.74 -10.48
CA TRP A 82 -11.34 10.70 -11.28
C TRP A 82 -11.51 10.21 -12.71
N ASN A 83 -10.47 9.57 -13.24
CA ASN A 83 -10.51 9.05 -14.61
C ASN A 83 -11.66 8.05 -14.77
N GLU A 84 -11.77 7.13 -13.82
CA GLU A 84 -12.82 6.11 -13.87
C GLU A 84 -14.19 6.75 -13.69
N HIS A 85 -14.22 7.90 -13.01
CA HIS A 85 -15.48 8.60 -12.77
C HIS A 85 -15.95 9.32 -14.03
N GLY A 86 -15.00 9.64 -14.92
CA GLY A 86 -15.35 10.32 -16.15
C GLY A 86 -15.04 11.80 -16.10
N GLY A 87 -13.95 12.15 -15.42
CA GLY A 87 -13.56 13.55 -15.30
C GLY A 87 -12.80 14.03 -16.52
N ARG A 88 -12.80 15.35 -16.72
CA ARG A 88 -12.10 15.94 -17.86
C ARG A 88 -10.65 16.25 -17.50
N PRO A 89 -9.81 16.41 -18.54
CA PRO A 89 -8.39 16.72 -18.36
C PRO A 89 -8.15 18.12 -17.83
N GLU A 90 -6.90 18.45 -17.55
CA GLU A 90 -6.54 19.77 -17.04
C GLU A 90 -5.39 20.38 -17.85
N PRO A 91 -5.28 21.72 -17.82
CA PRO A 91 -4.23 22.45 -18.53
C PRO A 91 -2.84 22.22 -17.92
N SER A 92 -1.85 22.06 -18.78
CA SER A 92 -0.48 21.83 -18.34
C SER A 92 0.52 22.41 -19.34
N GLY A 1 -42.86 -51.63 25.58
CA GLY A 1 -41.45 -51.35 25.33
C GLY A 1 -40.98 -50.07 25.99
N SER A 2 -39.68 -49.84 25.96
CA SER A 2 -39.10 -48.64 26.57
C SER A 2 -37.70 -48.38 26.03
N HIS A 3 -37.47 -47.16 25.53
CA HIS A 3 -36.18 -46.79 24.99
C HIS A 3 -36.07 -45.27 24.84
N MET A 4 -34.92 -44.72 25.23
CA MET A 4 -34.69 -43.28 25.14
C MET A 4 -34.71 -42.83 23.69
N GLU A 5 -35.53 -41.83 23.40
CA GLU A 5 -35.65 -41.29 22.05
C GLU A 5 -35.36 -39.78 22.03
N SER A 6 -34.48 -39.35 22.91
CA SER A 6 -34.12 -37.94 23.01
C SER A 6 -32.68 -37.77 23.48
N LYS A 7 -32.21 -36.52 23.49
CA LYS A 7 -30.85 -36.22 23.92
C LYS A 7 -30.67 -34.73 24.14
N SER A 8 -29.83 -34.37 25.11
CA SER A 8 -29.57 -32.97 25.42
C SER A 8 -28.68 -32.34 24.36
N SER A 9 -29.08 -31.16 23.88
CA SER A 9 -28.33 -30.45 22.85
C SER A 9 -27.19 -29.65 23.48
N SER A 10 -25.96 -30.00 23.12
CA SER A 10 -24.78 -29.32 23.66
C SER A 10 -24.67 -27.91 23.09
N LYS A 11 -24.45 -26.94 23.97
CA LYS A 11 -24.32 -25.55 23.56
C LYS A 11 -22.94 -25.27 22.97
N LYS A 12 -22.91 -24.75 21.76
CA LYS A 12 -21.65 -24.44 21.09
C LYS A 12 -20.92 -23.32 21.80
N LEU A 13 -19.83 -23.66 22.48
CA LEU A 13 -19.04 -22.67 23.21
C LEU A 13 -18.11 -21.93 22.27
N LYS A 14 -18.00 -20.61 22.45
CA LYS A 14 -17.14 -19.79 21.62
C LYS A 14 -16.11 -19.05 22.48
N GLU A 15 -15.10 -18.48 21.83
CA GLU A 15 -14.05 -17.74 22.52
C GLU A 15 -14.26 -16.24 22.37
N ASN A 16 -13.98 -15.51 23.45
CA ASN A 16 -14.14 -14.06 23.45
C ASN A 16 -12.96 -13.39 22.75
N ALA A 17 -12.93 -12.06 22.77
CA ALA A 17 -11.86 -11.30 22.14
C ALA A 17 -10.53 -11.54 22.86
N LYS A 18 -9.47 -10.96 22.32
CA LYS A 18 -8.14 -11.11 22.91
C LYS A 18 -7.49 -9.74 23.12
N GLU A 19 -6.36 -9.74 23.83
CA GLU A 19 -5.64 -8.50 24.10
C GLU A 19 -4.20 -8.58 23.61
N GLU A 20 -3.55 -7.43 23.50
CA GLU A 20 -2.17 -7.37 23.04
C GLU A 20 -1.38 -6.31 23.81
N GLU A 21 -0.09 -6.23 23.53
CA GLU A 21 0.78 -5.26 24.19
C GLU A 21 1.57 -4.45 23.17
N GLY A 22 2.32 -5.15 22.32
CA GLY A 22 3.11 -4.48 21.31
C GLY A 22 4.48 -4.06 21.83
N GLY A 23 5.35 -5.05 22.04
CA GLY A 23 6.68 -4.77 22.55
C GLY A 23 7.76 -5.43 21.71
N GLU A 24 7.55 -5.48 20.41
CA GLU A 24 8.51 -6.09 19.50
C GLU A 24 9.65 -5.13 19.18
N GLU A 25 10.84 -5.68 18.93
CA GLU A 25 12.01 -4.88 18.62
C GLU A 25 12.22 -4.78 17.11
N GLU A 26 12.45 -5.93 16.48
CA GLU A 26 12.67 -5.98 15.03
C GLU A 26 11.45 -5.47 14.29
N GLU A 27 11.68 -4.52 13.37
CA GLU A 27 10.61 -3.95 12.58
C GLU A 27 9.91 -5.01 11.75
N GLU A 28 8.72 -4.68 11.25
CA GLU A 28 7.94 -5.62 10.44
C GLU A 28 7.67 -5.03 9.06
N ASP A 29 7.05 -5.83 8.20
CA ASP A 29 6.73 -5.39 6.84
C ASP A 29 5.56 -4.42 6.85
N GLU A 30 5.37 -3.71 5.74
CA GLU A 30 4.29 -2.74 5.63
C GLU A 30 3.50 -2.96 4.33
N TYR A 31 2.34 -2.33 4.24
CA TYR A 31 1.49 -2.46 3.06
C TYR A 31 1.65 -1.23 2.15
N VAL A 32 0.99 -1.28 0.99
CA VAL A 32 1.06 -0.18 0.03
C VAL A 32 -0.32 0.15 -0.53
N VAL A 33 -0.61 1.43 -0.68
CA VAL A 33 -1.89 1.87 -1.20
C VAL A 33 -2.10 1.36 -2.62
N GLU A 34 -3.12 0.52 -2.80
CA GLU A 34 -3.43 -0.04 -4.11
C GLU A 34 -4.15 0.99 -4.98
N LYS A 35 -5.11 1.68 -4.38
CA LYS A 35 -5.89 2.69 -5.09
C LYS A 35 -6.77 3.48 -4.13
N VAL A 36 -7.44 4.50 -4.66
CA VAL A 36 -8.33 5.34 -3.85
C VAL A 36 -9.69 4.66 -3.65
N LEU A 37 -10.20 4.75 -2.44
CA LEU A 37 -11.50 4.15 -2.12
C LEU A 37 -12.63 5.13 -2.36
N LYS A 38 -12.46 6.36 -1.86
CA LYS A 38 -13.47 7.39 -2.04
C LYS A 38 -12.91 8.76 -1.66
N HIS A 39 -13.60 9.82 -2.09
CA HIS A 39 -13.17 11.18 -1.79
C HIS A 39 -14.22 11.90 -0.93
N ARG A 40 -13.76 12.87 -0.15
CA ARG A 40 -14.64 13.64 0.72
C ARG A 40 -14.00 14.96 1.13
N MET A 41 -14.82 15.98 1.29
CA MET A 41 -14.33 17.30 1.68
C MET A 41 -13.95 17.32 3.15
N ALA A 42 -12.88 18.05 3.47
CA ALA A 42 -12.42 18.15 4.85
C ALA A 42 -13.29 19.12 5.65
N ARG A 43 -13.51 18.79 6.92
CA ARG A 43 -14.33 19.62 7.79
C ARG A 43 -13.75 21.03 7.89
N LYS A 44 -12.43 21.14 7.79
CA LYS A 44 -11.75 22.41 7.87
C LYS A 44 -11.92 23.21 6.57
N GLY A 45 -12.31 22.51 5.51
CA GLY A 45 -12.50 23.16 4.23
C GLY A 45 -11.21 23.66 3.63
N GLY A 46 -10.09 23.06 4.04
CA GLY A 46 -8.80 23.46 3.53
C GLY A 46 -8.51 22.90 2.15
N GLY A 47 -9.07 21.73 1.87
CA GLY A 47 -8.86 21.10 0.58
C GLY A 47 -9.77 19.89 0.37
N TYR A 48 -9.17 18.76 0.03
CA TYR A 48 -9.93 17.54 -0.20
C TYR A 48 -9.19 16.32 0.34
N GLU A 49 -9.95 15.36 0.87
CA GLU A 49 -9.36 14.15 1.42
C GLU A 49 -9.79 12.92 0.62
N TYR A 50 -8.94 11.90 0.60
CA TYR A 50 -9.23 10.67 -0.14
C TYR A 50 -8.85 9.45 0.69
N LEU A 51 -9.66 8.40 0.57
CA LEU A 51 -9.41 7.16 1.30
C LEU A 51 -8.37 6.30 0.59
N LEU A 52 -7.50 5.66 1.37
CA LEU A 52 -6.45 4.81 0.81
C LEU A 52 -6.85 3.34 0.89
N LYS A 53 -7.16 2.75 -0.26
CA LYS A 53 -7.56 1.35 -0.33
C LYS A 53 -6.34 0.44 -0.28
N TRP A 54 -6.34 -0.51 0.65
CA TRP A 54 -5.24 -1.45 0.80
C TRP A 54 -5.33 -2.56 -0.24
N GLU A 55 -4.17 -3.00 -0.74
CA GLU A 55 -4.13 -4.07 -1.73
C GLU A 55 -4.67 -5.37 -1.16
N GLY A 56 -5.74 -5.87 -1.77
CA GLY A 56 -6.35 -7.11 -1.32
C GLY A 56 -7.46 -6.87 -0.32
N TYR A 57 -7.33 -5.82 0.48
CA TYR A 57 -8.33 -5.49 1.49
C TYR A 57 -9.18 -4.31 1.04
N ASP A 58 -10.49 -4.49 1.02
CA ASP A 58 -11.41 -3.44 0.61
C ASP A 58 -12.26 -2.98 1.79
N ASP A 59 -11.86 -1.89 2.42
CA ASP A 59 -12.58 -1.35 3.55
C ASP A 59 -13.67 -0.38 3.09
N PRO A 60 -14.67 -0.17 3.96
CA PRO A 60 -15.80 0.73 3.67
C PRO A 60 -15.38 2.20 3.65
N SER A 61 -16.36 3.09 3.70
CA SER A 61 -16.09 4.52 3.69
C SER A 61 -15.33 4.94 4.95
N ASP A 62 -15.25 4.04 5.92
CA ASP A 62 -14.56 4.31 7.17
C ASP A 62 -13.07 3.96 7.05
N ASN A 63 -12.60 3.82 5.81
CA ASN A 63 -11.20 3.48 5.56
C ASN A 63 -10.28 4.56 6.13
N THR A 64 -9.04 4.56 5.67
CA THR A 64 -8.06 5.54 6.13
C THR A 64 -8.08 6.79 5.27
N TRP A 65 -8.45 7.91 5.88
CA TRP A 65 -8.53 9.18 5.16
C TRP A 65 -7.15 9.83 5.07
N SER A 66 -6.68 10.02 3.84
CA SER A 66 -5.37 10.63 3.60
C SER A 66 -5.52 12.00 2.96
N SER A 67 -4.65 12.93 3.37
CA SER A 67 -4.68 14.29 2.84
C SER A 67 -3.90 14.39 1.53
N GLU A 68 -3.94 15.55 0.91
CA GLU A 68 -3.24 15.78 -0.35
C GLU A 68 -1.73 15.60 -0.17
N ALA A 69 -1.26 15.82 1.05
CA ALA A 69 0.16 15.68 1.36
C ALA A 69 0.68 14.30 0.97
N ASP A 70 -0.07 13.27 1.33
CA ASP A 70 0.31 11.90 1.02
C ASP A 70 -0.05 11.55 -0.42
N CYS A 71 -1.10 12.17 -0.93
CA CYS A 71 -1.55 11.92 -2.30
C CYS A 71 -0.43 12.16 -3.29
N SER A 72 0.52 13.02 -2.91
CA SER A 72 1.65 13.34 -3.77
C SER A 72 2.35 12.07 -4.24
N GLY A 73 2.29 11.03 -3.41
CA GLY A 73 2.93 9.77 -3.75
C GLY A 73 2.00 8.84 -4.52
N CYS A 74 0.73 8.87 -4.16
CA CYS A 74 -0.27 8.03 -4.82
C CYS A 74 -1.00 8.79 -5.91
N LYS A 75 -0.29 9.71 -6.56
CA LYS A 75 -0.87 10.51 -7.63
C LYS A 75 -1.58 9.62 -8.65
N GLN A 76 -0.91 8.57 -9.09
CA GLN A 76 -1.48 7.64 -10.06
C GLN A 76 -2.83 7.13 -9.60
N LEU A 77 -2.98 6.95 -8.29
CA LEU A 77 -4.23 6.47 -7.72
C LEU A 77 -5.30 7.57 -7.74
N ILE A 78 -4.91 8.77 -7.32
CA ILE A 78 -5.82 9.90 -7.29
C ILE A 78 -6.45 10.13 -8.67
N GLU A 79 -5.62 10.08 -9.70
CA GLU A 79 -6.09 10.30 -11.06
C GLU A 79 -6.83 9.07 -11.58
N ALA A 80 -6.30 7.89 -11.25
CA ALA A 80 -6.90 6.63 -11.68
C ALA A 80 -8.37 6.56 -11.26
N TYR A 81 -8.64 6.90 -10.00
CA TYR A 81 -9.99 6.87 -9.47
C TYR A 81 -10.91 7.81 -10.25
N TRP A 82 -10.36 8.98 -10.60
CA TRP A 82 -11.14 9.97 -11.35
C TRP A 82 -11.38 9.51 -12.78
N ASN A 83 -10.42 8.77 -13.33
CA ASN A 83 -10.52 8.28 -14.70
C ASN A 83 -11.71 7.32 -14.83
N GLU A 84 -11.95 6.55 -13.78
CA GLU A 84 -13.06 5.60 -13.78
C GLU A 84 -14.39 6.31 -13.96
N HIS A 85 -14.46 7.55 -13.50
CA HIS A 85 -15.69 8.34 -13.61
C HIS A 85 -15.88 8.85 -15.03
N GLY A 86 -14.76 9.08 -15.73
CA GLY A 86 -14.83 9.58 -17.09
C GLY A 86 -14.63 11.08 -17.18
N GLY A 87 -13.98 11.65 -16.16
CA GLY A 87 -13.74 13.08 -16.15
C GLY A 87 -12.65 13.49 -17.12
N ARG A 88 -12.94 14.51 -17.92
CA ARG A 88 -11.98 15.01 -18.90
C ARG A 88 -10.93 15.90 -18.24
N PRO A 89 -9.79 16.07 -18.90
CA PRO A 89 -8.69 16.90 -18.40
C PRO A 89 -9.03 18.39 -18.43
N GLU A 90 -8.18 19.20 -17.81
CA GLU A 90 -8.39 20.64 -17.76
C GLU A 90 -9.78 20.97 -17.23
N PRO A 91 -9.98 20.80 -15.92
CA PRO A 91 -11.27 21.07 -15.27
C PRO A 91 -11.60 22.56 -15.23
N SER A 92 -12.83 22.89 -15.58
CA SER A 92 -13.27 24.28 -15.59
C SER A 92 -14.34 24.53 -14.52
N GLY A 1 -13.67 -50.72 56.79
CA GLY A 1 -13.61 -49.66 55.80
C GLY A 1 -13.99 -50.12 54.41
N SER A 2 -12.98 -50.50 53.62
CA SER A 2 -13.22 -50.97 52.26
C SER A 2 -12.14 -51.95 51.83
N HIS A 3 -12.24 -52.44 50.60
CA HIS A 3 -11.27 -53.39 50.06
C HIS A 3 -10.50 -52.77 48.90
N MET A 4 -9.43 -52.05 49.23
CA MET A 4 -8.60 -51.41 48.22
C MET A 4 -7.36 -52.25 47.91
N GLU A 5 -7.32 -52.80 46.70
CA GLU A 5 -6.19 -53.64 46.28
C GLU A 5 -5.42 -52.97 45.15
N SER A 6 -6.13 -52.19 44.34
CA SER A 6 -5.52 -51.50 43.21
C SER A 6 -4.76 -50.26 43.68
N LYS A 7 -3.43 -50.36 43.75
CA LYS A 7 -2.60 -49.24 44.18
C LYS A 7 -1.99 -48.54 42.98
N SER A 8 -1.86 -47.21 43.09
CA SER A 8 -1.30 -46.41 42.01
C SER A 8 0.06 -45.82 42.42
N SER A 9 0.96 -46.70 42.87
CA SER A 9 2.28 -46.28 43.30
C SER A 9 3.23 -46.19 42.11
N SER A 10 3.42 -44.98 41.58
CA SER A 10 4.29 -44.77 40.43
C SER A 10 5.70 -44.42 40.90
N LYS A 11 5.86 -43.22 41.45
CA LYS A 11 7.15 -42.75 41.93
C LYS A 11 7.00 -41.49 42.76
N LYS A 12 7.98 -41.23 43.62
CA LYS A 12 7.96 -40.04 44.48
C LYS A 12 9.19 -39.18 44.22
N LEU A 13 9.20 -38.49 43.09
CA LEU A 13 10.32 -37.62 42.73
C LEU A 13 9.85 -36.48 41.83
N LYS A 14 10.54 -35.34 41.92
CA LYS A 14 10.19 -34.18 41.11
C LYS A 14 10.43 -34.46 39.64
N GLU A 15 9.51 -33.99 38.80
CA GLU A 15 9.63 -34.19 37.35
C GLU A 15 9.49 -32.86 36.61
N ASN A 16 10.55 -32.05 36.65
CA ASN A 16 10.55 -30.76 35.97
C ASN A 16 11.37 -30.81 34.70
N ALA A 17 10.69 -30.87 33.56
CA ALA A 17 11.35 -30.93 32.26
C ALA A 17 10.76 -29.91 31.30
N LYS A 18 11.62 -29.17 30.61
CA LYS A 18 11.18 -28.16 29.66
C LYS A 18 10.91 -28.78 28.30
N GLU A 19 9.72 -29.36 28.13
CA GLU A 19 9.35 -29.99 26.88
C GLU A 19 8.22 -29.21 26.19
N GLU A 20 8.43 -27.91 26.03
CA GLU A 20 7.44 -27.05 25.39
C GLU A 20 8.07 -26.23 24.27
N GLU A 21 7.64 -26.49 23.04
CA GLU A 21 8.15 -25.78 21.88
C GLU A 21 7.04 -25.49 20.88
N GLY A 22 7.03 -24.26 20.36
CA GLY A 22 6.02 -23.88 19.39
C GLY A 22 6.15 -22.44 18.94
N GLY A 23 5.25 -22.00 18.09
CA GLY A 23 5.30 -20.63 17.59
C GLY A 23 4.08 -20.28 16.75
N GLU A 24 4.30 -20.18 15.44
CA GLU A 24 3.21 -19.83 14.52
C GLU A 24 3.50 -20.36 13.11
N GLU A 25 2.51 -20.26 12.24
CA GLU A 25 2.66 -20.72 10.86
C GLU A 25 2.21 -19.65 9.87
N GLU A 26 3.17 -18.97 9.27
CA GLU A 26 2.87 -17.92 8.31
C GLU A 26 4.09 -17.63 7.43
N GLU A 27 3.84 -17.04 6.26
CA GLU A 27 4.91 -16.70 5.33
C GLU A 27 5.27 -15.23 5.42
N GLU A 28 4.40 -14.37 4.88
CA GLU A 28 4.64 -12.94 4.90
C GLU A 28 3.45 -12.19 4.30
N ASP A 29 3.38 -10.88 4.57
CA ASP A 29 2.30 -10.06 4.06
C ASP A 29 2.64 -8.56 4.20
N GLU A 30 2.31 -7.79 3.18
CA GLU A 30 2.58 -6.36 3.18
C GLU A 30 1.29 -5.56 3.00
N TYR A 31 1.39 -4.25 3.16
CA TYR A 31 0.24 -3.37 3.01
C TYR A 31 0.63 -2.06 2.33
N VAL A 32 0.18 -1.89 1.09
CA VAL A 32 0.49 -0.69 0.33
C VAL A 32 -0.77 -0.12 -0.34
N VAL A 33 -0.80 1.18 -0.52
CA VAL A 33 -1.94 1.85 -1.14
C VAL A 33 -2.16 1.34 -2.56
N GLU A 34 -3.30 0.69 -2.77
CA GLU A 34 -3.63 0.15 -4.09
C GLU A 34 -4.36 1.19 -4.93
N LYS A 35 -5.46 1.71 -4.40
CA LYS A 35 -6.25 2.72 -5.10
C LYS A 35 -7.13 3.50 -4.12
N VAL A 36 -7.81 4.51 -4.63
CA VAL A 36 -8.69 5.33 -3.80
C VAL A 36 -10.10 4.75 -3.73
N LEU A 37 -10.66 4.73 -2.53
CA LEU A 37 -12.00 4.20 -2.32
C LEU A 37 -13.06 5.28 -2.53
N LYS A 38 -12.94 6.36 -1.77
CA LYS A 38 -13.89 7.46 -1.87
C LYS A 38 -13.17 8.81 -1.71
N HIS A 39 -13.85 9.89 -2.08
CA HIS A 39 -13.29 11.22 -1.98
C HIS A 39 -14.15 12.11 -1.08
N ARG A 40 -13.57 13.21 -0.61
CA ARG A 40 -14.29 14.14 0.25
C ARG A 40 -13.70 15.55 0.14
N MET A 41 -14.53 16.56 0.41
CA MET A 41 -14.08 17.94 0.34
C MET A 41 -13.71 18.46 1.72
N ALA A 42 -12.58 19.14 1.81
CA ALA A 42 -12.11 19.69 3.07
C ALA A 42 -13.14 20.63 3.69
N ARG A 43 -13.62 20.27 4.88
CA ARG A 43 -14.61 21.08 5.58
C ARG A 43 -13.96 22.23 6.33
N LYS A 44 -12.74 21.99 6.82
CA LYS A 44 -12.00 23.01 7.56
C LYS A 44 -11.53 24.14 6.62
N GLY A 45 -11.54 23.85 5.33
CA GLY A 45 -11.11 24.84 4.35
C GLY A 45 -9.61 24.83 4.12
N GLY A 46 -9.09 23.69 3.67
CA GLY A 46 -7.67 23.58 3.42
C GLY A 46 -7.37 22.95 2.07
N GLY A 47 -7.75 21.68 1.91
CA GLY A 47 -7.50 20.99 0.65
C GLY A 47 -8.62 20.01 0.32
N TYR A 48 -8.30 18.73 0.33
CA TYR A 48 -9.27 17.70 0.02
C TYR A 48 -8.95 16.39 0.75
N GLU A 49 -9.95 15.52 0.85
CA GLU A 49 -9.77 14.24 1.53
C GLU A 49 -9.98 13.08 0.56
N TYR A 50 -9.27 11.99 0.79
CA TYR A 50 -9.38 10.80 -0.05
C TYR A 50 -9.11 9.53 0.75
N LEU A 51 -10.00 8.56 0.61
CA LEU A 51 -9.87 7.29 1.31
C LEU A 51 -8.90 6.36 0.58
N LEU A 52 -8.03 5.70 1.33
CA LEU A 52 -7.06 4.78 0.75
C LEU A 52 -7.51 3.33 0.91
N LYS A 53 -7.25 2.52 -0.10
CA LYS A 53 -7.62 1.11 -0.07
C LYS A 53 -6.39 0.21 -0.13
N TRP A 54 -6.46 -0.94 0.52
CA TRP A 54 -5.35 -1.89 0.53
C TRP A 54 -5.47 -2.87 -0.63
N GLU A 55 -4.33 -3.22 -1.21
CA GLU A 55 -4.30 -4.16 -2.33
C GLU A 55 -4.59 -5.59 -1.86
N GLY A 56 -5.67 -6.16 -2.38
CA GLY A 56 -6.04 -7.51 -2.00
C GLY A 56 -7.03 -7.55 -0.85
N TYR A 57 -6.94 -6.56 0.03
CA TYR A 57 -7.83 -6.47 1.19
C TYR A 57 -8.91 -5.43 0.97
N ASP A 58 -10.16 -5.82 1.18
CA ASP A 58 -11.29 -4.92 1.00
C ASP A 58 -11.84 -4.48 2.35
N ASP A 59 -11.43 -3.30 2.80
CA ASP A 59 -11.89 -2.75 4.07
C ASP A 59 -13.20 -1.98 3.91
N PRO A 60 -13.94 -1.82 5.00
CA PRO A 60 -15.22 -1.11 5.01
C PRO A 60 -15.05 0.39 4.79
N SER A 61 -16.10 1.15 5.06
CA SER A 61 -16.07 2.60 4.88
C SER A 61 -15.23 3.25 5.97
N ASP A 62 -14.78 2.45 6.94
CA ASP A 62 -13.97 2.95 8.04
C ASP A 62 -12.49 2.89 7.69
N ASN A 63 -12.19 2.70 6.40
CA ASN A 63 -10.82 2.63 5.93
C ASN A 63 -10.01 3.84 6.40
N THR A 64 -8.72 3.84 6.10
CA THR A 64 -7.84 4.93 6.49
C THR A 64 -7.97 6.11 5.51
N TRP A 65 -8.17 7.29 6.05
CA TRP A 65 -8.30 8.50 5.24
C TRP A 65 -6.95 9.13 4.96
N SER A 66 -6.83 9.86 3.86
CA SER A 66 -5.58 10.51 3.49
C SER A 66 -5.85 11.90 2.92
N SER A 67 -5.05 12.87 3.36
CA SER A 67 -5.20 14.25 2.91
C SER A 67 -4.37 14.50 1.66
N GLU A 68 -4.59 15.65 1.03
CA GLU A 68 -3.86 16.01 -0.18
C GLU A 68 -2.36 15.88 0.03
N ALA A 69 -1.92 16.09 1.26
CA ALA A 69 -0.50 16.00 1.60
C ALA A 69 0.07 14.64 1.21
N ASP A 70 -0.57 13.58 1.69
CA ASP A 70 -0.13 12.22 1.39
C ASP A 70 -0.48 11.83 -0.04
N CYS A 71 -1.56 12.43 -0.56
CA CYS A 71 -2.00 12.16 -1.93
C CYS A 71 -0.88 12.40 -2.92
N SER A 72 0.05 13.28 -2.56
CA SER A 72 1.17 13.62 -3.43
C SER A 72 1.95 12.36 -3.82
N GLY A 73 1.89 11.35 -2.95
CA GLY A 73 2.60 10.11 -3.22
C GLY A 73 1.79 9.15 -4.06
N CYS A 74 0.47 9.15 -3.85
CA CYS A 74 -0.42 8.27 -4.60
C CYS A 74 -1.15 9.04 -5.70
N LYS A 75 -0.48 10.02 -6.27
CA LYS A 75 -1.06 10.84 -7.33
C LYS A 75 -1.67 9.96 -8.42
N GLN A 76 -0.95 8.90 -8.78
CA GLN A 76 -1.42 7.98 -9.81
C GLN A 76 -2.83 7.49 -9.50
N LEU A 77 -3.07 7.17 -8.24
CA LEU A 77 -4.37 6.68 -7.81
C LEU A 77 -5.40 7.80 -7.79
N ILE A 78 -5.00 8.95 -7.27
CA ILE A 78 -5.88 10.11 -7.19
C ILE A 78 -6.49 10.41 -8.55
N GLU A 79 -5.65 10.46 -9.58
CA GLU A 79 -6.11 10.74 -10.93
C GLU A 79 -6.81 9.52 -11.54
N ALA A 80 -6.25 8.34 -11.28
CA ALA A 80 -6.81 7.10 -11.79
C ALA A 80 -8.26 6.94 -11.36
N TYR A 81 -8.56 7.34 -10.13
CA TYR A 81 -9.92 7.23 -9.60
C TYR A 81 -10.88 8.12 -10.38
N TRP A 82 -10.46 9.35 -10.65
CA TRP A 82 -11.28 10.29 -11.39
C TRP A 82 -11.43 9.86 -12.84
N ASN A 83 -10.37 9.30 -13.40
CA ASN A 83 -10.37 8.85 -14.78
C ASN A 83 -11.57 7.94 -15.05
N GLU A 84 -11.78 6.97 -14.16
CA GLU A 84 -12.89 6.04 -14.30
C GLU A 84 -14.22 6.76 -14.30
N HIS A 85 -14.25 7.94 -13.68
CA HIS A 85 -15.47 8.74 -13.59
C HIS A 85 -15.66 9.55 -14.87
N GLY A 86 -14.56 10.07 -15.41
CA GLY A 86 -14.63 10.86 -16.63
C GLY A 86 -14.41 12.33 -16.38
N GLY A 87 -13.65 12.65 -15.34
CA GLY A 87 -13.38 14.02 -15.00
C GLY A 87 -12.04 14.51 -15.55
N ARG A 88 -11.99 15.75 -15.98
CA ARG A 88 -10.77 16.33 -16.53
C ARG A 88 -9.89 16.90 -15.43
N PRO A 89 -8.59 17.07 -15.73
CA PRO A 89 -7.63 17.62 -14.77
C PRO A 89 -7.86 19.10 -14.49
N GLU A 90 -8.64 19.38 -13.46
CA GLU A 90 -8.95 20.76 -13.08
C GLU A 90 -9.46 21.56 -14.28
N PRO A 91 -10.71 21.30 -14.67
CA PRO A 91 -11.35 21.96 -15.81
C PRO A 91 -11.64 23.44 -15.52
N SER A 92 -11.44 24.28 -16.53
CA SER A 92 -11.67 25.71 -16.38
C SER A 92 -12.92 26.14 -17.14
N GLY A 1 -7.52 -18.55 56.82
CA GLY A 1 -7.00 -18.09 55.54
C GLY A 1 -6.35 -19.21 54.74
N SER A 2 -7.02 -19.63 53.67
CA SER A 2 -6.50 -20.70 52.83
C SER A 2 -6.18 -20.19 51.42
N HIS A 3 -5.12 -20.73 50.83
CA HIS A 3 -4.71 -20.33 49.49
C HIS A 3 -3.57 -21.20 48.98
N MET A 4 -3.78 -21.83 47.84
CA MET A 4 -2.77 -22.70 47.25
C MET A 4 -1.89 -21.92 46.28
N GLU A 5 -0.67 -21.58 46.73
CA GLU A 5 0.26 -20.84 45.89
C GLU A 5 1.63 -21.50 45.89
N SER A 6 1.64 -22.82 46.07
CA SER A 6 2.89 -23.58 46.10
C SER A 6 3.29 -23.99 44.69
N LYS A 7 3.80 -23.05 43.91
CA LYS A 7 4.22 -23.31 42.54
C LYS A 7 5.07 -22.16 42.00
N SER A 8 5.89 -22.46 41.00
CA SER A 8 6.76 -21.45 40.40
C SER A 8 7.45 -22.01 39.16
N SER A 9 7.56 -21.17 38.13
CA SER A 9 8.19 -21.58 36.88
C SER A 9 9.42 -20.71 36.58
N SER A 10 10.26 -20.52 37.59
CA SER A 10 11.46 -19.72 37.44
C SER A 10 12.71 -20.52 37.81
N LYS A 11 13.87 -20.01 37.40
CA LYS A 11 15.13 -20.68 37.68
C LYS A 11 15.15 -22.09 37.10
N LYS A 12 14.33 -22.31 36.08
CA LYS A 12 14.25 -23.62 35.43
C LYS A 12 15.54 -23.93 34.69
N LEU A 13 15.80 -25.22 34.48
CA LEU A 13 17.01 -25.66 33.78
C LEU A 13 16.72 -26.90 32.94
N LYS A 14 17.04 -26.81 31.64
CA LYS A 14 16.82 -27.92 30.72
C LYS A 14 17.56 -27.68 29.41
N GLU A 15 17.35 -28.58 28.46
CA GLU A 15 17.99 -28.48 27.15
C GLU A 15 16.98 -28.69 26.02
N ASN A 16 15.74 -28.31 26.27
CA ASN A 16 14.68 -28.46 25.28
C ASN A 16 13.96 -27.14 25.06
N ALA A 17 14.67 -26.16 24.54
CA ALA A 17 14.10 -24.84 24.27
C ALA A 17 13.82 -24.65 22.78
N LYS A 18 12.55 -24.68 22.41
CA LYS A 18 12.15 -24.51 21.02
C LYS A 18 11.31 -23.25 20.85
N GLU A 19 11.66 -22.20 21.58
CA GLU A 19 10.94 -20.93 21.50
C GLU A 19 11.29 -20.19 20.22
N GLU A 20 12.54 -19.75 20.11
CA GLU A 20 13.00 -19.02 18.93
C GLU A 20 13.44 -19.98 17.84
N GLU A 21 13.68 -19.45 16.65
CA GLU A 21 14.11 -20.27 15.52
C GLU A 21 15.51 -19.87 15.06
N GLY A 22 15.68 -18.60 14.71
CA GLY A 22 16.97 -18.12 14.26
C GLY A 22 16.98 -17.78 12.78
N GLY A 23 15.92 -17.11 12.32
CA GLY A 23 15.84 -16.73 10.92
C GLY A 23 14.53 -16.05 10.58
N GLU A 24 14.39 -14.81 11.03
CA GLU A 24 13.17 -14.04 10.78
C GLU A 24 13.32 -13.17 9.53
N GLU A 25 12.40 -13.33 8.60
CA GLU A 25 12.43 -12.57 7.35
C GLU A 25 11.15 -11.76 7.17
N GLU A 26 10.04 -12.46 6.97
CA GLU A 26 8.75 -11.81 6.78
C GLU A 26 7.72 -12.34 7.79
N GLU A 27 7.01 -11.42 8.43
CA GLU A 27 6.00 -11.79 9.41
C GLU A 27 4.60 -11.62 8.84
N GLU A 28 4.22 -10.36 8.61
CA GLU A 28 2.90 -10.05 8.07
C GLU A 28 3.00 -9.48 6.66
N ASP A 29 1.89 -9.47 5.94
CA ASP A 29 1.86 -8.95 4.58
C ASP A 29 2.07 -7.44 4.57
N GLU A 30 2.49 -6.91 3.42
CA GLU A 30 2.73 -5.49 3.28
C GLU A 30 1.42 -4.73 3.09
N TYR A 31 1.46 -3.42 3.32
CA TYR A 31 0.26 -2.58 3.17
C TYR A 31 0.57 -1.35 2.34
N VAL A 32 0.06 -1.32 1.12
CA VAL A 32 0.28 -0.18 0.22
C VAL A 32 -1.00 0.22 -0.48
N VAL A 33 -1.12 1.50 -0.81
CA VAL A 33 -2.31 2.01 -1.49
C VAL A 33 -2.46 1.39 -2.87
N GLU A 34 -3.55 0.64 -3.05
CA GLU A 34 -3.81 -0.03 -4.33
C GLU A 34 -4.71 0.84 -5.21
N LYS A 35 -5.81 1.32 -4.65
CA LYS A 35 -6.75 2.16 -5.38
C LYS A 35 -7.53 3.05 -4.43
N VAL A 36 -7.77 4.29 -4.85
CA VAL A 36 -8.52 5.24 -4.03
C VAL A 36 -9.99 4.85 -3.93
N LEU A 37 -10.47 4.69 -2.71
CA LEU A 37 -11.86 4.32 -2.47
C LEU A 37 -12.80 5.47 -2.81
N LYS A 38 -12.65 6.58 -2.10
CA LYS A 38 -13.48 7.75 -2.33
C LYS A 38 -12.77 9.02 -1.85
N HIS A 39 -13.41 10.17 -2.09
CA HIS A 39 -12.84 11.46 -1.68
C HIS A 39 -13.84 12.24 -0.86
N ARG A 40 -13.35 13.24 -0.13
CA ARG A 40 -14.20 14.08 0.71
C ARG A 40 -13.64 15.50 0.80
N MET A 41 -14.50 16.44 1.21
CA MET A 41 -14.09 17.83 1.35
C MET A 41 -13.78 18.17 2.79
N ALA A 42 -12.81 19.06 3.01
CA ALA A 42 -12.43 19.46 4.35
C ALA A 42 -13.55 20.24 5.03
N ARG A 43 -13.57 20.21 6.35
CA ARG A 43 -14.59 20.91 7.13
C ARG A 43 -14.21 22.37 7.33
N LYS A 44 -12.91 22.64 7.38
CA LYS A 44 -12.41 23.99 7.57
C LYS A 44 -12.46 24.78 6.26
N GLY A 45 -12.58 24.06 5.15
CA GLY A 45 -12.64 24.71 3.86
C GLY A 45 -11.27 25.07 3.32
N GLY A 46 -10.37 24.08 3.28
CA GLY A 46 -9.03 24.31 2.78
C GLY A 46 -8.22 23.03 2.68
N GLY A 47 -8.67 22.13 1.80
CA GLY A 47 -7.97 20.87 1.62
C GLY A 47 -8.89 19.76 1.17
N TYR A 48 -8.32 18.74 0.55
CA TYR A 48 -9.11 17.60 0.06
C TYR A 48 -8.72 16.32 0.79
N GLU A 49 -9.65 15.38 0.84
CA GLU A 49 -9.42 14.10 1.51
C GLU A 49 -9.72 12.93 0.58
N TYR A 50 -8.97 11.84 0.74
CA TYR A 50 -9.17 10.66 -0.08
C TYR A 50 -8.88 9.38 0.72
N LEU A 51 -9.81 8.45 0.66
CA LEU A 51 -9.66 7.19 1.38
C LEU A 51 -8.79 6.20 0.60
N LEU A 52 -7.85 5.57 1.29
CA LEU A 52 -6.94 4.62 0.67
C LEU A 52 -7.44 3.20 0.85
N LYS A 53 -7.31 2.39 -0.19
CA LYS A 53 -7.74 0.99 -0.14
C LYS A 53 -6.55 0.05 -0.15
N TRP A 54 -6.52 -0.87 0.80
CA TRP A 54 -5.43 -1.84 0.89
C TRP A 54 -5.54 -2.89 -0.21
N GLU A 55 -4.41 -3.20 -0.84
CA GLU A 55 -4.38 -4.18 -1.92
C GLU A 55 -4.73 -5.57 -1.38
N GLY A 56 -5.80 -6.15 -1.91
CA GLY A 56 -6.21 -7.48 -1.48
C GLY A 56 -7.25 -7.42 -0.36
N TYR A 57 -7.15 -6.40 0.49
CA TYR A 57 -8.06 -6.23 1.60
C TYR A 57 -9.09 -5.15 1.30
N ASP A 58 -10.37 -5.52 1.40
CA ASP A 58 -11.45 -4.58 1.15
C ASP A 58 -12.11 -4.13 2.45
N ASP A 59 -11.71 -2.97 2.94
CA ASP A 59 -12.26 -2.43 4.19
C ASP A 59 -13.52 -1.62 3.91
N PRO A 60 -14.35 -1.45 4.96
CA PRO A 60 -15.60 -0.69 4.85
C PRO A 60 -15.35 0.81 4.68
N SER A 61 -16.40 1.60 4.85
CA SER A 61 -16.30 3.05 4.72
C SER A 61 -15.44 3.64 5.83
N ASP A 62 -15.16 2.83 6.84
CA ASP A 62 -14.34 3.27 7.97
C ASP A 62 -12.86 2.99 7.70
N ASN A 63 -12.52 2.73 6.45
CA ASN A 63 -11.14 2.46 6.06
C ASN A 63 -10.23 3.62 6.46
N THR A 64 -8.96 3.52 6.06
CA THR A 64 -7.99 4.56 6.37
C THR A 64 -8.10 5.73 5.40
N TRP A 65 -8.05 6.95 5.93
CA TRP A 65 -8.14 8.15 5.11
C TRP A 65 -6.77 8.79 4.91
N SER A 66 -6.61 9.53 3.81
CA SER A 66 -5.36 10.18 3.50
C SER A 66 -5.59 11.63 3.09
N SER A 67 -4.66 12.51 3.47
CA SER A 67 -4.76 13.93 3.14
C SER A 67 -4.09 14.22 1.80
N GLU A 68 -4.09 15.50 1.41
CA GLU A 68 -3.48 15.91 0.16
C GLU A 68 -1.99 15.58 0.15
N ALA A 69 -1.40 15.50 1.33
CA ALA A 69 0.02 15.19 1.45
C ALA A 69 0.37 13.91 0.70
N ASP A 70 -0.54 12.94 0.74
CA ASP A 70 -0.33 11.68 0.06
C ASP A 70 -0.63 11.79 -1.43
N CYS A 71 -1.43 12.79 -1.79
CA CYS A 71 -1.81 13.01 -3.18
C CYS A 71 -0.57 13.11 -4.07
N SER A 72 0.54 13.55 -3.48
CA SER A 72 1.79 13.70 -4.22
C SER A 72 2.50 12.34 -4.34
N GLY A 73 2.32 11.50 -3.34
CA GLY A 73 2.95 10.19 -3.35
C GLY A 73 2.20 9.19 -4.20
N CYS A 74 0.87 9.22 -4.10
CA CYS A 74 0.03 8.30 -4.88
C CYS A 74 -0.79 9.07 -5.92
N LYS A 75 -0.19 10.12 -6.47
CA LYS A 75 -0.87 10.93 -7.48
C LYS A 75 -1.45 10.06 -8.58
N GLN A 76 -0.69 9.04 -8.99
CA GLN A 76 -1.12 8.13 -10.04
C GLN A 76 -2.50 7.54 -9.72
N LEU A 77 -2.68 7.15 -8.47
CA LEU A 77 -3.94 6.57 -8.02
C LEU A 77 -5.03 7.64 -7.93
N ILE A 78 -4.67 8.78 -7.36
CA ILE A 78 -5.61 9.88 -7.22
C ILE A 78 -6.29 10.21 -8.53
N GLU A 79 -5.49 10.40 -9.58
CA GLU A 79 -6.01 10.71 -10.91
C GLU A 79 -6.64 9.48 -11.54
N ALA A 80 -6.00 8.33 -11.38
CA ALA A 80 -6.50 7.08 -11.95
C ALA A 80 -7.96 6.85 -11.55
N TYR A 81 -8.30 7.20 -10.31
CA TYR A 81 -9.66 7.03 -9.82
C TYR A 81 -10.64 7.92 -10.58
N TRP A 82 -10.33 9.21 -10.63
CA TRP A 82 -11.17 10.17 -11.33
C TRP A 82 -11.33 9.79 -12.79
N ASN A 83 -10.25 9.29 -13.39
CA ASN A 83 -10.27 8.89 -14.79
C ASN A 83 -11.24 7.73 -15.02
N GLU A 84 -11.44 6.93 -13.99
CA GLU A 84 -12.34 5.78 -14.07
C GLU A 84 -13.80 6.26 -14.19
N HIS A 85 -14.09 7.41 -13.62
CA HIS A 85 -15.44 7.97 -13.66
C HIS A 85 -15.69 8.66 -15.00
N GLY A 86 -14.63 9.16 -15.62
CA GLY A 86 -14.76 9.85 -16.89
C GLY A 86 -14.70 11.35 -16.75
N GLY A 87 -13.81 11.84 -15.89
CA GLY A 87 -13.69 13.26 -15.68
C GLY A 87 -12.84 13.93 -16.75
N ARG A 88 -13.19 15.17 -17.10
CA ARG A 88 -12.46 15.91 -18.12
C ARG A 88 -11.39 16.79 -17.49
N PRO A 89 -10.39 17.18 -18.28
CA PRO A 89 -9.29 18.03 -17.82
C PRO A 89 -9.74 19.45 -17.53
N GLU A 90 -9.26 19.99 -16.41
CA GLU A 90 -9.62 21.35 -16.01
C GLU A 90 -9.35 22.33 -17.15
N PRO A 91 -10.05 23.48 -17.11
CA PRO A 91 -9.92 24.52 -18.13
C PRO A 91 -8.57 25.23 -18.06
N SER A 92 -8.21 25.92 -19.14
CA SER A 92 -6.94 26.63 -19.20
C SER A 92 -6.98 27.72 -20.27
N GLY A 1 72.54 -42.31 -27.37
CA GLY A 1 71.51 -43.28 -27.68
C GLY A 1 70.88 -43.87 -26.43
N SER A 2 69.93 -43.15 -25.86
CA SER A 2 69.24 -43.60 -24.65
C SER A 2 67.81 -43.10 -24.62
N HIS A 3 66.93 -43.87 -23.98
CA HIS A 3 65.52 -43.50 -23.87
C HIS A 3 65.31 -42.47 -22.78
N MET A 4 64.10 -41.92 -22.70
CA MET A 4 63.77 -40.91 -21.70
C MET A 4 62.75 -41.46 -20.70
N GLU A 5 61.96 -42.43 -21.14
CA GLU A 5 60.94 -43.03 -20.28
C GLU A 5 59.98 -41.97 -19.76
N SER A 6 59.47 -41.14 -20.66
CA SER A 6 58.54 -40.08 -20.29
C SER A 6 57.13 -40.43 -20.74
N LYS A 7 56.99 -40.87 -21.98
CA LYS A 7 55.69 -41.24 -22.53
C LYS A 7 55.63 -42.74 -22.81
N SER A 8 55.12 -43.48 -21.84
CA SER A 8 54.99 -44.93 -21.98
C SER A 8 53.56 -45.39 -21.73
N SER A 9 52.98 -44.94 -20.62
CA SER A 9 51.62 -45.29 -20.26
C SER A 9 50.64 -44.22 -20.72
N SER A 10 50.62 -43.10 -20.01
CA SER A 10 49.73 -42.00 -20.34
C SER A 10 48.28 -42.46 -20.33
N LYS A 11 47.99 -43.45 -19.50
CA LYS A 11 46.63 -44.00 -19.40
C LYS A 11 46.02 -43.66 -18.04
N LYS A 12 45.02 -42.79 -18.05
CA LYS A 12 44.35 -42.39 -16.82
C LYS A 12 43.01 -41.71 -17.11
N LEU A 13 41.93 -42.29 -16.62
CA LEU A 13 40.60 -41.74 -16.83
C LEU A 13 39.93 -41.39 -15.50
N LYS A 14 39.53 -40.14 -15.37
CA LYS A 14 38.89 -39.67 -14.15
C LYS A 14 37.51 -39.09 -14.46
N GLU A 15 36.81 -38.65 -13.42
CA GLU A 15 35.47 -38.08 -13.57
C GLU A 15 34.97 -37.51 -12.25
N ASN A 16 34.50 -36.26 -12.30
CA ASN A 16 34.00 -35.60 -11.11
C ASN A 16 32.76 -34.76 -11.44
N ALA A 17 31.88 -34.61 -10.46
CA ALA A 17 30.66 -33.83 -10.64
C ALA A 17 30.12 -33.34 -9.30
N LYS A 18 29.76 -32.05 -9.25
CA LYS A 18 29.23 -31.46 -8.02
C LYS A 18 28.12 -30.46 -8.35
N GLU A 19 27.17 -30.33 -7.43
CA GLU A 19 26.06 -29.41 -7.61
C GLU A 19 25.34 -29.15 -6.29
N GLU A 20 25.08 -27.88 -6.01
CA GLU A 20 24.40 -27.50 -4.77
C GLU A 20 23.23 -26.56 -5.07
N GLU A 21 22.24 -26.57 -4.18
CA GLU A 21 21.06 -25.73 -4.34
C GLU A 21 20.20 -25.73 -3.07
N GLY A 22 19.89 -24.55 -2.57
CA GLY A 22 19.09 -24.44 -1.38
C GLY A 22 18.77 -22.99 -1.02
N GLY A 23 17.56 -22.77 -0.50
CA GLY A 23 17.16 -21.43 -0.12
C GLY A 23 15.72 -21.37 0.32
N GLU A 24 15.50 -21.09 1.61
CA GLU A 24 14.16 -21.01 2.16
C GLU A 24 13.76 -19.56 2.38
N GLU A 25 13.10 -18.98 1.38
CA GLU A 25 12.65 -17.59 1.46
C GLU A 25 11.13 -17.51 1.51
N GLU A 26 10.61 -16.72 2.44
CA GLU A 26 9.17 -16.55 2.58
C GLU A 26 8.69 -15.28 1.89
N GLU A 27 7.42 -15.26 1.52
CA GLU A 27 6.84 -14.11 0.84
C GLU A 27 6.57 -12.98 1.82
N GLU A 28 6.70 -11.74 1.36
CA GLU A 28 6.47 -10.57 2.20
C GLU A 28 5.11 -9.96 1.91
N ASP A 29 4.65 -9.11 2.82
CA ASP A 29 3.35 -8.44 2.66
C ASP A 29 3.25 -7.23 3.58
N GLU A 30 3.20 -6.05 2.99
CA GLU A 30 3.11 -4.81 3.75
C GLU A 30 1.92 -3.98 3.28
N TYR A 31 1.28 -3.28 4.22
CA TYR A 31 0.12 -2.45 3.91
C TYR A 31 0.54 -1.21 3.13
N VAL A 32 0.11 -1.14 1.87
CA VAL A 32 0.44 -0.01 1.02
C VAL A 32 -0.78 0.45 0.22
N VAL A 33 -0.84 1.75 -0.06
CA VAL A 33 -1.95 2.32 -0.82
C VAL A 33 -2.04 1.70 -2.21
N GLU A 34 -3.15 1.01 -2.48
CA GLU A 34 -3.36 0.38 -3.77
C GLU A 34 -4.20 1.27 -4.68
N LYS A 35 -5.37 1.66 -4.20
CA LYS A 35 -6.27 2.51 -4.97
C LYS A 35 -7.04 3.47 -4.05
N VAL A 36 -7.81 4.36 -4.66
CA VAL A 36 -8.60 5.32 -3.89
C VAL A 36 -10.06 4.90 -3.83
N LEU A 37 -10.57 4.73 -2.62
CA LEU A 37 -11.97 4.33 -2.42
C LEU A 37 -12.91 5.47 -2.76
N LYS A 38 -12.79 6.57 -2.02
CA LYS A 38 -13.63 7.74 -2.24
C LYS A 38 -12.94 9.01 -1.75
N HIS A 39 -13.57 10.16 -2.01
CA HIS A 39 -13.01 11.44 -1.59
C HIS A 39 -13.99 12.20 -0.72
N ARG A 40 -13.48 13.19 0.02
CA ARG A 40 -14.33 13.99 0.90
C ARG A 40 -13.80 15.42 0.99
N MET A 41 -14.72 16.38 1.10
CA MET A 41 -14.35 17.79 1.19
C MET A 41 -13.92 18.14 2.61
N ALA A 42 -12.95 19.03 2.72
CA ALA A 42 -12.44 19.46 4.03
C ALA A 42 -13.43 20.41 4.69
N ARG A 43 -13.70 20.16 5.98
CA ARG A 43 -14.63 21.00 6.73
C ARG A 43 -13.91 22.24 7.26
N LYS A 44 -12.61 22.14 7.47
CA LYS A 44 -11.82 23.26 7.97
C LYS A 44 -11.37 24.16 6.83
N GLY A 45 -11.42 23.63 5.61
CA GLY A 45 -11.01 24.39 4.44
C GLY A 45 -9.53 24.28 4.18
N GLY A 46 -8.92 23.20 4.65
CA GLY A 46 -7.49 23.00 4.45
C GLY A 46 -7.18 22.47 3.06
N GLY A 47 -7.95 21.49 2.62
CA GLY A 47 -7.74 20.90 1.30
C GLY A 47 -8.78 19.86 0.95
N TYR A 48 -8.32 18.68 0.54
CA TYR A 48 -9.21 17.60 0.17
C TYR A 48 -8.86 16.31 0.93
N GLU A 49 -9.80 15.37 0.95
CA GLU A 49 -9.59 14.10 1.63
C GLU A 49 -9.88 12.93 0.71
N TYR A 50 -9.16 11.83 0.90
CA TYR A 50 -9.35 10.64 0.08
C TYR A 50 -9.07 9.37 0.88
N LEU A 51 -9.96 8.40 0.77
CA LEU A 51 -9.81 7.14 1.49
C LEU A 51 -8.87 6.20 0.75
N LEU A 52 -7.89 5.67 1.47
CA LEU A 52 -6.92 4.76 0.88
C LEU A 52 -7.43 3.31 0.93
N LYS A 53 -7.12 2.55 -0.12
CA LYS A 53 -7.55 1.15 -0.19
C LYS A 53 -6.34 0.23 -0.17
N TRP A 54 -6.35 -0.71 0.76
CA TRP A 54 -5.25 -1.67 0.91
C TRP A 54 -5.32 -2.73 -0.20
N GLU A 55 -4.16 -3.09 -0.73
CA GLU A 55 -4.08 -4.08 -1.80
C GLU A 55 -4.46 -5.47 -1.27
N GLY A 56 -5.52 -6.04 -1.84
CA GLY A 56 -5.96 -7.35 -1.42
C GLY A 56 -7.02 -7.29 -0.33
N TYR A 57 -6.93 -6.27 0.51
CA TYR A 57 -7.89 -6.10 1.60
C TYR A 57 -8.90 -5.02 1.27
N ASP A 58 -10.18 -5.37 1.33
CA ASP A 58 -11.25 -4.43 1.04
C ASP A 58 -12.00 -4.04 2.31
N ASP A 59 -11.63 -2.89 2.87
CA ASP A 59 -12.26 -2.40 4.09
C ASP A 59 -13.50 -1.57 3.77
N PRO A 60 -14.39 -1.43 4.76
CA PRO A 60 -15.64 -0.66 4.61
C PRO A 60 -15.38 0.83 4.50
N SER A 61 -16.44 1.62 4.64
CA SER A 61 -16.33 3.07 4.55
C SER A 61 -15.53 3.63 5.73
N ASP A 62 -15.28 2.78 6.72
CA ASP A 62 -14.52 3.18 7.90
C ASP A 62 -13.04 2.94 7.70
N ASN A 63 -12.64 2.72 6.45
CA ASN A 63 -11.24 2.47 6.13
C ASN A 63 -10.36 3.64 6.56
N THR A 64 -9.09 3.61 6.16
CA THR A 64 -8.15 4.66 6.51
C THR A 64 -8.32 5.86 5.59
N TRP A 65 -8.43 7.05 6.18
CA TRP A 65 -8.58 8.28 5.41
C TRP A 65 -7.26 9.03 5.29
N SER A 66 -6.94 9.48 4.09
CA SER A 66 -5.70 10.20 3.85
C SER A 66 -5.98 11.59 3.28
N SER A 67 -5.17 12.56 3.67
CA SER A 67 -5.33 13.94 3.21
C SER A 67 -5.02 14.05 1.73
N GLU A 68 -5.18 15.25 1.19
CA GLU A 68 -4.92 15.50 -0.23
C GLU A 68 -3.41 15.53 -0.50
N ALA A 69 -2.64 15.89 0.51
CA ALA A 69 -1.20 15.96 0.38
C ALA A 69 -0.62 14.63 -0.09
N ASP A 70 -1.36 13.55 0.15
CA ASP A 70 -0.93 12.22 -0.25
C ASP A 70 -0.93 12.08 -1.77
N CYS A 71 -1.68 12.96 -2.44
CA CYS A 71 -1.77 12.93 -3.89
C CYS A 71 -0.38 12.97 -4.52
N SER A 72 0.58 13.52 -3.79
CA SER A 72 1.95 13.62 -4.28
C SER A 72 2.59 12.23 -4.39
N GLY A 73 2.20 11.34 -3.49
CA GLY A 73 2.74 9.99 -3.50
C GLY A 73 1.88 9.02 -4.28
N CYS A 74 0.57 9.13 -4.11
CA CYS A 74 -0.37 8.26 -4.80
C CYS A 74 -1.01 8.97 -5.98
N LYS A 75 -0.24 9.85 -6.62
CA LYS A 75 -0.73 10.60 -7.77
C LYS A 75 -1.37 9.67 -8.80
N GLN A 76 -0.71 8.54 -9.05
CA GLN A 76 -1.21 7.56 -10.01
C GLN A 76 -2.65 7.17 -9.69
N LEU A 77 -2.94 6.99 -8.41
CA LEU A 77 -4.28 6.62 -7.98
C LEU A 77 -5.24 7.79 -8.11
N ILE A 78 -4.80 8.96 -7.66
CA ILE A 78 -5.63 10.16 -7.74
C ILE A 78 -6.17 10.38 -9.15
N GLU A 79 -5.28 10.27 -10.14
CA GLU A 79 -5.66 10.45 -11.53
C GLU A 79 -6.41 9.23 -12.05
N ALA A 80 -5.95 8.04 -11.66
CA ALA A 80 -6.58 6.80 -12.08
C ALA A 80 -8.05 6.77 -11.69
N TYR A 81 -8.34 7.20 -10.47
CA TYR A 81 -9.71 7.20 -9.98
C TYR A 81 -10.60 8.10 -10.84
N TRP A 82 -10.18 9.34 -11.02
CA TRP A 82 -10.93 10.29 -11.83
C TRP A 82 -11.05 9.82 -13.27
N ASN A 83 -9.97 9.21 -13.77
CA ASN A 83 -9.95 8.70 -15.14
C ASN A 83 -11.09 7.72 -15.38
N GLU A 84 -11.53 7.07 -14.31
CA GLU A 84 -12.62 6.10 -14.40
C GLU A 84 -13.95 6.80 -14.63
N HIS A 85 -14.05 8.04 -14.16
CA HIS A 85 -15.28 8.82 -14.31
C HIS A 85 -15.38 9.39 -15.72
N GLY A 86 -14.23 9.58 -16.37
CA GLY A 86 -14.21 10.11 -17.71
C GLY A 86 -13.72 11.54 -17.76
N GLY A 87 -12.68 11.83 -16.97
CA GLY A 87 -12.13 13.18 -16.93
C GLY A 87 -11.49 13.57 -18.25
N ARG A 88 -11.05 14.82 -18.34
CA ARG A 88 -10.41 15.32 -19.56
C ARG A 88 -9.03 14.72 -19.73
N PRO A 89 -8.51 14.77 -20.97
CA PRO A 89 -7.19 14.23 -21.30
C PRO A 89 -6.06 15.05 -20.69
N GLU A 90 -4.84 14.53 -20.76
CA GLU A 90 -3.68 15.21 -20.22
C GLU A 90 -2.56 15.30 -21.26
N PRO A 91 -1.66 16.28 -21.08
CA PRO A 91 -0.54 16.50 -21.99
C PRO A 91 0.50 15.37 -21.90
N SER A 92 1.00 14.94 -23.05
CA SER A 92 2.00 13.88 -23.10
C SER A 92 2.94 14.07 -24.30
N GLY A 1 -65.88 -25.62 11.72
CA GLY A 1 -64.60 -25.15 11.20
C GLY A 1 -63.51 -26.19 11.34
N SER A 2 -62.36 -25.92 10.73
CA SER A 2 -61.23 -26.85 10.77
C SER A 2 -59.91 -26.10 10.92
N HIS A 3 -59.04 -26.61 11.78
CA HIS A 3 -57.74 -26.00 12.02
C HIS A 3 -56.78 -26.29 10.87
N MET A 4 -55.70 -25.53 10.82
CA MET A 4 -54.70 -25.72 9.76
C MET A 4 -53.41 -26.33 10.33
N GLU A 5 -52.86 -27.30 9.62
CA GLU A 5 -51.64 -27.97 10.05
C GLU A 5 -50.51 -27.72 9.06
N SER A 6 -50.43 -26.50 8.55
CA SER A 6 -49.40 -26.14 7.57
C SER A 6 -48.70 -24.85 7.99
N LYS A 7 -47.37 -24.85 7.91
CA LYS A 7 -46.59 -23.68 8.27
C LYS A 7 -45.48 -23.43 7.25
N SER A 8 -45.46 -22.24 6.67
CA SER A 8 -44.46 -21.89 5.68
C SER A 8 -43.07 -21.81 6.30
N SER A 9 -42.28 -22.87 6.11
CA SER A 9 -40.94 -22.93 6.65
C SER A 9 -39.89 -22.77 5.55
N SER A 10 -38.67 -22.43 5.96
CA SER A 10 -37.58 -22.23 5.01
C SER A 10 -36.25 -22.69 5.61
N LYS A 11 -35.31 -23.04 4.73
CA LYS A 11 -33.99 -23.49 5.17
C LYS A 11 -32.90 -22.97 4.24
N LYS A 12 -31.88 -22.35 4.83
CA LYS A 12 -30.77 -21.81 4.06
C LYS A 12 -29.58 -22.76 4.08
N LEU A 13 -28.67 -22.58 3.12
CA LEU A 13 -27.49 -23.42 3.02
C LEU A 13 -26.22 -22.60 3.26
N LYS A 14 -25.93 -22.34 4.54
CA LYS A 14 -24.75 -21.57 4.90
C LYS A 14 -23.48 -22.28 4.45
N GLU A 15 -22.81 -21.72 3.44
CA GLU A 15 -21.58 -22.30 2.92
C GLU A 15 -20.35 -21.68 3.59
N ASN A 16 -20.14 -22.02 4.85
CA ASN A 16 -19.01 -21.50 5.61
C ASN A 16 -17.81 -22.42 5.50
N ALA A 17 -16.85 -22.05 4.64
CA ALA A 17 -15.65 -22.84 4.44
C ALA A 17 -14.44 -21.95 4.19
N LYS A 18 -13.36 -22.22 4.91
CA LYS A 18 -12.13 -21.44 4.76
C LYS A 18 -11.14 -22.15 3.84
N GLU A 19 -11.15 -21.76 2.56
CA GLU A 19 -10.26 -22.35 1.58
C GLU A 19 -8.81 -22.19 1.99
N GLU A 20 -7.92 -22.93 1.33
CA GLU A 20 -6.50 -22.86 1.63
C GLU A 20 -5.66 -23.08 0.38
N GLU A 21 -4.80 -22.10 0.07
CA GLU A 21 -3.94 -22.19 -1.11
C GLU A 21 -2.60 -21.52 -0.85
N GLY A 22 -1.54 -22.34 -0.82
CA GLY A 22 -0.20 -21.82 -0.58
C GLY A 22 0.29 -22.12 0.83
N GLY A 23 1.61 -22.19 0.98
CA GLY A 23 2.19 -22.48 2.28
C GLY A 23 3.65 -22.06 2.37
N GLU A 24 3.99 -20.96 1.71
CA GLU A 24 5.36 -20.46 1.72
C GLU A 24 5.52 -19.35 2.75
N GLU A 25 6.71 -19.27 3.35
CA GLU A 25 7.00 -18.26 4.35
C GLU A 25 7.44 -16.96 3.70
N GLU A 26 7.26 -15.85 4.42
CA GLU A 26 7.63 -14.54 3.91
C GLU A 26 8.21 -13.67 5.02
N GLU A 27 8.94 -12.63 4.64
CA GLU A 27 9.56 -11.72 5.60
C GLU A 27 9.14 -10.27 5.33
N GLU A 28 7.94 -10.11 4.77
CA GLU A 28 7.43 -8.78 4.45
C GLU A 28 6.43 -8.32 5.51
N ASP A 29 5.31 -9.03 5.61
CA ASP A 29 4.28 -8.71 6.59
C ASP A 29 3.85 -7.24 6.45
N GLU A 30 3.59 -6.83 5.22
CA GLU A 30 3.18 -5.45 4.95
C GLU A 30 2.21 -5.39 3.78
N TYR A 31 1.52 -4.26 3.65
CA TYR A 31 0.55 -4.08 2.57
C TYR A 31 0.93 -2.90 1.69
N VAL A 32 0.22 -2.74 0.58
CA VAL A 32 0.48 -1.66 -0.36
C VAL A 32 -0.81 -1.00 -0.81
N VAL A 33 -0.74 0.29 -1.13
CA VAL A 33 -1.91 1.04 -1.58
C VAL A 33 -2.35 0.57 -2.96
N GLU A 34 -3.55 0.00 -3.03
CA GLU A 34 -4.09 -0.50 -4.29
C GLU A 34 -4.62 0.67 -5.14
N LYS A 35 -5.51 1.46 -4.57
CA LYS A 35 -6.09 2.59 -5.27
C LYS A 35 -6.89 3.47 -4.32
N VAL A 36 -7.37 4.60 -4.83
CA VAL A 36 -8.16 5.53 -4.02
C VAL A 36 -9.60 5.06 -3.89
N LEU A 37 -10.07 4.91 -2.65
CA LEU A 37 -11.42 4.46 -2.39
C LEU A 37 -12.43 5.55 -2.77
N LYS A 38 -12.29 6.72 -2.14
CA LYS A 38 -13.19 7.84 -2.40
C LYS A 38 -12.55 9.16 -1.96
N HIS A 39 -13.17 10.26 -2.35
CA HIS A 39 -12.68 11.58 -2.00
C HIS A 39 -13.69 12.34 -1.15
N ARG A 40 -13.23 13.39 -0.48
CA ARG A 40 -14.10 14.19 0.37
C ARG A 40 -13.58 15.62 0.49
N MET A 41 -14.41 16.51 1.02
CA MET A 41 -14.03 17.91 1.18
C MET A 41 -14.00 18.29 2.66
N ALA A 42 -12.82 18.74 3.12
CA ALA A 42 -12.67 19.14 4.52
C ALA A 42 -13.65 20.24 4.89
N ARG A 43 -14.53 19.94 5.83
CA ARG A 43 -15.53 20.91 6.28
C ARG A 43 -14.86 22.08 6.99
N LYS A 44 -13.69 21.84 7.55
CA LYS A 44 -12.95 22.88 8.26
C LYS A 44 -12.41 23.92 7.29
N GLY A 45 -12.37 23.56 6.01
CA GLY A 45 -11.88 24.47 5.00
C GLY A 45 -10.41 24.26 4.68
N GLY A 46 -9.90 23.08 5.04
CA GLY A 46 -8.50 22.77 4.78
C GLY A 46 -8.25 22.40 3.34
N GLY A 47 -9.31 22.02 2.62
CA GLY A 47 -9.17 21.64 1.22
C GLY A 47 -9.94 20.39 0.88
N TYR A 48 -9.22 19.28 0.70
CA TYR A 48 -9.86 18.02 0.36
C TYR A 48 -9.05 16.84 0.92
N GLU A 49 -9.62 15.65 0.83
CA GLU A 49 -8.95 14.45 1.33
C GLU A 49 -9.20 13.26 0.40
N TYR A 50 -8.47 12.18 0.61
CA TYR A 50 -8.61 10.98 -0.20
C TYR A 50 -8.42 9.72 0.63
N LEU A 51 -9.38 8.80 0.54
CA LEU A 51 -9.32 7.55 1.29
C LEU A 51 -8.43 6.53 0.58
N LEU A 52 -7.55 5.89 1.35
CA LEU A 52 -6.65 4.89 0.78
C LEU A 52 -7.26 3.49 0.89
N LYS A 53 -7.04 2.69 -0.15
CA LYS A 53 -7.56 1.32 -0.17
C LYS A 53 -6.43 0.31 -0.20
N TRP A 54 -6.60 -0.79 0.53
CA TRP A 54 -5.59 -1.84 0.59
C TRP A 54 -5.87 -2.92 -0.45
N GLU A 55 -4.81 -3.39 -1.10
CA GLU A 55 -4.94 -4.44 -2.11
C GLU A 55 -5.26 -5.78 -1.47
N GLY A 56 -6.39 -6.37 -1.86
CA GLY A 56 -6.79 -7.65 -1.32
C GLY A 56 -7.71 -7.52 -0.12
N TYR A 57 -7.51 -6.45 0.65
CA TYR A 57 -8.33 -6.21 1.84
C TYR A 57 -9.38 -5.12 1.56
N ASP A 58 -10.64 -5.46 1.80
CA ASP A 58 -11.73 -4.52 1.59
C ASP A 58 -12.30 -4.04 2.92
N ASP A 59 -11.85 -2.86 3.36
CA ASP A 59 -12.32 -2.29 4.61
C ASP A 59 -13.57 -1.45 4.39
N PRO A 60 -14.33 -1.24 5.48
CA PRO A 60 -15.58 -0.46 5.43
C PRO A 60 -15.32 1.03 5.20
N SER A 61 -16.33 1.86 5.45
CA SER A 61 -16.21 3.30 5.26
C SER A 61 -15.24 3.89 6.28
N ASP A 62 -14.83 3.08 7.25
CA ASP A 62 -13.91 3.54 8.29
C ASP A 62 -12.47 3.34 7.84
N ASN A 63 -12.28 3.14 6.54
CA ASN A 63 -10.94 2.95 5.99
C ASN A 63 -10.01 4.08 6.40
N THR A 64 -8.74 3.96 6.03
CA THR A 64 -7.75 4.98 6.36
C THR A 64 -7.84 6.17 5.42
N TRP A 65 -7.93 7.36 5.99
CA TRP A 65 -8.03 8.59 5.20
C TRP A 65 -6.65 9.22 5.01
N SER A 66 -6.48 9.93 3.91
CA SER A 66 -5.21 10.58 3.60
C SER A 66 -5.42 12.04 3.22
N SER A 67 -4.51 12.90 3.65
CA SER A 67 -4.60 14.33 3.36
C SER A 67 -3.95 14.65 2.02
N GLU A 68 -4.00 15.93 1.64
CA GLU A 68 -3.41 16.36 0.38
C GLU A 68 -1.95 15.91 0.27
N ALA A 69 -1.29 15.79 1.41
CA ALA A 69 0.11 15.36 1.45
C ALA A 69 0.29 14.04 0.69
N ASP A 70 -0.69 13.15 0.84
CA ASP A 70 -0.63 11.85 0.17
C ASP A 70 -1.03 11.97 -1.30
N CYS A 71 -1.80 13.00 -1.61
CA CYS A 71 -2.27 13.22 -2.98
C CYS A 71 -1.09 13.23 -3.95
N SER A 72 0.06 13.67 -3.47
CA SER A 72 1.26 13.73 -4.30
C SER A 72 1.93 12.37 -4.38
N GLY A 73 1.83 11.60 -3.30
CA GLY A 73 2.42 10.28 -3.27
C GLY A 73 1.65 9.26 -4.07
N CYS A 74 0.32 9.34 -4.00
CA CYS A 74 -0.54 8.42 -4.73
C CYS A 74 -1.16 9.11 -5.95
N LYS A 75 -0.38 9.98 -6.59
CA LYS A 75 -0.85 10.69 -7.76
C LYS A 75 -1.45 9.73 -8.78
N GLN A 76 -0.77 8.61 -9.01
CA GLN A 76 -1.25 7.62 -9.97
C GLN A 76 -2.69 7.23 -9.68
N LEU A 77 -3.01 7.07 -8.39
CA LEU A 77 -4.36 6.70 -7.98
C LEU A 77 -5.33 7.87 -8.17
N ILE A 78 -4.89 9.05 -7.76
CA ILE A 78 -5.71 10.26 -7.88
C ILE A 78 -6.22 10.42 -9.31
N GLU A 79 -5.33 10.29 -10.27
CA GLU A 79 -5.68 10.43 -11.68
C GLU A 79 -6.42 9.19 -12.18
N ALA A 80 -5.96 8.03 -11.75
CA ALA A 80 -6.56 6.77 -12.15
C ALA A 80 -8.03 6.72 -11.77
N TYR A 81 -8.36 7.24 -10.59
CA TYR A 81 -9.73 7.26 -10.11
C TYR A 81 -10.65 7.96 -11.11
N TRP A 82 -10.32 9.21 -11.43
CA TRP A 82 -11.12 9.98 -12.37
C TRP A 82 -10.98 9.42 -13.79
N ASN A 83 -9.84 8.79 -14.06
CA ASN A 83 -9.59 8.22 -15.38
C ASN A 83 -10.56 7.08 -15.67
N GLU A 84 -10.97 6.38 -14.62
CA GLU A 84 -11.91 5.27 -14.75
C GLU A 84 -13.27 5.75 -15.24
N HIS A 85 -13.61 6.99 -14.89
CA HIS A 85 -14.89 7.57 -15.29
C HIS A 85 -14.78 8.26 -16.65
N GLY A 86 -13.59 8.81 -16.93
CA GLY A 86 -13.38 9.48 -18.19
C GLY A 86 -13.40 10.99 -18.06
N GLY A 87 -12.79 11.50 -16.99
CA GLY A 87 -12.76 12.93 -16.77
C GLY A 87 -11.63 13.61 -17.51
N ARG A 88 -11.79 14.91 -17.77
CA ARG A 88 -10.77 15.67 -18.49
C ARG A 88 -9.54 15.90 -17.62
N PRO A 89 -8.41 16.22 -18.26
CA PRO A 89 -7.15 16.47 -17.56
C PRO A 89 -7.17 17.76 -16.76
N GLU A 90 -6.07 18.06 -16.09
CA GLU A 90 -5.96 19.28 -15.29
C GLU A 90 -4.99 20.26 -15.92
N PRO A 91 -5.10 21.54 -15.52
CA PRO A 91 -4.23 22.62 -16.04
C PRO A 91 -2.80 22.49 -15.54
N SER A 92 -1.92 23.34 -16.05
CA SER A 92 -0.52 23.32 -15.67
C SER A 92 -0.24 24.36 -14.58
N GLY A 1 64.22 -59.26 12.80
CA GLY A 1 63.23 -58.66 13.67
C GLY A 1 61.81 -59.09 13.31
N SER A 2 61.25 -59.98 14.11
CA SER A 2 59.90 -60.47 13.88
C SER A 2 59.12 -60.61 15.19
N HIS A 3 58.02 -59.89 15.29
CA HIS A 3 57.19 -59.93 16.49
C HIS A 3 55.79 -59.39 16.21
N MET A 4 54.78 -60.21 16.48
CA MET A 4 53.40 -59.81 16.25
C MET A 4 52.87 -58.98 17.41
N GLU A 5 52.10 -57.94 17.10
CA GLU A 5 51.54 -57.07 18.13
C GLU A 5 50.06 -56.80 17.86
N SER A 6 49.29 -57.87 17.67
CA SER A 6 47.86 -57.74 17.39
C SER A 6 47.05 -57.82 18.68
N LYS A 7 45.86 -57.23 18.67
CA LYS A 7 44.99 -57.24 19.84
C LYS A 7 44.21 -58.55 19.92
N SER A 8 44.09 -59.08 21.14
CA SER A 8 43.37 -60.33 21.36
C SER A 8 41.91 -60.19 20.95
N SER A 9 41.33 -59.03 21.23
CA SER A 9 39.93 -58.76 20.91
C SER A 9 39.80 -57.52 20.04
N SER A 10 38.71 -57.43 19.29
CA SER A 10 38.47 -56.29 18.42
C SER A 10 37.75 -55.17 19.18
N LYS A 11 37.99 -53.93 18.75
CA LYS A 11 37.37 -52.78 19.38
C LYS A 11 36.09 -52.37 18.65
N LYS A 12 34.96 -52.86 19.13
CA LYS A 12 33.66 -52.56 18.53
C LYS A 12 33.29 -51.10 18.76
N LEU A 13 33.47 -50.27 17.73
CA LEU A 13 33.16 -48.86 17.81
C LEU A 13 31.72 -48.60 17.40
N LYS A 14 31.06 -47.69 18.12
CA LYS A 14 29.67 -47.34 17.82
C LYS A 14 29.59 -46.15 16.88
N GLU A 15 29.30 -46.43 15.61
CA GLU A 15 29.20 -45.37 14.60
C GLU A 15 28.06 -44.41 14.93
N ASN A 16 28.15 -43.20 14.40
CA ASN A 16 27.13 -42.19 14.63
C ASN A 16 26.93 -41.32 13.40
N ALA A 17 25.75 -40.70 13.29
CA ALA A 17 25.44 -39.85 12.16
C ALA A 17 25.48 -38.37 12.56
N LYS A 18 25.85 -37.52 11.61
CA LYS A 18 25.94 -36.09 11.87
C LYS A 18 24.65 -35.38 11.44
N GLU A 19 24.44 -34.18 11.97
CA GLU A 19 23.25 -33.41 11.64
C GLU A 19 23.62 -32.12 10.91
N GLU A 20 22.60 -31.35 10.53
CA GLU A 20 22.83 -30.09 9.82
C GLU A 20 21.87 -29.01 10.31
N GLU A 21 22.42 -27.83 10.59
CA GLU A 21 21.61 -26.71 11.07
C GLU A 21 20.76 -26.14 9.95
N GLY A 22 21.39 -25.89 8.81
CA GLY A 22 20.66 -25.33 7.67
C GLY A 22 20.27 -23.89 7.88
N GLY A 23 19.29 -23.43 7.12
CA GLY A 23 18.82 -22.06 7.24
C GLY A 23 17.88 -21.65 6.13
N GLU A 24 16.58 -21.60 6.45
CA GLU A 24 15.57 -21.23 5.48
C GLU A 24 15.32 -19.72 5.48
N GLU A 25 14.94 -19.19 4.32
CA GLU A 25 14.68 -17.76 4.20
C GLU A 25 13.26 -17.51 3.69
N GLU A 26 12.57 -16.57 4.34
CA GLU A 26 11.20 -16.24 3.95
C GLU A 26 11.05 -14.74 3.75
N GLU A 27 10.41 -14.35 2.65
CA GLU A 27 10.19 -12.94 2.34
C GLU A 27 9.07 -12.35 3.20
N GLU A 28 9.10 -11.05 3.39
CA GLU A 28 8.09 -10.36 4.19
C GLU A 28 7.00 -9.77 3.31
N ASP A 29 5.92 -9.31 3.93
CA ASP A 29 4.81 -8.72 3.20
C ASP A 29 4.70 -7.23 3.49
N GLU A 30 4.20 -6.47 2.52
CA GLU A 30 4.05 -5.03 2.66
C GLU A 30 2.63 -4.59 2.28
N TYR A 31 2.21 -3.46 2.84
CA TYR A 31 0.88 -2.93 2.56
C TYR A 31 0.96 -1.57 1.88
N VAL A 32 0.44 -1.50 0.67
CA VAL A 32 0.45 -0.26 -0.10
C VAL A 32 -0.93 0.04 -0.70
N VAL A 33 -1.24 1.33 -0.83
CA VAL A 33 -2.53 1.74 -1.40
C VAL A 33 -2.69 1.24 -2.82
N GLU A 34 -3.66 0.37 -3.04
CA GLU A 34 -3.92 -0.17 -4.36
C GLU A 34 -4.72 0.81 -5.21
N LYS A 35 -5.60 1.56 -4.56
CA LYS A 35 -6.43 2.54 -5.25
C LYS A 35 -7.25 3.36 -4.25
N VAL A 36 -7.98 4.35 -4.76
CA VAL A 36 -8.81 5.21 -3.91
C VAL A 36 -10.24 4.67 -3.83
N LEU A 37 -10.84 4.81 -2.66
CA LEU A 37 -12.21 4.35 -2.45
C LEU A 37 -13.21 5.45 -2.76
N LYS A 38 -13.13 6.55 -2.01
CA LYS A 38 -14.03 7.68 -2.21
C LYS A 38 -13.32 9.00 -1.96
N HIS A 39 -14.01 10.10 -2.20
CA HIS A 39 -13.44 11.43 -1.98
C HIS A 39 -14.31 12.25 -1.05
N ARG A 40 -13.67 12.99 -0.15
CA ARG A 40 -14.39 13.82 0.81
C ARG A 40 -13.71 15.18 0.98
N MET A 41 -14.49 16.18 1.37
CA MET A 41 -13.95 17.53 1.56
C MET A 41 -13.47 17.71 3.01
N ALA A 42 -12.48 18.58 3.18
CA ALA A 42 -11.93 18.85 4.51
C ALA A 42 -12.94 19.60 5.37
N ARG A 43 -12.88 19.35 6.68
CA ARG A 43 -13.79 19.99 7.62
C ARG A 43 -13.38 21.44 7.87
N LYS A 44 -12.09 21.72 7.69
CA LYS A 44 -11.57 23.06 7.89
C LYS A 44 -12.06 24.01 6.79
N GLY A 45 -12.54 23.44 5.69
CA GLY A 45 -13.03 24.24 4.60
C GLY A 45 -11.93 24.62 3.62
N GLY A 46 -10.94 23.75 3.48
CA GLY A 46 -9.84 24.01 2.58
C GLY A 46 -8.93 22.82 2.39
N GLY A 47 -9.31 21.91 1.49
CA GLY A 47 -8.51 20.73 1.25
C GLY A 47 -9.34 19.54 0.85
N TYR A 48 -8.73 18.59 0.15
CA TYR A 48 -9.43 17.39 -0.29
C TYR A 48 -8.81 16.14 0.31
N GLU A 49 -9.67 15.23 0.77
CA GLU A 49 -9.20 13.98 1.37
C GLU A 49 -9.79 12.77 0.65
N TYR A 50 -8.93 11.79 0.35
CA TYR A 50 -9.37 10.59 -0.34
C TYR A 50 -9.10 9.35 0.50
N LEU A 51 -9.96 8.36 0.38
CA LEU A 51 -9.82 7.11 1.13
C LEU A 51 -8.82 6.18 0.46
N LEU A 52 -7.89 5.66 1.24
CA LEU A 52 -6.87 4.75 0.72
C LEU A 52 -7.30 3.30 0.88
N LYS A 53 -7.29 2.55 -0.22
CA LYS A 53 -7.69 1.14 -0.19
C LYS A 53 -6.46 0.25 -0.07
N TRP A 54 -6.57 -0.75 0.80
CA TRP A 54 -5.46 -1.69 1.02
C TRP A 54 -5.46 -2.79 -0.04
N GLU A 55 -4.30 -3.02 -0.65
CA GLU A 55 -4.17 -4.04 -1.68
C GLU A 55 -4.47 -5.42 -1.11
N GLY A 56 -5.50 -6.07 -1.67
CA GLY A 56 -5.87 -7.40 -1.20
C GLY A 56 -6.93 -7.35 -0.11
N TYR A 57 -6.88 -6.31 0.71
CA TYR A 57 -7.84 -6.16 1.80
C TYR A 57 -8.91 -5.12 1.45
N ASP A 58 -10.17 -5.53 1.52
CA ASP A 58 -11.29 -4.64 1.20
C ASP A 58 -11.87 -4.05 2.48
N ASP A 59 -11.44 -2.84 2.81
CA ASP A 59 -11.92 -2.16 4.01
C ASP A 59 -13.19 -1.35 3.70
N PRO A 60 -13.96 -1.05 4.75
CA PRO A 60 -15.20 -0.27 4.62
C PRO A 60 -14.95 1.17 4.27
N SER A 61 -15.99 2.00 4.36
CA SER A 61 -15.88 3.42 4.04
C SER A 61 -15.19 4.18 5.17
N ASP A 62 -14.99 3.49 6.29
CA ASP A 62 -14.34 4.09 7.45
C ASP A 62 -12.84 3.84 7.43
N ASN A 63 -12.32 3.45 6.26
CA ASN A 63 -10.90 3.18 6.11
C ASN A 63 -10.07 4.40 6.45
N THR A 64 -8.77 4.34 6.13
CA THR A 64 -7.87 5.46 6.40
C THR A 64 -8.01 6.55 5.36
N TRP A 65 -7.96 7.80 5.81
CA TRP A 65 -8.08 8.94 4.90
C TRP A 65 -6.71 9.53 4.59
N SER A 66 -6.57 10.07 3.38
CA SER A 66 -5.30 10.66 2.95
C SER A 66 -5.52 12.07 2.40
N SER A 67 -4.76 13.02 2.90
CA SER A 67 -4.86 14.41 2.47
C SER A 67 -4.02 14.65 1.21
N GLU A 68 -4.10 15.86 0.68
CA GLU A 68 -3.34 16.22 -0.51
C GLU A 68 -1.85 15.96 -0.31
N ALA A 69 -1.40 16.08 0.93
CA ALA A 69 0.00 15.85 1.27
C ALA A 69 0.42 14.42 0.96
N ASP A 70 -0.45 13.47 1.32
CA ASP A 70 -0.17 12.06 1.08
C ASP A 70 -0.43 11.69 -0.37
N CYS A 71 -1.33 12.43 -1.02
CA CYS A 71 -1.67 12.17 -2.41
C CYS A 71 -0.42 12.15 -3.28
N SER A 72 0.59 12.90 -2.86
CA SER A 72 1.84 12.97 -3.61
C SER A 72 2.45 11.58 -3.79
N GLY A 73 2.10 10.67 -2.89
CA GLY A 73 2.62 9.32 -2.97
C GLY A 73 1.78 8.43 -3.88
N CYS A 74 0.47 8.57 -3.79
CA CYS A 74 -0.44 7.77 -4.61
C CYS A 74 -1.08 8.63 -5.71
N LYS A 75 -0.29 9.54 -6.26
CA LYS A 75 -0.77 10.42 -7.31
C LYS A 75 -1.46 9.62 -8.42
N GLN A 76 -0.80 8.53 -8.84
CA GLN A 76 -1.34 7.69 -9.90
C GLN A 76 -2.78 7.27 -9.58
N LEU A 77 -3.04 6.98 -8.31
CA LEU A 77 -4.37 6.57 -7.88
C LEU A 77 -5.34 7.76 -7.88
N ILE A 78 -4.88 8.88 -7.34
CA ILE A 78 -5.71 10.08 -7.29
C ILE A 78 -6.25 10.44 -8.67
N GLU A 79 -5.38 10.42 -9.66
CA GLU A 79 -5.77 10.74 -11.03
C GLU A 79 -6.55 9.58 -11.66
N ALA A 80 -6.10 8.35 -11.37
CA ALA A 80 -6.75 7.17 -11.91
C ALA A 80 -8.22 7.13 -11.52
N TYR A 81 -8.51 7.43 -10.26
CA TYR A 81 -9.88 7.42 -9.77
C TYR A 81 -10.76 8.35 -10.60
N TRP A 82 -10.26 9.54 -10.88
CA TRP A 82 -11.01 10.52 -11.67
C TRP A 82 -11.18 10.04 -13.11
N ASN A 83 -10.12 9.48 -13.67
CA ASN A 83 -10.16 8.98 -15.04
C ASN A 83 -11.26 7.92 -15.20
N GLU A 84 -11.30 6.99 -14.25
CA GLU A 84 -12.30 5.91 -14.28
C GLU A 84 -13.71 6.49 -14.21
N HIS A 85 -13.84 7.63 -13.56
CA HIS A 85 -15.14 8.28 -13.40
C HIS A 85 -15.51 9.05 -14.67
N GLY A 86 -14.49 9.50 -15.40
CA GLY A 86 -14.73 10.24 -16.62
C GLY A 86 -14.45 11.73 -16.45
N GLY A 87 -13.57 12.06 -15.51
CA GLY A 87 -13.23 13.45 -15.27
C GLY A 87 -12.36 14.03 -16.36
N ARG A 88 -12.33 15.35 -16.44
CA ARG A 88 -11.52 16.04 -17.46
C ARG A 88 -10.05 16.04 -17.07
N PRO A 89 -9.17 16.24 -18.07
CA PRO A 89 -7.73 16.27 -17.86
C PRO A 89 -7.28 17.51 -17.09
N GLU A 90 -6.82 17.31 -15.86
CA GLU A 90 -6.37 18.41 -15.03
C GLU A 90 -5.35 19.28 -15.76
N PRO A 91 -5.21 20.54 -15.34
CA PRO A 91 -4.29 21.49 -15.95
C PRO A 91 -2.82 21.13 -15.66
N SER A 92 -1.92 21.64 -16.49
CA SER A 92 -0.50 21.38 -16.33
C SER A 92 0.14 22.40 -15.40
N GLY A 1 16.21 -62.33 63.45
CA GLY A 1 16.37 -61.88 62.08
C GLY A 1 15.06 -61.44 61.46
N SER A 2 14.73 -60.17 61.61
CA SER A 2 13.49 -59.62 61.06
C SER A 2 13.74 -58.87 59.76
N HIS A 3 13.26 -59.43 58.66
CA HIS A 3 13.44 -58.82 57.35
C HIS A 3 12.12 -58.80 56.57
N MET A 4 12.00 -57.87 55.63
CA MET A 4 10.80 -57.73 54.83
C MET A 4 10.78 -58.77 53.70
N GLU A 5 9.72 -58.74 52.90
CA GLU A 5 9.59 -59.68 51.79
C GLU A 5 9.18 -58.95 50.52
N SER A 6 9.88 -57.85 50.22
CA SER A 6 9.59 -57.07 49.03
C SER A 6 10.88 -56.55 48.40
N LYS A 7 10.75 -55.90 47.25
CA LYS A 7 11.90 -55.36 46.54
C LYS A 7 11.61 -53.94 46.04
N SER A 8 12.68 -53.16 45.87
CA SER A 8 12.55 -51.78 45.40
C SER A 8 12.48 -51.73 43.88
N SER A 9 11.84 -50.68 43.35
CA SER A 9 11.70 -50.51 41.91
C SER A 9 12.71 -49.49 41.38
N SER A 10 13.47 -49.90 40.37
CA SER A 10 14.47 -49.03 39.77
C SER A 10 14.35 -49.02 38.25
N LYS A 11 14.84 -47.94 37.64
CA LYS A 11 14.78 -47.80 36.19
C LYS A 11 16.13 -48.15 35.56
N LYS A 12 16.15 -49.21 34.77
CA LYS A 12 17.37 -49.65 34.10
C LYS A 12 17.08 -50.17 32.70
N LEU A 13 17.83 -49.69 31.72
CA LEU A 13 17.65 -50.11 30.34
C LEU A 13 16.20 -49.93 29.90
N LYS A 14 15.90 -48.77 29.31
CA LYS A 14 14.56 -48.47 28.84
C LYS A 14 14.57 -48.10 27.37
N GLU A 15 15.62 -47.41 26.94
CA GLU A 15 15.74 -47.00 25.55
C GLU A 15 14.55 -46.14 25.12
N ASN A 16 14.12 -45.25 26.01
CA ASN A 16 12.99 -44.37 25.73
C ASN A 16 13.46 -43.08 25.05
N ALA A 17 12.52 -42.18 24.79
CA ALA A 17 12.85 -40.91 24.16
C ALA A 17 11.60 -40.01 24.05
N LYS A 18 11.81 -38.72 24.18
CA LYS A 18 10.71 -37.75 24.10
C LYS A 18 10.59 -37.18 22.69
N GLU A 19 9.63 -37.70 21.93
CA GLU A 19 9.41 -37.23 20.57
C GLU A 19 9.20 -35.72 20.53
N GLU A 20 9.80 -35.07 19.54
CA GLU A 20 9.67 -33.62 19.40
C GLU A 20 10.03 -33.19 17.98
N GLU A 21 9.21 -32.29 17.41
CA GLU A 21 9.43 -31.79 16.07
C GLU A 21 10.58 -30.78 16.04
N GLY A 22 10.44 -29.73 16.84
CA GLY A 22 11.47 -28.70 16.89
C GLY A 22 11.59 -27.93 15.59
N GLY A 23 11.12 -26.70 15.58
CA GLY A 23 11.18 -25.87 14.38
C GLY A 23 9.86 -25.25 14.03
N GLU A 24 9.61 -24.04 14.54
CA GLU A 24 8.37 -23.33 14.27
C GLU A 24 8.42 -22.64 12.91
N GLU A 25 7.34 -21.92 12.59
CA GLU A 25 7.27 -21.21 11.31
C GLU A 25 6.53 -19.88 11.48
N GLU A 26 7.06 -18.84 10.87
CA GLU A 26 6.46 -17.51 10.94
C GLU A 26 6.97 -16.61 9.84
N GLU A 27 6.15 -15.64 9.43
CA GLU A 27 6.53 -14.71 8.38
C GLU A 27 6.00 -13.30 8.67
N GLU A 28 6.49 -12.32 7.92
CA GLU A 28 6.07 -10.95 8.10
C GLU A 28 5.50 -10.38 6.81
N ASP A 29 4.46 -9.54 6.94
CA ASP A 29 3.82 -8.93 5.78
C ASP A 29 3.63 -7.43 6.00
N GLU A 30 3.34 -6.72 4.91
CA GLU A 30 3.14 -5.28 4.99
C GLU A 30 2.03 -4.83 4.02
N TYR A 31 1.24 -3.87 4.46
CA TYR A 31 0.15 -3.35 3.64
C TYR A 31 0.64 -2.26 2.69
N VAL A 32 0.01 -2.16 1.53
CA VAL A 32 0.38 -1.17 0.53
C VAL A 32 -0.86 -0.50 -0.07
N VAL A 33 -0.72 0.77 -0.42
CA VAL A 33 -1.83 1.53 -1.01
C VAL A 33 -2.18 0.99 -2.39
N GLU A 34 -3.39 0.46 -2.52
CA GLU A 34 -3.85 -0.09 -3.79
C GLU A 34 -4.38 1.01 -4.70
N LYS A 35 -5.33 1.77 -4.19
CA LYS A 35 -5.93 2.87 -4.95
C LYS A 35 -6.86 3.70 -4.07
N VAL A 36 -7.38 4.80 -4.64
CA VAL A 36 -8.28 5.68 -3.91
C VAL A 36 -9.66 5.04 -3.76
N LEU A 37 -10.10 4.88 -2.51
CA LEU A 37 -11.39 4.29 -2.23
C LEU A 37 -12.52 5.30 -2.47
N LYS A 38 -12.48 6.42 -1.76
CA LYS A 38 -13.48 7.46 -1.91
C LYS A 38 -12.85 8.84 -1.81
N HIS A 39 -13.66 9.88 -2.02
CA HIS A 39 -13.19 11.25 -1.95
C HIS A 39 -14.16 12.13 -1.18
N ARG A 40 -13.63 13.02 -0.35
CA ARG A 40 -14.45 13.92 0.44
C ARG A 40 -13.75 15.26 0.65
N MET A 41 -14.54 16.30 0.88
CA MET A 41 -13.99 17.64 1.09
C MET A 41 -13.65 17.86 2.56
N ALA A 42 -12.58 18.61 2.81
CA ALA A 42 -12.14 18.89 4.17
C ALA A 42 -13.21 19.66 4.94
N ARG A 43 -13.57 19.16 6.12
CA ARG A 43 -14.57 19.81 6.94
C ARG A 43 -13.99 21.01 7.69
N LYS A 44 -12.68 20.97 7.92
CA LYS A 44 -11.99 22.04 8.62
C LYS A 44 -11.92 23.30 7.76
N GLY A 45 -12.15 23.13 6.45
CA GLY A 45 -12.10 24.25 5.53
C GLY A 45 -10.80 24.34 4.77
N GLY A 46 -10.08 23.22 4.70
CA GLY A 46 -8.82 23.19 3.99
C GLY A 46 -8.96 22.76 2.55
N GLY A 47 -8.32 21.66 2.19
CA GLY A 47 -8.40 21.16 0.83
C GLY A 47 -9.28 19.94 0.71
N TYR A 48 -8.82 18.95 -0.05
CA TYR A 48 -9.59 17.73 -0.25
C TYR A 48 -8.93 16.55 0.46
N GLU A 49 -9.66 15.44 0.58
CA GLU A 49 -9.14 14.25 1.24
C GLU A 49 -9.66 12.99 0.56
N TYR A 50 -8.77 12.03 0.34
CA TYR A 50 -9.13 10.78 -0.30
C TYR A 50 -8.82 9.59 0.61
N LEU A 51 -9.73 8.63 0.63
CA LEU A 51 -9.57 7.44 1.47
C LEU A 51 -8.68 6.41 0.76
N LEU A 52 -7.75 5.84 1.52
CA LEU A 52 -6.84 4.83 0.98
C LEU A 52 -7.45 3.43 1.06
N LYS A 53 -7.19 2.61 0.05
CA LYS A 53 -7.71 1.26 0.00
C LYS A 53 -6.58 0.23 0.09
N TRP A 54 -6.86 -0.90 0.72
CA TRP A 54 -5.86 -1.95 0.86
C TRP A 54 -6.00 -2.98 -0.25
N GLU A 55 -4.87 -3.33 -0.87
CA GLU A 55 -4.86 -4.30 -1.96
C GLU A 55 -5.23 -5.69 -1.44
N GLY A 56 -6.32 -6.23 -1.97
CA GLY A 56 -6.77 -7.55 -1.55
C GLY A 56 -7.76 -7.50 -0.42
N TYR A 57 -7.61 -6.49 0.45
CA TYR A 57 -8.51 -6.34 1.59
C TYR A 57 -9.51 -5.23 1.34
N ASP A 58 -10.80 -5.55 1.46
CA ASP A 58 -11.86 -4.58 1.25
C ASP A 58 -12.39 -4.05 2.59
N ASP A 59 -11.90 -2.89 2.99
CA ASP A 59 -12.31 -2.28 4.25
C ASP A 59 -13.56 -1.41 4.04
N PRO A 60 -14.29 -1.16 5.13
CA PRO A 60 -15.51 -0.35 5.10
C PRO A 60 -15.23 1.12 4.84
N SER A 61 -16.24 1.96 5.02
CA SER A 61 -16.10 3.40 4.79
C SER A 61 -15.30 4.04 5.92
N ASP A 62 -15.02 3.26 6.96
CA ASP A 62 -14.26 3.75 8.11
C ASP A 62 -12.77 3.50 7.92
N ASN A 63 -12.37 3.18 6.69
CA ASN A 63 -10.97 2.91 6.38
C ASN A 63 -10.10 4.11 6.74
N THR A 64 -8.82 4.03 6.38
CA THR A 64 -7.87 5.11 6.67
C THR A 64 -8.00 6.22 5.63
N TRP A 65 -8.04 7.47 6.12
CA TRP A 65 -8.15 8.62 5.23
C TRP A 65 -6.78 9.25 4.97
N SER A 66 -6.64 9.89 3.82
CA SER A 66 -5.39 10.52 3.44
C SER A 66 -5.62 11.94 2.95
N SER A 67 -4.89 12.89 3.52
CA SER A 67 -5.01 14.30 3.13
C SER A 67 -4.67 14.49 1.66
N GLU A 68 -4.73 15.73 1.20
CA GLU A 68 -4.43 16.05 -0.18
C GLU A 68 -2.93 15.97 -0.45
N ALA A 69 -2.13 16.28 0.57
CA ALA A 69 -0.68 16.24 0.45
C ALA A 69 -0.21 14.87 -0.01
N ASP A 70 -1.03 13.85 0.24
CA ASP A 70 -0.70 12.49 -0.16
C ASP A 70 -0.71 12.34 -1.67
N CYS A 71 -1.38 13.27 -2.35
CA CYS A 71 -1.46 13.24 -3.81
C CYS A 71 -0.07 13.18 -4.43
N SER A 72 0.93 13.66 -3.70
CA SER A 72 2.30 13.66 -4.19
C SER A 72 2.85 12.24 -4.27
N GLY A 73 2.39 11.38 -3.37
CA GLY A 73 2.84 10.00 -3.35
C GLY A 73 1.83 9.06 -3.97
N CYS A 74 0.58 9.51 -4.08
CA CYS A 74 -0.48 8.69 -4.64
C CYS A 74 -1.04 9.34 -5.91
N LYS A 75 -0.19 10.08 -6.61
CA LYS A 75 -0.60 10.75 -7.84
C LYS A 75 -1.29 9.77 -8.79
N GLN A 76 -0.63 8.65 -9.05
CA GLN A 76 -1.18 7.64 -9.94
C GLN A 76 -2.60 7.25 -9.53
N LEU A 77 -2.86 7.30 -8.24
CA LEU A 77 -4.19 6.96 -7.71
C LEU A 77 -5.18 8.08 -8.00
N ILE A 78 -4.77 9.31 -7.72
CA ILE A 78 -5.63 10.47 -7.95
C ILE A 78 -6.09 10.53 -9.40
N GLU A 79 -5.17 10.28 -10.31
CA GLU A 79 -5.48 10.30 -11.74
C GLU A 79 -6.24 9.05 -12.16
N ALA A 80 -5.84 7.91 -11.62
CA ALA A 80 -6.49 6.64 -11.92
C ALA A 80 -7.99 6.71 -11.61
N TYR A 81 -8.33 7.27 -10.46
CA TYR A 81 -9.72 7.39 -10.06
C TYR A 81 -10.51 8.26 -11.04
N TRP A 82 -9.96 9.43 -11.35
CA TRP A 82 -10.60 10.35 -12.27
C TRP A 82 -10.76 9.73 -13.65
N ASN A 83 -9.79 8.89 -14.03
CA ASN A 83 -9.82 8.23 -15.33
C ASN A 83 -11.08 7.37 -15.47
N GLU A 84 -11.47 6.71 -14.38
CA GLU A 84 -12.65 5.85 -14.38
C GLU A 84 -13.91 6.67 -14.67
N HIS A 85 -13.87 7.94 -14.31
CA HIS A 85 -15.02 8.83 -14.53
C HIS A 85 -15.02 9.37 -15.95
N GLY A 86 -13.83 9.47 -16.54
CA GLY A 86 -13.71 9.97 -17.90
C GLY A 86 -13.31 11.43 -17.95
N GLY A 87 -12.56 11.86 -16.94
CA GLY A 87 -12.11 13.24 -16.89
C GLY A 87 -10.90 13.50 -17.78
N ARG A 88 -10.79 14.72 -18.29
CA ARG A 88 -9.68 15.08 -19.16
C ARG A 88 -8.54 15.70 -18.35
N PRO A 89 -7.33 15.69 -18.93
CA PRO A 89 -6.14 16.25 -18.28
C PRO A 89 -6.19 17.77 -18.21
N GLU A 90 -5.16 18.36 -17.60
CA GLU A 90 -5.09 19.81 -17.46
C GLU A 90 -3.67 20.30 -17.71
N PRO A 91 -3.25 20.31 -18.99
CA PRO A 91 -1.93 20.75 -19.39
C PRO A 91 -1.74 22.26 -19.23
N SER A 92 -0.81 22.66 -18.37
CA SER A 92 -0.54 24.07 -18.13
C SER A 92 -0.05 24.76 -19.40
#